data_5OIU
#
_entry.id   5OIU
#
_cell.length_a   220.390
_cell.length_b   107.660
_cell.length_c   137.830
_cell.angle_alpha   90.00
_cell.angle_beta   112.95
_cell.angle_gamma   90.00
#
_symmetry.space_group_name_H-M   'C 1 2 1'
#
loop_
_entity.id
_entity.type
_entity.pdbx_description
1 polymer 'Type IV pilus assembly protein PilF'
2 non-polymer "ADENOSINE-5'-TRIPHOSPHATE"
3 non-polymer 'MAGNESIUM ION'
4 non-polymer 'ZINC ION'
5 non-polymer 'CHLORIDE ION'
6 water water
#
_entity_poly.entity_id   1
_entity_poly.type   'polypeptide(L)'
_entity_poly.pdbx_seq_one_letter_code
;LELDESAAQKFVKQVIREAFLQDASDIHIEPRQNDVQVRLRIDGALRPYSTLPKGALNAVISVVKIMGGLNIAEKRLPQD
GRVRYREGAIDVDLRLSTLPTVYGEKAVMRLLKKASDIPEIEDLGFAPGVFERFKEVISKPYGIFLITGPTGSGKSFTTF
SILKRIATPDKNTQTIEDPVEYEIPGINQTQVNPQAGLTFARALRAFLRQDPDIIMVGEIRDSETAKIATEAALTGHLVI
ATLHTNDAAQAITRLDEMGVEPFNISAALIGVLSQRLVRRVCEHCKVEVKPDPETLRRLGLSEAEIQGARLYKGMGCERC
GGTGYKGRYAIHELLVVDDEIRHAIVAGKSATEIKEIARRKGMKTLREDGLYKALQGITTLEEVLARTIE
;
_entity_poly.pdbx_strand_id   A,B,C,D,E,F
#
# COMPACT_ATOMS: atom_id res chain seq x y z
N SER A 6 52.00 31.47 5.45
CA SER A 6 52.55 32.05 4.22
C SER A 6 53.71 31.20 3.70
N ALA A 7 54.35 30.44 4.60
CA ALA A 7 55.12 29.30 4.15
C ALA A 7 54.20 28.25 3.54
N ALA A 8 53.03 28.05 4.15
CA ALA A 8 51.98 27.28 3.51
C ALA A 8 51.60 27.90 2.17
N GLN A 9 51.40 29.21 2.13
CA GLN A 9 51.01 29.85 0.88
C GLN A 9 52.00 29.51 -0.23
N LYS A 10 53.29 29.42 0.12
CA LYS A 10 54.32 29.25 -0.91
C LYS A 10 54.44 27.80 -1.37
N PHE A 11 54.28 26.86 -0.45
CA PHE A 11 54.29 25.45 -0.83
C PHE A 11 53.13 25.14 -1.77
N VAL A 12 51.93 25.67 -1.45
CA VAL A 12 50.76 25.42 -2.27
C VAL A 12 50.97 25.94 -3.70
N LYS A 13 51.65 27.08 -3.84
CA LYS A 13 51.86 27.62 -5.18
C LYS A 13 52.90 26.83 -5.95
N GLN A 14 53.89 26.29 -5.26
CA GLN A 14 54.92 25.54 -5.96
C GLN A 14 54.41 24.18 -6.41
N VAL A 15 53.54 23.54 -5.62
CA VAL A 15 53.08 22.19 -5.97
C VAL A 15 52.07 22.27 -7.11
N ILE A 16 51.23 23.31 -7.13
CA ILE A 16 50.38 23.52 -8.29
C ILE A 16 51.23 23.83 -9.51
N ARG A 17 52.21 24.72 -9.33
CA ARG A 17 53.19 24.98 -10.40
C ARG A 17 53.76 23.68 -10.95
N GLU A 18 54.31 22.82 -10.08
CA GLU A 18 55.00 21.62 -10.58
C GLU A 18 54.03 20.62 -11.17
N ALA A 19 52.86 20.48 -10.55
CA ALA A 19 51.82 19.65 -11.14
C ALA A 19 51.47 20.14 -12.54
N PHE A 20 51.24 21.44 -12.68
CA PHE A 20 50.94 21.99 -14.01
C PHE A 20 52.10 21.76 -14.96
N LEU A 21 53.34 21.93 -14.47
CA LEU A 21 54.48 21.83 -15.36
C LEU A 21 54.72 20.39 -15.81
N GLN A 22 54.60 19.42 -14.91
CA GLN A 22 54.77 17.99 -15.21
C GLN A 22 53.50 17.32 -15.73
N ASP A 23 52.39 18.04 -15.89
CA ASP A 23 51.09 17.48 -16.26
C ASP A 23 50.63 16.41 -15.25
N ALA A 24 50.76 16.70 -13.97
CA ALA A 24 50.11 15.83 -13.00
C ALA A 24 48.62 16.08 -13.08
N SER A 25 47.85 15.04 -12.82
CA SER A 25 46.40 15.22 -12.84
C SER A 25 45.81 15.44 -11.46
N ASP A 26 46.48 14.97 -10.42
CA ASP A 26 45.96 15.20 -9.09
C ASP A 26 47.11 15.48 -8.14
N ILE A 27 46.84 16.34 -7.16
CA ILE A 27 47.74 16.59 -6.05
C ILE A 27 47.10 16.02 -4.79
N HIS A 28 47.85 15.21 -4.03
CA HIS A 28 47.35 14.58 -2.81
C HIS A 28 48.16 15.07 -1.62
N ILE A 29 47.50 15.70 -0.65
CA ILE A 29 48.14 16.15 0.57
C ILE A 29 47.56 15.34 1.74
N GLU A 30 48.34 14.41 2.27
CA GLU A 30 47.80 13.36 3.14
C GLU A 30 48.43 13.35 4.51
N PRO A 31 47.73 13.82 5.54
CA PRO A 31 48.28 13.74 6.90
C PRO A 31 48.44 12.30 7.34
N ARG A 32 49.67 11.95 7.73
CA ARG A 32 49.96 10.66 8.34
C ARG A 32 50.30 10.86 9.83
N GLN A 33 50.74 9.78 10.47
CA GLN A 33 50.96 9.77 11.91
C GLN A 33 51.94 10.87 12.35
N ASN A 34 53.11 10.93 11.72
CA ASN A 34 54.16 11.83 12.15
C ASN A 34 54.53 12.90 11.14
N ASP A 35 53.86 12.92 9.97
CA ASP A 35 54.21 13.86 8.91
C ASP A 35 53.08 13.90 7.89
N VAL A 36 53.19 14.83 6.96
CA VAL A 36 52.22 14.99 5.88
C VAL A 36 52.93 14.57 4.60
N GLN A 37 52.40 13.56 3.92
CA GLN A 37 52.95 13.13 2.65
C GLN A 37 52.17 13.78 1.51
N VAL A 38 52.89 14.18 0.47
CA VAL A 38 52.32 14.81 -0.70
C VAL A 38 52.71 13.98 -1.91
N ARG A 39 51.71 13.58 -2.70
CA ARG A 39 51.91 12.77 -3.88
C ARG A 39 51.26 13.44 -5.08
N LEU A 40 51.79 13.12 -6.25
CA LEU A 40 51.32 13.59 -7.53
C LEU A 40 50.92 12.38 -8.35
N ARG A 41 49.80 12.48 -9.04
CA ARG A 41 49.39 11.45 -9.99
C ARG A 41 49.85 11.92 -11.36
N ILE A 42 50.81 11.21 -11.93
CA ILE A 42 51.33 11.47 -13.25
C ILE A 42 51.19 10.20 -14.06
N ASP A 43 50.55 10.32 -15.23
CA ASP A 43 50.33 9.19 -16.11
C ASP A 43 49.47 8.11 -15.46
N GLY A 44 48.62 8.51 -14.51
CA GLY A 44 47.69 7.62 -13.86
C GLY A 44 48.21 6.92 -12.62
N ALA A 45 49.51 7.03 -12.31
CA ALA A 45 50.12 6.42 -11.14
C ALA A 45 50.68 7.51 -10.23
N LEU A 46 50.68 7.27 -8.93
CA LEU A 46 51.13 8.27 -7.97
C LEU A 46 52.62 8.15 -7.66
N ARG A 47 53.26 9.31 -7.45
CA ARG A 47 54.66 9.51 -7.15
C ARG A 47 54.82 10.30 -5.86
N PRO A 48 55.83 9.98 -5.06
CA PRO A 48 56.25 10.91 -4.00
C PRO A 48 56.62 12.27 -4.59
N TYR A 49 56.12 13.33 -3.95
CA TYR A 49 56.50 14.71 -4.27
C TYR A 49 57.29 15.34 -3.14
N SER A 50 56.77 15.35 -1.92
CA SER A 50 57.48 15.93 -0.79
C SER A 50 56.96 15.31 0.51
N THR A 51 57.32 15.95 1.62
CA THR A 51 56.93 15.50 2.96
C THR A 51 57.04 16.69 3.89
N LEU A 52 55.91 17.06 4.52
CA LEU A 52 55.85 18.24 5.38
C LEU A 52 55.78 17.84 6.86
N PRO A 53 56.38 18.64 7.74
CA PRO A 53 56.16 18.45 9.18
C PRO A 53 54.68 18.55 9.52
N LYS A 54 54.23 17.61 10.37
CA LYS A 54 52.81 17.54 10.69
C LYS A 54 52.25 18.87 11.22
N GLY A 55 53.10 19.69 11.81
CA GLY A 55 52.64 21.00 12.25
C GLY A 55 52.07 21.84 11.12
N ALA A 56 52.62 21.69 9.90
CA ALA A 56 52.24 22.60 8.82
C ALA A 56 50.85 22.34 8.27
N LEU A 57 50.20 21.26 8.70
CA LEU A 57 49.01 20.77 8.01
C LEU A 57 47.90 21.80 7.96
N ASN A 58 47.44 22.25 9.12
CA ASN A 58 46.26 23.11 9.17
C ASN A 58 46.49 24.41 8.38
N ALA A 59 47.71 24.94 8.42
CA ALA A 59 47.98 26.14 7.66
C ALA A 59 47.89 25.88 6.16
N VAL A 60 48.46 24.76 5.71
CA VAL A 60 48.36 24.37 4.30
C VAL A 60 46.91 24.11 3.91
N ILE A 61 46.15 23.43 4.78
CA ILE A 61 44.76 23.15 4.48
C ILE A 61 43.98 24.46 4.35
N SER A 62 44.26 25.41 5.23
CA SER A 62 43.52 26.67 5.20
C SER A 62 43.78 27.45 3.92
N VAL A 63 45.05 27.49 3.46
CA VAL A 63 45.37 28.14 2.18
C VAL A 63 44.50 27.54 1.09
N VAL A 64 44.37 26.22 1.12
CA VAL A 64 43.66 25.49 0.09
C VAL A 64 42.16 25.72 0.21
N LYS A 65 41.63 25.61 1.44
CA LYS A 65 40.21 25.89 1.66
C LYS A 65 39.83 27.29 1.19
N ILE A 66 40.67 28.28 1.51
CA ILE A 66 40.36 29.65 1.11
C ILE A 66 40.37 29.77 -0.41
N MET A 67 41.35 29.13 -1.08
CA MET A 67 41.41 29.18 -2.53
C MET A 67 40.11 28.68 -3.16
N GLY A 68 39.45 27.73 -2.51
CA GLY A 68 38.21 27.18 -2.99
C GLY A 68 36.96 27.59 -2.23
N GLY A 69 37.07 28.57 -1.34
CA GLY A 69 35.89 29.09 -0.67
C GLY A 69 35.18 28.06 0.17
N LEU A 70 35.94 27.22 0.87
CA LEU A 70 35.40 26.24 1.78
C LEU A 70 35.56 26.71 3.22
N ASN A 71 34.58 26.36 4.06
CA ASN A 71 34.53 26.84 5.44
C ASN A 71 35.62 26.18 6.27
N ILE A 72 36.48 26.99 6.89
CA ILE A 72 37.64 26.42 7.61
C ILE A 72 37.25 25.89 8.96
N ALA A 73 36.12 26.34 9.51
CA ALA A 73 35.65 25.80 10.78
C ALA A 73 35.34 24.32 10.67
N GLU A 74 34.61 23.93 9.62
CA GLU A 74 34.16 22.55 9.43
C GLU A 74 35.34 21.65 9.13
N LYS A 75 35.67 20.78 10.08
CA LYS A 75 36.72 19.79 9.92
C LYS A 75 36.20 18.37 10.07
N ARG A 76 34.92 18.20 10.40
CA ARG A 76 34.35 16.88 10.60
C ARG A 76 33.66 16.35 9.37
N LEU A 77 33.33 17.22 8.42
CA LEU A 77 32.56 16.86 7.24
C LEU A 77 33.36 17.13 5.98
N PRO A 78 33.18 16.33 4.93
CA PRO A 78 33.91 16.56 3.69
C PRO A 78 33.41 17.82 3.00
N GLN A 79 34.28 18.42 2.19
CA GLN A 79 33.93 19.60 1.43
C GLN A 79 34.60 19.53 0.07
N ASP A 80 33.91 20.03 -0.95
CA ASP A 80 34.57 20.21 -2.22
C ASP A 80 34.25 21.60 -2.80
N GLY A 81 35.12 22.05 -3.70
CA GLY A 81 34.93 23.31 -4.37
C GLY A 81 35.73 23.38 -5.66
N ARG A 82 35.73 24.56 -6.27
CA ARG A 82 36.56 24.77 -7.45
C ARG A 82 37.42 26.01 -7.24
N VAL A 83 38.66 25.93 -7.75
CA VAL A 83 39.65 26.99 -7.66
C VAL A 83 39.87 27.54 -9.05
N ARG A 84 40.12 28.84 -9.12
CA ARG A 84 40.44 29.53 -10.36
C ARG A 84 41.86 30.09 -10.24
N TYR A 85 42.83 29.17 -10.27
CA TYR A 85 44.23 29.50 -10.02
C TYR A 85 44.80 30.35 -11.14
N ARG A 86 45.41 31.48 -10.77
CA ARG A 86 46.12 32.34 -11.71
C ARG A 86 47.40 32.80 -11.05
N GLU A 87 48.54 32.50 -11.65
CA GLU A 87 49.82 32.83 -11.06
C GLU A 87 50.88 32.81 -12.17
N GLY A 88 51.09 33.95 -12.80
CA GLY A 88 52.00 34.00 -13.93
C GLY A 88 51.33 33.40 -15.14
N ALA A 89 52.10 32.68 -15.96
CA ALA A 89 51.52 32.05 -17.14
C ALA A 89 50.62 30.89 -16.78
N ILE A 90 50.70 30.37 -15.55
CA ILE A 90 49.90 29.22 -15.17
C ILE A 90 48.45 29.66 -15.00
N ASP A 91 47.56 29.12 -15.83
CA ASP A 91 46.13 29.39 -15.72
C ASP A 91 45.38 28.06 -15.75
N VAL A 92 44.94 27.59 -14.59
CA VAL A 92 44.34 26.26 -14.44
C VAL A 92 43.21 26.36 -13.45
N ASP A 93 42.11 25.65 -13.72
CA ASP A 93 41.07 25.40 -12.73
C ASP A 93 41.38 24.11 -11.98
N LEU A 94 41.06 24.08 -10.69
CA LEU A 94 41.27 22.92 -9.86
C LEU A 94 39.95 22.53 -9.21
N ARG A 95 39.69 21.23 -9.12
CA ARG A 95 38.59 20.73 -8.30
C ARG A 95 39.19 20.31 -6.97
N LEU A 96 38.71 20.93 -5.91
CA LEU A 96 39.30 20.84 -4.59
C LEU A 96 38.41 20.04 -3.66
N SER A 97 38.98 19.06 -2.96
CA SER A 97 38.24 18.22 -2.04
C SER A 97 39.02 18.08 -0.74
N THR A 98 38.37 18.36 0.38
CA THR A 98 38.95 18.08 1.70
C THR A 98 38.11 17.03 2.39
N LEU A 99 38.77 16.15 3.14
CA LEU A 99 38.10 15.01 3.72
C LEU A 99 38.72 14.71 5.07
N PRO A 100 37.89 14.36 6.06
CA PRO A 100 38.43 14.05 7.40
C PRO A 100 39.06 12.66 7.42
N THR A 101 40.25 12.57 7.99
CA THR A 101 40.92 11.30 8.22
C THR A 101 41.39 11.24 9.68
N VAL A 102 42.03 10.12 10.03
CA VAL A 102 42.42 9.88 11.41
C VAL A 102 43.38 10.94 11.89
N TYR A 103 44.22 11.46 11.01
CA TYR A 103 45.26 12.38 11.40
C TYR A 103 44.99 13.79 10.89
N GLY A 104 43.77 14.08 10.51
CA GLY A 104 43.41 15.40 10.01
C GLY A 104 42.81 15.33 8.62
N GLU A 105 42.60 16.50 8.04
CA GLU A 105 41.95 16.58 6.75
C GLU A 105 42.94 16.28 5.63
N LYS A 106 42.57 15.36 4.73
CA LYS A 106 43.31 15.17 3.49
C LYS A 106 42.73 16.07 2.42
N ALA A 107 43.59 16.74 1.66
CA ALA A 107 43.13 17.53 0.53
C ALA A 107 43.57 16.88 -0.77
N VAL A 108 42.69 16.96 -1.77
CA VAL A 108 42.99 16.51 -3.13
C VAL A 108 42.58 17.62 -4.08
N MET A 109 43.47 17.95 -5.00
CA MET A 109 43.29 19.00 -5.97
C MET A 109 43.47 18.38 -7.35
N ARG A 110 42.38 18.30 -8.11
CA ARG A 110 42.41 17.79 -9.47
C ARG A 110 42.58 18.93 -10.46
N LEU A 111 43.69 18.89 -11.21
CA LEU A 111 43.92 19.84 -12.30
C LEU A 111 42.96 19.56 -13.46
N LEU A 112 42.13 20.55 -13.79
CA LEU A 112 41.10 20.35 -14.80
C LEU A 112 41.60 20.78 -16.19
N LYS A 113 41.24 20.01 -17.20
CA LYS A 113 41.59 20.32 -18.58
C LYS A 113 40.66 21.40 -19.15
N LYS A 114 41.08 21.96 -20.28
CA LYS A 114 40.33 23.00 -21.00
C LYS A 114 39.90 22.53 -22.37
N ALA A 115 38.96 23.31 -22.93
CA ALA A 115 38.58 23.14 -24.33
C ALA A 115 39.81 23.18 -25.24
N SER A 116 40.79 24.03 -24.91
CA SER A 116 41.97 24.11 -25.78
C SER A 116 42.83 22.87 -25.69
N ASP A 117 42.58 21.99 -24.73
CA ASP A 117 43.35 20.76 -24.59
C ASP A 117 42.79 19.62 -25.42
N ILE A 118 41.58 19.78 -25.94
CA ILE A 118 40.88 18.69 -26.64
C ILE A 118 41.40 18.56 -28.07
N PRO A 119 41.91 17.40 -28.46
CA PRO A 119 42.50 17.25 -29.79
C PRO A 119 41.49 17.04 -30.90
N GLU A 120 41.95 17.23 -32.14
CA GLU A 120 41.14 16.78 -33.26
C GLU A 120 41.15 15.26 -33.30
N ILE A 121 40.16 14.68 -34.00
CA ILE A 121 40.04 13.21 -34.02
C ILE A 121 41.29 12.55 -34.59
N GLU A 122 41.98 13.20 -35.54
CA GLU A 122 43.18 12.63 -36.16
C GLU A 122 44.33 12.45 -35.19
N ASP A 123 44.32 13.13 -34.05
CA ASP A 123 45.34 12.99 -33.02
C ASP A 123 44.87 12.16 -31.82
N LEU A 124 43.82 11.35 -31.98
CA LEU A 124 43.31 10.54 -30.88
C LEU A 124 44.09 9.24 -30.72
N GLY A 125 44.99 8.93 -31.65
CA GLY A 125 45.74 7.69 -31.59
C GLY A 125 45.09 6.51 -32.26
N PHE A 126 44.02 6.71 -33.02
CA PHE A 126 43.44 5.60 -33.75
C PHE A 126 44.46 5.07 -34.75
N ALA A 127 44.54 3.74 -34.84
CA ALA A 127 45.31 3.08 -35.87
C ALA A 127 44.67 3.34 -37.23
N PRO A 128 45.43 3.18 -38.33
CA PRO A 128 44.94 3.65 -39.65
C PRO A 128 43.65 3.02 -40.15
N GLY A 129 43.50 1.70 -40.06
CA GLY A 129 42.26 1.10 -40.52
C GLY A 129 41.09 1.50 -39.65
N VAL A 130 41.26 1.41 -38.32
CA VAL A 130 40.21 1.75 -37.38
C VAL A 130 39.79 3.21 -37.51
N PHE A 131 40.73 4.10 -37.85
CA PHE A 131 40.38 5.52 -37.93
C PHE A 131 39.34 5.76 -39.03
N GLU A 132 39.47 5.08 -40.16
CA GLU A 132 38.53 5.32 -41.25
C GLU A 132 37.13 4.81 -40.89
N ARG A 133 37.04 3.65 -40.23
CA ARG A 133 35.73 3.14 -39.82
C ARG A 133 35.12 4.05 -38.77
N PHE A 134 35.96 4.74 -38.00
CA PHE A 134 35.49 5.63 -36.94
C PHE A 134 34.92 6.91 -37.52
N LYS A 135 35.62 7.49 -38.49
CA LYS A 135 35.10 8.66 -39.20
C LYS A 135 33.72 8.39 -39.78
N GLU A 136 33.55 7.24 -40.43
CA GLU A 136 32.26 6.92 -41.03
C GLU A 136 31.18 6.76 -39.96
N VAL A 137 31.50 6.17 -38.81
CA VAL A 137 30.47 6.00 -37.78
C VAL A 137 30.00 7.36 -37.30
N ILE A 138 30.93 8.24 -36.90
CA ILE A 138 30.55 9.50 -36.29
C ILE A 138 29.89 10.44 -37.29
N SER A 139 29.95 10.12 -38.57
CA SER A 139 29.37 10.94 -39.60
C SER A 139 27.94 10.54 -39.93
N LYS A 140 27.40 9.54 -39.25
CA LYS A 140 26.04 9.10 -39.56
C LYS A 140 25.03 10.15 -39.10
N PRO A 141 23.89 10.26 -39.80
CA PRO A 141 22.93 11.32 -39.45
C PRO A 141 22.18 11.10 -38.15
N TYR A 142 21.95 9.86 -37.74
CA TYR A 142 21.26 9.59 -36.49
C TYR A 142 21.71 8.24 -35.95
N GLY A 143 21.31 7.98 -34.71
CA GLY A 143 21.65 6.76 -34.01
C GLY A 143 22.38 7.08 -32.72
N ILE A 144 22.59 6.03 -31.91
CA ILE A 144 23.36 6.17 -30.68
C ILE A 144 24.73 5.53 -30.88
N PHE A 145 25.77 6.30 -30.55
CA PHE A 145 27.16 5.88 -30.52
C PHE A 145 27.63 5.91 -29.07
N LEU A 146 28.15 4.79 -28.57
CA LEU A 146 28.54 4.64 -27.18
C LEU A 146 30.06 4.59 -27.01
N ILE A 147 30.57 5.30 -26.03
CA ILE A 147 31.99 5.31 -25.68
C ILE A 147 32.12 4.71 -24.28
N THR A 148 32.74 3.53 -24.18
CA THR A 148 32.75 2.75 -22.95
C THR A 148 34.17 2.51 -22.47
N GLY A 149 34.35 2.64 -21.15
CA GLY A 149 35.62 2.38 -20.50
C GLY A 149 35.56 2.75 -19.04
N PRO A 150 36.47 2.20 -18.24
CA PRO A 150 36.56 2.57 -16.83
C PRO A 150 37.01 4.01 -16.65
N THR A 151 37.07 4.48 -15.40
CA THR A 151 37.39 5.88 -15.15
C THR A 151 38.77 6.23 -15.69
N GLY A 152 38.92 7.47 -16.17
CA GLY A 152 40.20 7.96 -16.67
C GLY A 152 40.75 7.21 -17.86
N SER A 153 39.89 6.75 -18.76
CA SER A 153 40.37 6.12 -19.98
C SER A 153 40.24 7.04 -21.19
N GLY A 154 39.99 8.33 -20.99
CA GLY A 154 39.93 9.28 -22.07
C GLY A 154 38.58 9.44 -22.74
N LYS A 155 37.50 8.93 -22.15
CA LYS A 155 36.23 8.91 -22.85
C LYS A 155 35.76 10.32 -23.19
N SER A 156 35.90 11.27 -22.23
CA SER A 156 35.45 12.64 -22.47
C SER A 156 36.25 13.29 -23.60
N PHE A 157 37.57 13.06 -23.65
CA PHE A 157 38.37 13.63 -24.73
C PHE A 157 37.85 13.15 -26.08
N THR A 158 37.70 11.84 -26.24
CA THR A 158 37.10 11.33 -27.46
C THR A 158 35.79 12.04 -27.75
N THR A 159 34.88 12.05 -26.75
CA THR A 159 33.55 12.60 -26.93
C THR A 159 33.60 14.01 -27.49
N PHE A 160 34.36 14.88 -26.83
CA PHE A 160 34.43 16.26 -27.28
C PHE A 160 35.29 16.42 -28.52
N SER A 161 36.23 15.52 -28.75
CA SER A 161 36.91 15.55 -30.03
C SER A 161 35.95 15.22 -31.15
N ILE A 162 35.03 14.28 -30.93
CA ILE A 162 34.02 14.01 -31.94
C ILE A 162 33.20 15.26 -32.18
N LEU A 163 32.71 15.89 -31.10
CA LEU A 163 31.86 17.07 -31.26
C LEU A 163 32.63 18.21 -31.91
N LYS A 164 33.92 18.34 -31.58
CA LYS A 164 34.76 19.34 -32.23
C LYS A 164 34.64 19.25 -33.74
N ARG A 165 34.60 18.03 -34.30
CA ARG A 165 34.52 17.83 -35.74
C ARG A 165 33.10 17.89 -36.32
N ILE A 166 32.06 17.48 -35.60
CA ILE A 166 30.74 17.34 -36.22
C ILE A 166 29.73 18.38 -35.74
N ALA A 167 30.01 19.13 -34.68
CA ALA A 167 29.05 20.11 -34.16
C ALA A 167 29.21 21.40 -34.95
N THR A 168 28.46 21.51 -36.02
CA THR A 168 28.54 22.64 -36.93
C THR A 168 27.34 23.56 -36.74
N PRO A 169 27.44 24.82 -37.19
CA PRO A 169 26.40 25.83 -36.84
C PRO A 169 25.04 25.58 -37.47
N ASP A 170 24.91 24.63 -38.39
CA ASP A 170 23.60 24.26 -38.91
C ASP A 170 22.87 23.27 -38.01
N LYS A 171 23.46 22.93 -36.86
CA LYS A 171 22.92 21.90 -35.99
C LYS A 171 22.78 22.44 -34.58
N ASN A 172 21.87 21.85 -33.85
CA ASN A 172 21.74 22.10 -32.43
C ASN A 172 22.43 20.95 -31.71
N THR A 173 23.52 21.28 -31.01
CA THR A 173 24.27 20.31 -30.23
C THR A 173 23.97 20.58 -28.77
N GLN A 174 23.47 19.58 -28.07
CA GLN A 174 23.02 19.77 -26.70
C GLN A 174 23.62 18.70 -25.81
N THR A 175 24.03 19.12 -24.63
CA THR A 175 24.87 18.34 -23.74
C THR A 175 24.23 18.27 -22.36
N ILE A 176 24.27 17.09 -21.73
CA ILE A 176 23.94 16.97 -20.31
C ILE A 176 25.15 16.37 -19.62
N GLU A 177 25.67 17.07 -18.61
CA GLU A 177 26.97 16.75 -18.03
C GLU A 177 26.92 16.85 -16.51
N ASP A 178 27.82 16.10 -15.86
CA ASP A 178 27.87 16.01 -14.40
C ASP A 178 29.31 15.98 -13.90
N PRO A 179 29.97 17.15 -13.80
CA PRO A 179 29.49 18.49 -14.16
C PRO A 179 29.90 18.81 -15.57
N VAL A 180 29.54 19.98 -16.08
CA VAL A 180 30.11 20.42 -17.34
C VAL A 180 31.61 20.60 -17.13
N GLU A 181 32.40 20.00 -18.02
CA GLU A 181 33.85 19.97 -17.82
C GLU A 181 34.52 21.14 -18.55
N TYR A 182 34.38 21.20 -19.86
CA TYR A 182 34.96 22.27 -20.65
C TYR A 182 33.87 23.18 -21.16
N GLU A 183 34.22 24.41 -21.44
CA GLU A 183 33.28 25.30 -22.10
C GLU A 183 33.67 25.29 -23.57
N ILE A 184 32.92 24.51 -24.34
CA ILE A 184 33.10 24.43 -25.78
C ILE A 184 32.20 25.48 -26.41
N PRO A 185 32.73 26.39 -27.19
CA PRO A 185 31.87 27.31 -27.93
C PRO A 185 31.17 26.57 -29.05
N GLY A 186 29.96 27.04 -29.37
CA GLY A 186 29.20 26.46 -30.47
C GLY A 186 28.34 25.27 -30.11
N ILE A 187 28.40 24.78 -28.89
CA ILE A 187 27.44 23.78 -28.45
C ILE A 187 26.77 24.29 -27.18
N ASN A 188 25.58 23.75 -26.91
CA ASN A 188 24.79 24.11 -25.74
C ASN A 188 25.04 23.10 -24.63
N GLN A 189 25.41 23.59 -23.45
CA GLN A 189 25.79 22.69 -22.35
C GLN A 189 24.90 22.90 -21.12
N THR A 190 24.41 21.79 -20.56
CA THR A 190 23.54 21.76 -19.39
C THR A 190 24.13 20.83 -18.33
N GLN A 191 24.11 21.28 -17.07
CA GLN A 191 24.74 20.57 -15.96
C GLN A 191 23.68 19.91 -15.09
N VAL A 192 23.89 18.62 -14.77
CA VAL A 192 23.03 17.94 -13.81
C VAL A 192 22.98 18.72 -12.51
N ASN A 193 21.77 18.98 -12.01
CA ASN A 193 21.59 19.78 -10.81
C ASN A 193 20.77 19.01 -9.77
N PRO A 194 21.41 18.14 -8.97
CA PRO A 194 20.62 17.22 -8.10
C PRO A 194 19.80 17.92 -7.04
N GLN A 195 20.37 18.91 -6.35
CA GLN A 195 19.61 19.85 -5.52
C GLN A 195 18.29 20.26 -6.19
N ALA A 196 18.38 20.82 -7.40
CA ALA A 196 17.22 21.32 -8.10
C ALA A 196 16.33 20.22 -8.67
N GLY A 197 16.78 18.97 -8.68
CA GLY A 197 16.00 17.91 -9.30
C GLY A 197 16.29 17.68 -10.77
N LEU A 198 17.29 18.35 -11.33
CA LEU A 198 17.63 18.17 -12.75
C LEU A 198 18.53 16.95 -12.89
N THR A 199 17.91 15.78 -12.97
CA THR A 199 18.66 14.56 -13.18
C THR A 199 18.97 14.38 -14.66
N PHE A 200 19.87 13.44 -14.95
CA PHE A 200 20.14 13.10 -16.34
C PHE A 200 18.85 12.81 -17.11
N ALA A 201 17.98 11.97 -16.54
CA ALA A 201 16.76 11.60 -17.23
C ALA A 201 15.85 12.81 -17.43
N ARG A 202 15.78 13.70 -16.44
CA ARG A 202 14.88 14.83 -16.62
C ARG A 202 15.37 15.73 -17.73
N ALA A 203 16.67 16.00 -17.76
CA ALA A 203 17.25 16.81 -18.82
C ALA A 203 17.09 16.15 -20.18
N LEU A 204 17.38 14.86 -20.26
CA LEU A 204 17.24 14.18 -21.55
C LEU A 204 15.84 14.36 -22.10
N ARG A 205 14.83 14.18 -21.26
CA ARG A 205 13.46 14.29 -21.76
C ARG A 205 13.15 15.68 -22.28
N ALA A 206 13.64 16.72 -21.59
CA ALA A 206 13.46 18.09 -22.08
C ALA A 206 14.18 18.30 -23.41
N PHE A 207 15.36 17.68 -23.57
CA PHE A 207 16.09 17.77 -24.83
C PHE A 207 15.20 17.39 -26.01
N LEU A 208 14.34 16.38 -25.83
CA LEU A 208 13.45 15.92 -26.89
C LEU A 208 12.56 17.02 -27.43
N ARG A 209 12.31 18.07 -26.64
CA ARG A 209 11.53 19.22 -27.10
C ARG A 209 12.39 20.42 -27.46
N GLN A 210 13.71 20.25 -27.53
CA GLN A 210 14.63 21.32 -27.81
C GLN A 210 15.13 21.30 -29.25
N ASP A 211 14.47 20.54 -30.11
CA ASP A 211 14.82 20.47 -31.52
C ASP A 211 16.32 20.23 -31.70
N PRO A 212 16.87 19.19 -31.08
CA PRO A 212 18.31 18.95 -31.18
C PRO A 212 18.66 18.19 -32.45
N ASP A 213 19.93 18.24 -32.80
CA ASP A 213 20.46 17.31 -33.80
C ASP A 213 21.45 16.34 -33.21
N ILE A 214 22.30 16.82 -32.31
CA ILE A 214 23.30 16.03 -31.61
C ILE A 214 23.01 16.16 -30.12
N ILE A 215 22.89 15.02 -29.44
CA ILE A 215 22.78 14.99 -28.00
C ILE A 215 23.97 14.25 -27.43
N MET A 216 24.63 14.84 -26.44
CA MET A 216 25.75 14.23 -25.74
C MET A 216 25.26 13.87 -24.34
N VAL A 217 25.19 12.58 -24.03
CA VAL A 217 24.74 12.12 -22.72
C VAL A 217 25.96 11.74 -21.90
N GLY A 218 26.29 12.55 -20.90
CA GLY A 218 27.53 12.36 -20.18
C GLY A 218 27.69 10.98 -19.55
N GLU A 219 26.60 10.43 -19.01
CA GLU A 219 26.66 9.14 -18.33
C GLU A 219 25.30 8.47 -18.45
N ILE A 220 25.30 7.23 -18.91
CA ILE A 220 24.11 6.39 -18.85
C ILE A 220 24.29 5.49 -17.64
N ARG A 221 23.62 5.81 -16.54
CA ARG A 221 23.78 4.99 -15.34
C ARG A 221 22.52 4.25 -14.93
N ASP A 222 21.34 4.66 -15.38
CA ASP A 222 20.11 4.01 -14.98
C ASP A 222 19.30 3.62 -16.21
N SER A 223 18.28 2.80 -15.95
CA SER A 223 17.42 2.28 -17.00
C SER A 223 16.62 3.39 -17.68
N GLU A 224 16.18 4.39 -16.91
CA GLU A 224 15.40 5.46 -17.50
C GLU A 224 16.21 6.22 -18.53
N THR A 225 17.43 6.60 -18.17
CA THR A 225 18.27 7.35 -19.08
C THR A 225 18.58 6.52 -20.32
N ALA A 226 18.77 5.21 -20.16
CA ALA A 226 19.06 4.39 -21.31
C ALA A 226 17.90 4.38 -22.28
N LYS A 227 16.66 4.41 -21.77
CA LYS A 227 15.53 4.32 -22.68
C LYS A 227 15.28 5.65 -23.38
N ILE A 228 15.49 6.77 -22.69
CA ILE A 228 15.32 8.06 -23.35
C ILE A 228 16.44 8.31 -24.34
N ALA A 229 17.67 7.95 -23.97
CA ALA A 229 18.76 8.00 -24.93
C ALA A 229 18.41 7.24 -26.20
N THR A 230 17.84 6.03 -26.05
CA THR A 230 17.50 5.26 -27.24
C THR A 230 16.29 5.86 -27.96
N GLU A 231 15.35 6.44 -27.21
CA GLU A 231 14.25 7.15 -27.84
C GLU A 231 14.74 8.32 -28.69
N ALA A 232 15.73 9.05 -28.19
CA ALA A 232 16.28 10.16 -28.96
C ALA A 232 16.86 9.68 -30.28
N ALA A 233 17.49 8.50 -30.29
CA ALA A 233 18.10 8.00 -31.52
C ALA A 233 17.02 7.52 -32.51
N LEU A 234 16.05 6.73 -32.03
CA LEU A 234 14.96 6.28 -32.87
C LEU A 234 14.21 7.45 -33.48
N THR A 235 14.22 8.59 -32.77
CA THR A 235 13.51 9.78 -33.21
C THR A 235 14.20 10.48 -34.37
N GLY A 236 15.51 10.24 -34.55
CA GLY A 236 16.22 10.83 -35.67
C GLY A 236 17.35 11.74 -35.26
N HIS A 237 17.83 11.58 -34.04
CA HIS A 237 18.91 12.38 -33.47
C HIS A 237 20.17 11.55 -33.32
N LEU A 238 21.32 12.20 -33.52
CA LEU A 238 22.60 11.59 -33.20
C LEU A 238 22.84 11.75 -31.70
N VAL A 239 23.11 10.63 -31.04
CA VAL A 239 23.33 10.57 -29.59
C VAL A 239 24.69 9.98 -29.33
N ILE A 240 25.52 10.70 -28.57
CA ILE A 240 26.83 10.25 -28.14
C ILE A 240 26.79 10.12 -26.62
N ALA A 241 26.98 8.90 -26.12
CA ALA A 241 26.74 8.61 -24.71
C ALA A 241 27.85 7.72 -24.16
N THR A 242 28.09 7.82 -22.86
CA THR A 242 29.16 7.09 -22.19
C THR A 242 28.59 5.98 -21.34
N LEU A 243 29.20 4.79 -21.41
CA LEU A 243 28.88 3.66 -20.54
C LEU A 243 30.16 3.12 -19.90
N HIS A 244 29.99 2.27 -18.87
CA HIS A 244 31.10 1.55 -18.24
C HIS A 244 30.91 0.05 -18.49
N THR A 245 31.68 -0.48 -19.44
CA THR A 245 31.72 -1.91 -19.73
C THR A 245 33.16 -2.26 -20.12
N ASN A 246 33.51 -3.54 -20.03
CA ASN A 246 34.90 -3.91 -20.26
C ASN A 246 35.27 -4.04 -21.74
N ASP A 247 34.31 -4.33 -22.61
CA ASP A 247 34.62 -4.31 -24.04
C ASP A 247 33.45 -3.66 -24.79
N ALA A 248 33.55 -3.66 -26.11
CA ALA A 248 32.51 -2.99 -26.89
C ALA A 248 31.24 -3.82 -26.94
N ALA A 249 31.35 -5.11 -27.23
CA ALA A 249 30.14 -5.91 -27.35
C ALA A 249 29.33 -5.88 -26.07
N GLN A 250 29.98 -5.92 -24.91
CA GLN A 250 29.22 -5.93 -23.67
C GLN A 250 28.33 -4.71 -23.51
N ALA A 251 28.64 -3.61 -24.20
CA ALA A 251 27.75 -2.46 -24.16
C ALA A 251 26.38 -2.82 -24.71
N ILE A 252 26.34 -3.75 -25.67
CA ILE A 252 25.08 -4.20 -26.26
C ILE A 252 24.26 -4.95 -25.23
N THR A 253 24.86 -5.94 -24.58
CA THR A 253 24.13 -6.70 -23.57
C THR A 253 23.80 -5.86 -22.34
N ARG A 254 24.60 -4.83 -22.05
CA ARG A 254 24.29 -3.97 -20.91
C ARG A 254 23.01 -3.17 -21.15
N LEU A 255 22.88 -2.57 -22.33
CA LEU A 255 21.65 -1.88 -22.68
C LEU A 255 20.46 -2.82 -22.55
N ASP A 256 20.60 -4.03 -23.09
CA ASP A 256 19.54 -5.02 -22.95
C ASP A 256 19.26 -5.27 -21.48
N GLU A 257 20.31 -5.47 -20.69
CA GLU A 257 20.13 -5.73 -19.26
C GLU A 257 19.57 -4.52 -18.54
N MET A 258 19.75 -3.33 -19.08
CA MET A 258 19.10 -2.18 -18.47
C MET A 258 17.66 -2.03 -18.95
N GLY A 259 17.16 -2.93 -19.78
CA GLY A 259 15.78 -2.87 -20.17
C GLY A 259 15.47 -2.18 -21.48
N VAL A 260 16.47 -1.93 -22.31
CA VAL A 260 16.24 -1.53 -23.70
C VAL A 260 16.01 -2.80 -24.51
N GLU A 261 14.80 -2.95 -25.06
CA GLU A 261 14.45 -4.15 -25.81
C GLU A 261 15.39 -4.31 -27.00
N PRO A 262 15.89 -5.51 -27.26
CA PRO A 262 16.77 -5.71 -28.43
C PRO A 262 16.26 -5.13 -29.74
N PHE A 263 14.94 -5.12 -30.01
CA PHE A 263 14.54 -4.57 -31.30
C PHE A 263 14.77 -3.07 -31.33
N ASN A 264 14.76 -2.43 -30.17
CA ASN A 264 15.11 -1.01 -30.08
C ASN A 264 16.62 -0.79 -30.23
N ILE A 265 17.43 -1.62 -29.55
CA ILE A 265 18.89 -1.54 -29.73
C ILE A 265 19.24 -1.72 -31.18
N SER A 266 18.68 -2.76 -31.81
CA SER A 266 19.00 -3.06 -33.19
C SER A 266 18.65 -1.91 -34.11
N ALA A 267 17.59 -1.16 -33.81
CA ALA A 267 17.26 -0.03 -34.66
C ALA A 267 18.06 1.22 -34.35
N ALA A 268 18.64 1.34 -33.15
CA ALA A 268 19.20 2.64 -32.79
C ALA A 268 20.73 2.68 -32.69
N LEU A 269 21.40 1.54 -32.55
CA LEU A 269 22.84 1.50 -32.27
C LEU A 269 23.63 1.54 -33.57
N ILE A 270 24.54 2.51 -33.69
CA ILE A 270 25.40 2.61 -34.86
C ILE A 270 26.80 2.07 -34.57
N GLY A 271 27.33 2.31 -33.36
CA GLY A 271 28.62 1.75 -33.03
C GLY A 271 28.92 1.85 -31.54
N VAL A 272 29.97 1.12 -31.14
CA VAL A 272 30.48 1.16 -29.77
C VAL A 272 31.98 1.31 -29.84
N LEU A 273 32.49 2.37 -29.18
CA LEU A 273 33.90 2.55 -28.94
C LEU A 273 34.26 2.15 -27.50
N SER A 274 35.13 1.17 -27.37
CA SER A 274 35.75 0.85 -26.09
C SER A 274 37.21 1.30 -26.14
N GLN A 275 37.72 1.84 -25.02
CA GLN A 275 39.06 2.41 -25.06
C GLN A 275 39.69 2.46 -23.67
N ARG A 276 41.03 2.44 -23.65
CA ARG A 276 41.86 2.56 -22.45
C ARG A 276 43.03 3.46 -22.78
N LEU A 277 43.67 3.97 -21.74
CA LEU A 277 44.93 4.69 -21.87
C LEU A 277 46.02 3.81 -21.29
N VAL A 278 47.09 3.62 -22.07
CA VAL A 278 48.26 2.86 -21.63
C VAL A 278 49.42 3.84 -21.50
N ARG A 279 50.33 3.53 -20.59
CA ARG A 279 51.46 4.42 -20.42
C ARG A 279 52.42 4.33 -21.61
N ARG A 280 53.03 5.46 -21.91
CA ARG A 280 53.85 5.63 -23.09
C ARG A 280 55.33 5.48 -22.72
N VAL A 281 56.05 4.66 -23.47
CA VAL A 281 57.42 4.38 -23.09
C VAL A 281 58.27 5.64 -23.26
N CYS A 282 59.08 5.92 -22.23
CA CYS A 282 60.01 7.04 -22.26
C CYS A 282 60.95 6.94 -23.46
N GLU A 283 61.04 8.01 -24.22
CA GLU A 283 61.92 7.99 -25.39
C GLU A 283 63.38 8.02 -24.98
N HIS A 284 63.70 8.58 -23.81
CA HIS A 284 65.10 8.78 -23.50
C HIS A 284 65.77 7.53 -22.98
N CYS A 285 65.03 6.67 -22.28
CA CYS A 285 65.62 5.45 -21.73
C CYS A 285 65.05 4.20 -22.35
N LYS A 286 64.49 4.31 -23.56
CA LYS A 286 63.88 3.17 -24.23
C LYS A 286 64.93 2.16 -24.64
N VAL A 287 64.58 0.89 -24.49
CA VAL A 287 65.47 -0.22 -24.85
C VAL A 287 64.67 -1.26 -25.63
N GLU A 288 65.30 -1.83 -26.66
CA GLU A 288 64.70 -2.94 -27.38
C GLU A 288 64.88 -4.23 -26.59
N VAL A 289 63.78 -4.99 -26.49
CA VAL A 289 63.67 -6.17 -25.64
C VAL A 289 63.43 -7.36 -26.56
N LYS A 290 63.93 -8.53 -26.17
CA LYS A 290 63.75 -9.69 -27.05
C LYS A 290 62.58 -10.50 -26.53
N PRO A 291 61.49 -10.62 -27.30
CA PRO A 291 60.31 -11.30 -26.80
C PRO A 291 60.53 -12.80 -26.69
N ASP A 292 59.80 -13.41 -25.75
CA ASP A 292 59.67 -14.86 -25.72
C ASP A 292 58.70 -15.30 -26.80
N PRO A 293 59.13 -16.06 -27.81
CA PRO A 293 58.23 -16.36 -28.94
C PRO A 293 56.96 -17.09 -28.52
N GLU A 294 57.01 -17.89 -27.45
CA GLU A 294 55.79 -18.57 -27.03
C GLU A 294 54.79 -17.59 -26.45
N THR A 295 55.27 -16.57 -25.71
CA THR A 295 54.39 -15.48 -25.32
C THR A 295 53.80 -14.80 -26.54
N LEU A 296 54.62 -14.53 -27.55
CA LEU A 296 54.04 -14.01 -28.78
C LEU A 296 53.07 -15.02 -29.40
N ARG A 297 53.44 -16.31 -29.42
CA ARG A 297 52.51 -17.24 -30.06
C ARG A 297 51.15 -17.27 -29.35
N ARG A 298 51.14 -17.26 -28.02
CA ARG A 298 49.86 -17.26 -27.30
C ARG A 298 49.03 -16.01 -27.60
N LEU A 299 49.67 -14.94 -28.07
CA LEU A 299 49.00 -13.71 -28.45
C LEU A 299 48.37 -13.79 -29.83
N GLY A 300 48.39 -14.97 -30.45
CA GLY A 300 47.77 -15.15 -31.75
C GLY A 300 48.49 -14.47 -32.90
N LEU A 301 49.81 -14.33 -32.80
CA LEU A 301 50.60 -13.81 -33.91
C LEU A 301 50.99 -14.93 -34.87
N SER A 302 51.29 -14.53 -36.10
CA SER A 302 51.72 -15.49 -37.11
C SER A 302 53.11 -16.05 -36.75
N GLU A 303 53.55 -17.02 -37.55
CA GLU A 303 54.95 -17.39 -37.47
C GLU A 303 55.83 -16.43 -38.24
N ALA A 304 55.32 -15.89 -39.35
CA ALA A 304 56.04 -14.84 -40.08
C ALA A 304 56.16 -13.60 -39.22
N GLU A 305 55.14 -13.30 -38.44
CA GLU A 305 55.11 -12.05 -37.67
C GLU A 305 55.96 -12.13 -36.42
N ILE A 306 56.15 -13.32 -35.84
CA ILE A 306 56.99 -13.44 -34.65
C ILE A 306 58.45 -13.11 -35.00
N GLN A 307 58.92 -13.56 -36.15
CA GLN A 307 60.19 -13.08 -36.66
C GLN A 307 60.02 -11.64 -37.13
N GLY A 308 60.91 -10.76 -36.66
CA GLY A 308 60.78 -9.34 -36.86
C GLY A 308 60.18 -8.62 -35.67
N ALA A 309 59.29 -9.29 -34.93
CA ALA A 309 58.65 -8.66 -33.78
C ALA A 309 59.68 -8.24 -32.75
N ARG A 310 59.68 -6.95 -32.43
CA ARG A 310 60.49 -6.39 -31.36
C ARG A 310 59.55 -5.80 -30.32
N LEU A 311 59.96 -5.87 -29.06
CA LEU A 311 59.23 -5.25 -27.96
C LEU A 311 60.15 -4.25 -27.28
N TYR A 312 59.59 -3.44 -26.39
CA TYR A 312 60.32 -2.29 -25.90
C TYR A 312 59.95 -1.99 -24.47
N LYS A 313 60.89 -1.39 -23.75
CA LYS A 313 60.66 -0.95 -22.38
C LYS A 313 61.57 0.23 -22.10
N GLY A 314 61.09 1.11 -21.22
CA GLY A 314 61.94 2.15 -20.66
C GLY A 314 62.67 1.62 -19.44
N MET A 315 64.00 1.81 -19.42
CA MET A 315 64.80 1.39 -18.26
C MET A 315 64.39 2.16 -17.03
N GLY A 316 64.06 3.44 -17.19
CA GLY A 316 63.90 4.29 -16.02
C GLY A 316 65.07 5.24 -15.88
N CYS A 317 64.78 6.52 -16.03
CA CYS A 317 65.80 7.54 -16.07
C CYS A 317 65.23 8.79 -15.42
N GLU A 318 66.04 9.85 -15.33
CA GLU A 318 65.53 11.01 -14.62
C GLU A 318 64.42 11.69 -15.39
N ARG A 319 64.41 11.57 -16.72
CA ARG A 319 63.41 12.27 -17.51
C ARG A 319 62.00 11.73 -17.25
N CYS A 320 61.88 10.45 -16.86
CA CYS A 320 60.61 9.80 -16.56
C CYS A 320 60.45 9.48 -15.09
N GLY A 321 61.25 10.10 -14.22
CA GLY A 321 61.18 9.77 -12.80
C GLY A 321 61.42 8.30 -12.50
N GLY A 322 62.27 7.65 -13.27
CA GLY A 322 62.54 6.24 -13.03
C GLY A 322 61.40 5.31 -13.31
N THR A 323 60.22 5.81 -13.71
CA THR A 323 59.07 4.97 -14.03
C THR A 323 59.23 4.19 -15.32
N GLY A 324 60.04 4.68 -16.26
CA GLY A 324 60.09 4.12 -17.61
C GLY A 324 59.00 4.60 -18.53
N TYR A 325 58.20 5.59 -18.10
CA TYR A 325 57.10 6.06 -18.93
C TYR A 325 56.99 7.57 -18.83
N LYS A 326 56.67 8.20 -19.96
CA LYS A 326 56.26 9.61 -19.98
C LYS A 326 55.09 9.78 -20.92
N GLY A 327 53.90 9.96 -20.36
CA GLY A 327 52.71 10.23 -21.15
C GLY A 327 51.87 8.98 -21.35
N ARG A 328 50.72 9.19 -21.95
CA ARG A 328 49.75 8.12 -22.11
C ARG A 328 49.32 8.05 -23.57
N TYR A 329 48.90 6.86 -23.97
CA TYR A 329 48.46 6.64 -25.33
C TYR A 329 47.15 5.88 -25.28
N ALA A 330 46.26 6.18 -26.22
CA ALA A 330 44.96 5.52 -26.22
C ALA A 330 45.03 4.28 -27.10
N ILE A 331 44.34 3.23 -26.66
CA ILE A 331 44.11 2.03 -27.46
C ILE A 331 42.60 1.85 -27.61
N HIS A 332 42.17 1.21 -28.70
CA HIS A 332 40.76 1.24 -29.07
C HIS A 332 40.23 -0.13 -29.49
N GLU A 333 38.91 -0.28 -29.35
CA GLU A 333 38.16 -1.42 -29.89
C GLU A 333 36.85 -0.83 -30.43
N LEU A 334 36.67 -0.88 -31.75
CA LEU A 334 35.55 -0.17 -32.38
C LEU A 334 34.60 -1.17 -33.05
N LEU A 335 33.37 -1.22 -32.56
CA LEU A 335 32.35 -2.13 -33.05
C LEU A 335 31.37 -1.32 -33.88
N VAL A 336 31.42 -1.48 -35.19
CA VAL A 336 30.46 -0.83 -36.07
C VAL A 336 29.28 -1.77 -36.30
N VAL A 337 28.06 -1.27 -36.14
CA VAL A 337 26.87 -2.10 -36.31
C VAL A 337 26.52 -2.17 -37.80
N ASP A 338 26.52 -3.38 -38.37
CA ASP A 338 25.98 -3.59 -39.71
C ASP A 338 24.78 -4.54 -39.63
N ASP A 339 24.33 -5.03 -40.78
CA ASP A 339 23.13 -5.85 -40.82
C ASP A 339 23.33 -7.15 -40.04
N GLU A 340 24.51 -7.77 -40.20
CA GLU A 340 24.76 -9.02 -39.49
C GLU A 340 24.76 -8.78 -37.99
N ILE A 341 25.33 -7.67 -37.54
CA ILE A 341 25.31 -7.37 -36.12
C ILE A 341 23.89 -7.08 -35.66
N ARG A 342 23.11 -6.34 -36.48
CA ARG A 342 21.73 -6.06 -36.13
C ARG A 342 20.92 -7.35 -35.99
N HIS A 343 21.20 -8.35 -36.85
CA HIS A 343 20.50 -9.62 -36.69
C HIS A 343 20.86 -10.27 -35.34
N ALA A 344 22.16 -10.40 -35.06
CA ALA A 344 22.59 -11.02 -33.81
C ALA A 344 21.98 -10.32 -32.59
N ILE A 345 21.75 -9.01 -32.69
CA ILE A 345 21.14 -8.33 -31.56
C ILE A 345 19.69 -8.79 -31.36
N VAL A 346 18.91 -8.90 -32.44
CA VAL A 346 17.51 -9.30 -32.22
C VAL A 346 17.42 -10.80 -31.95
N ALA A 347 18.32 -11.59 -32.53
CA ALA A 347 18.40 -13.02 -32.25
C ALA A 347 18.81 -13.32 -30.81
N GLY A 348 19.19 -12.32 -30.03
CA GLY A 348 19.53 -12.54 -28.64
C GLY A 348 20.90 -13.14 -28.38
N LYS A 349 21.83 -12.97 -29.31
CA LYS A 349 23.15 -13.57 -29.14
C LYS A 349 23.92 -12.87 -28.01
N SER A 350 24.81 -13.63 -27.38
CA SER A 350 25.56 -13.16 -26.23
C SER A 350 26.64 -12.16 -26.64
N ALA A 351 27.11 -11.40 -25.64
CA ALA A 351 28.27 -10.54 -25.79
C ALA A 351 29.40 -11.25 -26.53
N THR A 352 29.65 -12.51 -26.18
CA THR A 352 30.80 -13.21 -26.76
C THR A 352 30.57 -13.54 -28.23
N GLU A 353 29.42 -14.13 -28.57
CA GLU A 353 29.11 -14.41 -29.98
C GLU A 353 29.14 -13.14 -30.81
N ILE A 354 28.54 -12.06 -30.32
CA ILE A 354 28.53 -10.80 -31.07
C ILE A 354 29.95 -10.30 -31.31
N LYS A 355 30.82 -10.44 -30.29
CA LYS A 355 32.21 -10.05 -30.44
C LYS A 355 32.90 -10.84 -31.53
N GLU A 356 32.65 -12.16 -31.58
CA GLU A 356 33.27 -12.98 -32.61
C GLU A 356 32.79 -12.59 -34.01
N ILE A 357 31.50 -12.29 -34.16
CA ILE A 357 31.00 -11.80 -35.44
C ILE A 357 31.68 -10.49 -35.79
N ALA A 358 31.76 -9.59 -34.83
CA ALA A 358 32.37 -8.29 -35.09
C ALA A 358 33.81 -8.45 -35.57
N ARG A 359 34.54 -9.39 -34.97
CA ARG A 359 35.93 -9.61 -35.37
C ARG A 359 36.02 -10.13 -36.79
N ARG A 360 35.12 -11.05 -37.18
CA ARG A 360 35.12 -11.53 -38.57
C ARG A 360 34.89 -10.40 -39.54
N LYS A 361 34.06 -9.44 -39.16
CA LYS A 361 33.82 -8.31 -40.04
C LYS A 361 34.98 -7.31 -40.06
N GLY A 362 36.02 -7.55 -39.27
CA GLY A 362 37.22 -6.71 -39.29
C GLY A 362 37.57 -5.97 -38.01
N MET A 363 36.75 -6.02 -36.95
CA MET A 363 37.08 -5.33 -35.72
C MET A 363 38.34 -5.90 -35.07
N LYS A 364 39.26 -5.02 -34.66
CA LYS A 364 40.38 -5.40 -33.81
C LYS A 364 40.02 -5.15 -32.36
N THR A 365 40.38 -6.09 -31.50
CA THR A 365 40.13 -5.99 -30.06
C THR A 365 41.11 -5.02 -29.40
N LEU A 366 40.81 -4.66 -28.14
CA LEU A 366 41.73 -3.82 -27.38
C LEU A 366 43.12 -4.45 -27.33
N ARG A 367 43.19 -5.74 -27.01
CA ARG A 367 44.49 -6.40 -26.89
C ARG A 367 45.23 -6.36 -28.22
N GLU A 368 44.53 -6.60 -29.32
CA GLU A 368 45.20 -6.58 -30.61
C GLU A 368 45.66 -5.17 -30.98
N ASP A 369 44.85 -4.17 -30.70
CA ASP A 369 45.28 -2.80 -30.94
C ASP A 369 46.47 -2.45 -30.05
N GLY A 370 46.38 -2.78 -28.76
CA GLY A 370 47.51 -2.52 -27.87
C GLY A 370 48.76 -3.23 -28.30
N LEU A 371 48.63 -4.51 -28.64
CA LEU A 371 49.78 -5.28 -29.11
C LEU A 371 50.45 -4.60 -30.30
N TYR A 372 49.65 -4.20 -31.30
CA TYR A 372 50.19 -3.54 -32.49
C TYR A 372 50.95 -2.27 -32.12
N LYS A 373 50.46 -1.51 -31.13
CA LYS A 373 51.19 -0.32 -30.72
C LYS A 373 52.43 -0.68 -29.91
N ALA A 374 52.39 -1.78 -29.15
CA ALA A 374 53.59 -2.19 -28.43
C ALA A 374 54.67 -2.67 -29.37
N LEU A 375 54.29 -3.30 -30.49
CA LEU A 375 55.29 -3.70 -31.47
C LEU A 375 55.97 -2.49 -32.11
N GLN A 376 55.39 -1.30 -31.99
CA GLN A 376 56.04 -0.06 -32.42
C GLN A 376 56.82 0.64 -31.31
N GLY A 377 56.90 0.06 -30.12
CA GLY A 377 57.56 0.71 -29.00
C GLY A 377 56.82 1.88 -28.38
N ILE A 378 55.57 2.11 -28.77
CA ILE A 378 54.78 3.16 -28.13
C ILE A 378 54.54 2.84 -26.67
N THR A 379 54.28 1.57 -26.38
CA THR A 379 53.93 1.15 -25.04
C THR A 379 54.61 -0.18 -24.77
N THR A 380 54.59 -0.60 -23.51
CA THR A 380 55.06 -1.92 -23.15
C THR A 380 53.93 -2.95 -23.33
N LEU A 381 54.33 -4.19 -23.61
CA LEU A 381 53.40 -5.30 -23.58
C LEU A 381 52.71 -5.39 -22.22
N GLU A 382 53.49 -5.27 -21.15
CA GLU A 382 53.03 -5.11 -19.78
C GLU A 382 51.78 -4.25 -19.66
N GLU A 383 51.86 -3.00 -20.13
CA GLU A 383 50.73 -2.09 -20.01
C GLU A 383 49.50 -2.64 -20.74
N VAL A 384 49.71 -3.21 -21.93
CA VAL A 384 48.61 -3.80 -22.69
C VAL A 384 47.92 -4.88 -21.88
N LEU A 385 48.70 -5.82 -21.32
CA LEU A 385 48.09 -6.89 -20.55
C LEU A 385 47.35 -6.35 -19.35
N ALA A 386 47.93 -5.37 -18.65
CA ALA A 386 47.34 -4.85 -17.42
C ALA A 386 46.05 -4.07 -17.65
N ARG A 387 45.75 -3.66 -18.88
CA ARG A 387 44.54 -2.90 -19.15
C ARG A 387 43.60 -3.65 -20.09
N THR A 388 43.89 -4.91 -20.42
CA THR A 388 43.00 -5.75 -21.19
C THR A 388 42.80 -7.09 -20.46
N ILE A 389 42.02 -7.98 -21.07
CA ILE A 389 41.70 -9.28 -20.45
C ILE A 389 41.36 -10.30 -21.54
N GLU A 390 42.18 -11.35 -21.64
CA GLU A 390 42.03 -12.45 -22.60
C GLU A 390 40.64 -13.11 -22.58
N GLU B 5 -44.95 30.07 26.59
CA GLU B 5 -43.87 29.29 27.19
C GLU B 5 -44.38 28.53 28.41
N SER B 6 -45.35 29.13 29.11
CA SER B 6 -46.08 28.41 30.15
C SER B 6 -47.19 27.57 29.55
N ALA B 7 -47.83 28.07 28.50
CA ALA B 7 -48.78 27.24 27.76
C ALA B 7 -48.07 26.09 27.06
N ALA B 8 -46.86 26.34 26.55
CA ALA B 8 -46.02 25.26 26.06
C ALA B 8 -45.75 24.26 27.18
N GLN B 9 -45.11 24.72 28.25
CA GLN B 9 -44.88 23.88 29.42
C GLN B 9 -46.12 23.08 29.80
N LYS B 10 -47.28 23.77 29.85
CA LYS B 10 -48.52 23.10 30.24
C LYS B 10 -48.83 21.92 29.32
N PHE B 11 -48.44 22.03 28.04
CA PHE B 11 -48.80 20.99 27.07
C PHE B 11 -47.85 19.81 27.12
N VAL B 12 -46.55 20.07 27.18
CA VAL B 12 -45.58 19.00 27.39
C VAL B 12 -45.97 18.15 28.59
N LYS B 13 -46.38 18.79 29.69
CA LYS B 13 -46.73 18.03 30.90
C LYS B 13 -47.91 17.11 30.64
N GLN B 14 -48.92 17.62 29.95
CA GLN B 14 -50.12 16.81 29.79
C GLN B 14 -49.91 15.69 28.78
N VAL B 15 -49.11 15.91 27.73
CA VAL B 15 -48.92 14.88 26.72
C VAL B 15 -48.05 13.76 27.29
N ILE B 16 -47.04 14.11 28.07
CA ILE B 16 -46.20 13.11 28.74
C ILE B 16 -47.01 12.31 29.73
N ARG B 17 -47.83 13.00 30.55
CA ARG B 17 -48.69 12.31 31.51
C ARG B 17 -49.67 11.37 30.80
N GLU B 18 -50.27 11.83 29.70
CA GLU B 18 -51.24 10.99 28.99
C GLU B 18 -50.59 9.77 28.35
N ALA B 19 -49.44 9.97 27.69
CA ALA B 19 -48.70 8.84 27.14
C ALA B 19 -48.38 7.83 28.23
N PHE B 20 -47.90 8.30 29.39
CA PHE B 20 -47.56 7.40 30.50
C PHE B 20 -48.78 6.63 30.98
N LEU B 21 -49.93 7.32 31.11
CA LEU B 21 -51.16 6.67 31.59
C LEU B 21 -51.74 5.71 30.56
N GLN B 22 -51.59 6.03 29.28
CA GLN B 22 -52.10 5.23 28.17
C GLN B 22 -51.14 4.13 27.72
N ASP B 23 -49.93 4.08 28.29
CA ASP B 23 -48.89 3.13 27.88
C ASP B 23 -48.45 3.41 26.44
N ALA B 24 -48.32 4.69 26.11
CA ALA B 24 -47.69 5.03 24.85
C ALA B 24 -46.19 4.90 25.02
N SER B 25 -45.54 4.50 23.93
CA SER B 25 -44.10 4.38 23.92
C SER B 25 -43.43 5.64 23.36
N ASP B 26 -44.08 6.32 22.42
CA ASP B 26 -43.42 7.42 21.75
C ASP B 26 -44.39 8.58 21.58
N ILE B 27 -43.86 9.78 21.79
CA ILE B 27 -44.58 11.01 21.52
C ILE B 27 -43.92 11.66 20.31
N HIS B 28 -44.73 12.02 19.32
CA HIS B 28 -44.22 12.66 18.11
C HIS B 28 -44.81 14.06 18.04
N ILE B 29 -43.94 15.07 18.00
CA ILE B 29 -44.37 16.47 17.87
C ILE B 29 -43.85 16.94 16.52
N GLU B 30 -44.73 16.94 15.52
CA GLU B 30 -44.34 17.02 14.11
C GLU B 30 -44.86 18.30 13.48
N PRO B 31 -43.97 19.26 13.16
CA PRO B 31 -44.39 20.47 12.44
C PRO B 31 -44.77 20.17 11.00
N ARG B 32 -45.94 20.66 10.58
CA ARG B 32 -46.40 20.51 9.22
C ARG B 32 -46.62 21.89 8.58
N GLN B 33 -47.27 21.88 7.40
CA GLN B 33 -47.39 23.10 6.61
C GLN B 33 -48.08 24.23 7.39
N ASN B 34 -49.26 23.96 7.98
CA ASN B 34 -50.05 24.96 8.68
C ASN B 34 -50.22 24.72 10.17
N ASP B 35 -50.11 23.47 10.63
CA ASP B 35 -50.27 23.17 12.04
C ASP B 35 -49.11 22.34 12.55
N VAL B 36 -49.17 21.93 13.80
CA VAL B 36 -48.22 20.98 14.38
C VAL B 36 -49.04 19.76 14.78
N GLN B 37 -48.77 18.62 14.13
CA GLN B 37 -49.48 17.39 14.45
C GLN B 37 -48.75 16.68 15.59
N VAL B 38 -49.51 16.03 16.48
CA VAL B 38 -48.97 15.37 17.65
C VAL B 38 -49.56 13.97 17.70
N ARG B 39 -48.70 12.96 17.72
CA ARG B 39 -49.14 11.57 17.64
C ARG B 39 -48.52 10.75 18.75
N LEU B 40 -49.28 9.76 19.21
CA LEU B 40 -48.83 8.79 20.20
C LEU B 40 -48.72 7.42 19.55
N ARG B 41 -47.65 6.69 19.85
CA ARG B 41 -47.57 5.29 19.47
C ARG B 41 -48.07 4.44 20.63
N ILE B 42 -49.05 3.60 20.35
CA ILE B 42 -49.65 2.74 21.35
C ILE B 42 -49.79 1.37 20.73
N ASP B 43 -49.25 0.34 21.40
CA ASP B 43 -49.25 -1.01 20.85
C ASP B 43 -48.57 -1.07 19.48
N GLY B 44 -47.58 -0.19 19.25
CA GLY B 44 -46.81 -0.19 18.03
C GLY B 44 -47.34 0.69 16.90
N ALA B 45 -48.60 1.11 16.92
CA ALA B 45 -49.14 1.97 15.88
C ALA B 45 -49.35 3.37 16.41
N LEU B 46 -49.33 4.34 15.51
CA LEU B 46 -49.51 5.73 15.88
C LEU B 46 -50.97 6.14 15.80
N ARG B 47 -51.41 6.94 16.75
CA ARG B 47 -52.73 7.53 16.82
C ARG B 47 -52.59 9.04 16.80
N PRO B 48 -53.63 9.76 16.38
CA PRO B 48 -53.62 11.21 16.57
C PRO B 48 -53.87 11.55 18.04
N TYR B 49 -53.09 12.50 18.56
CA TYR B 49 -53.30 13.02 19.89
C TYR B 49 -53.99 14.38 19.83
N SER B 50 -53.29 15.37 19.28
CA SER B 50 -53.84 16.71 19.19
C SER B 50 -53.13 17.47 18.07
N THR B 51 -53.54 18.73 17.91
CA THR B 51 -53.02 19.63 16.90
C THR B 51 -52.74 20.97 17.56
N LEU B 52 -51.52 21.46 17.37
CA LEU B 52 -51.16 22.79 17.84
C LEU B 52 -51.19 23.78 16.69
N PRO B 53 -51.41 25.07 16.99
CA PRO B 53 -51.19 26.09 15.96
C PRO B 53 -49.71 26.28 15.68
N LYS B 54 -49.37 26.46 14.40
CA LYS B 54 -47.97 26.48 13.99
C LYS B 54 -47.13 27.47 14.80
N GLY B 55 -47.79 28.51 15.35
CA GLY B 55 -47.08 29.45 16.19
C GLY B 55 -46.55 28.86 17.47
N ALA B 56 -47.14 27.77 17.94
CA ALA B 56 -46.74 27.17 19.21
C ALA B 56 -45.47 26.35 19.10
N LEU B 57 -44.95 26.17 17.88
CA LEU B 57 -43.88 25.20 17.66
C LEU B 57 -42.65 25.52 18.48
N ASN B 58 -42.16 26.77 18.40
CA ASN B 58 -40.87 27.03 19.03
C ASN B 58 -40.97 26.99 20.54
N ALA B 59 -42.06 27.52 21.11
CA ALA B 59 -42.26 27.45 22.55
C ALA B 59 -42.19 26.01 23.06
N VAL B 60 -42.79 25.08 22.30
CA VAL B 60 -42.81 23.68 22.70
C VAL B 60 -41.43 23.05 22.53
N ILE B 61 -40.83 23.21 21.33
CA ILE B 61 -39.49 22.66 21.09
C ILE B 61 -38.54 23.18 22.16
N SER B 62 -38.71 24.44 22.54
CA SER B 62 -37.87 25.05 23.57
C SER B 62 -38.04 24.34 24.91
N VAL B 63 -39.30 24.21 25.37
CA VAL B 63 -39.55 23.52 26.63
C VAL B 63 -38.85 22.17 26.64
N VAL B 64 -38.93 21.46 25.51
CA VAL B 64 -38.46 20.09 25.43
C VAL B 64 -36.95 20.03 25.35
N LYS B 65 -36.33 20.97 24.63
CA LYS B 65 -34.88 21.04 24.61
C LYS B 65 -34.32 21.29 26.00
N ILE B 66 -34.90 22.25 26.73
CA ILE B 66 -34.41 22.52 28.09
C ILE B 66 -34.52 21.29 28.95
N MET B 67 -35.69 20.62 28.89
CA MET B 67 -35.91 19.39 29.65
C MET B 67 -34.84 18.36 29.39
N GLY B 68 -34.35 18.29 28.15
CA GLY B 68 -33.32 17.34 27.80
C GLY B 68 -31.92 17.84 27.95
N GLY B 69 -31.76 19.13 28.23
CA GLY B 69 -30.44 19.71 28.24
C GLY B 69 -29.86 19.84 26.85
N LEU B 70 -30.66 20.35 25.91
CA LEU B 70 -30.23 20.58 24.54
C LEU B 70 -30.19 22.08 24.26
N ASN B 71 -29.60 22.44 23.12
CA ASN B 71 -29.26 23.81 22.80
C ASN B 71 -30.39 24.46 22.02
N ILE B 72 -31.02 25.48 22.62
CA ILE B 72 -32.08 26.22 21.92
C ILE B 72 -31.55 26.82 20.63
N ALA B 73 -30.28 27.25 20.62
CA ALA B 73 -29.75 27.97 19.46
C ALA B 73 -29.55 27.04 18.27
N GLU B 74 -29.33 25.75 18.52
CA GLU B 74 -29.08 24.80 17.45
C GLU B 74 -30.41 24.32 16.88
N LYS B 75 -30.72 24.75 15.67
CA LYS B 75 -31.90 24.30 14.95
C LYS B 75 -31.55 23.71 13.59
N ARG B 76 -30.29 23.73 13.20
CA ARG B 76 -29.92 23.25 11.87
C ARG B 76 -29.47 21.80 11.88
N LEU B 77 -29.11 21.25 13.03
CA LEU B 77 -28.58 19.91 13.20
C LEU B 77 -29.47 19.10 14.14
N PRO B 78 -29.43 17.77 14.05
CA PRO B 78 -30.21 16.96 15.00
C PRO B 78 -29.60 17.00 16.38
N GLN B 79 -30.43 16.70 17.38
CA GLN B 79 -29.96 16.63 18.76
C GLN B 79 -30.72 15.54 19.51
N ASP B 80 -30.05 14.93 20.48
CA ASP B 80 -30.72 13.96 21.34
C ASP B 80 -30.18 14.07 22.76
N GLY B 81 -30.95 13.53 23.69
CA GLY B 81 -30.62 13.58 25.09
C GLY B 81 -31.64 12.80 25.90
N ARG B 82 -31.54 12.90 27.22
CA ARG B 82 -32.39 12.12 28.10
C ARG B 82 -33.09 13.03 29.11
N VAL B 83 -34.35 12.71 29.39
CA VAL B 83 -35.23 13.53 30.21
C VAL B 83 -35.64 12.72 31.44
N ARG B 84 -35.35 13.27 32.61
CA ARG B 84 -35.72 12.68 33.90
C ARG B 84 -36.96 13.41 34.42
N TYR B 85 -38.13 12.89 34.06
CA TYR B 85 -39.39 13.56 34.30
C TYR B 85 -40.01 13.09 35.62
N ARG B 86 -40.49 14.05 36.41
CA ARG B 86 -41.02 13.81 37.74
C ARG B 86 -42.17 14.78 37.95
N GLU B 87 -43.37 14.26 38.20
CA GLU B 87 -44.57 15.10 38.24
C GLU B 87 -45.74 14.40 38.90
N GLY B 88 -45.70 14.25 40.21
CA GLY B 88 -46.74 13.50 40.88
C GLY B 88 -46.37 12.05 40.97
N ALA B 89 -47.36 11.16 40.91
CA ALA B 89 -47.06 9.73 40.90
C ALA B 89 -46.28 9.30 39.67
N ILE B 90 -46.12 10.20 38.70
CA ILE B 90 -45.55 9.85 37.41
C ILE B 90 -44.04 10.03 37.49
N ASP B 91 -43.31 8.95 37.25
CA ASP B 91 -41.85 8.93 37.33
C ASP B 91 -41.35 8.14 36.13
N VAL B 92 -40.79 8.83 35.13
CA VAL B 92 -40.50 8.19 33.85
C VAL B 92 -39.31 8.90 33.21
N ASP B 93 -38.36 8.12 32.70
CA ASP B 93 -37.30 8.70 31.88
C ASP B 93 -37.75 8.75 30.43
N LEU B 94 -37.23 9.73 29.69
CA LEU B 94 -37.58 9.87 28.28
C LEU B 94 -36.33 10.11 27.43
N ARG B 95 -36.19 9.34 26.36
CA ARG B 95 -35.17 9.65 25.36
C ARG B 95 -35.76 10.69 24.43
N LEU B 96 -35.06 11.80 24.31
CA LEU B 96 -35.56 12.95 23.59
C LEU B 96 -34.66 13.21 22.39
N SER B 97 -35.28 13.39 21.22
CA SER B 97 -34.58 13.62 19.98
C SER B 97 -35.26 14.76 19.21
N THR B 98 -34.49 15.78 18.84
CA THR B 98 -34.99 16.87 18.01
C THR B 98 -34.33 16.79 16.63
N LEU B 99 -35.12 17.11 15.58
CA LEU B 99 -34.67 16.95 14.19
C LEU B 99 -35.18 18.01 13.22
N PRO B 100 -34.31 18.65 12.46
CA PRO B 100 -34.77 19.66 11.49
C PRO B 100 -35.59 19.03 10.38
N THR B 101 -36.76 19.62 10.10
CA THR B 101 -37.59 19.25 8.94
C THR B 101 -37.86 20.52 8.12
N VAL B 102 -38.58 20.37 7.02
CA VAL B 102 -38.80 21.53 6.16
C VAL B 102 -39.63 22.59 6.88
N TYR B 103 -40.48 22.20 7.83
CA TYR B 103 -41.34 23.14 8.54
C TYR B 103 -40.89 23.38 9.97
N GLY B 104 -39.62 23.19 10.26
CA GLY B 104 -39.09 23.39 11.60
C GLY B 104 -38.61 22.09 12.22
N GLU B 105 -38.27 22.18 13.51
CA GLU B 105 -37.77 21.00 14.22
C GLU B 105 -38.89 20.09 14.69
N LYS B 106 -38.71 18.80 14.49
CA LYS B 106 -39.61 17.77 14.99
C LYS B 106 -38.98 17.12 16.22
N ALA B 107 -39.79 16.90 17.24
CA ALA B 107 -39.33 16.28 18.46
C ALA B 107 -39.97 14.91 18.62
N VAL B 108 -39.21 13.98 19.21
CA VAL B 108 -39.68 12.63 19.49
C VAL B 108 -39.28 12.29 20.91
N MET B 109 -40.21 11.74 21.67
CA MET B 109 -39.98 11.46 23.09
C MET B 109 -40.33 10.00 23.33
N ARG B 110 -39.33 9.17 23.63
CA ARG B 110 -39.53 7.76 23.91
C ARG B 110 -39.58 7.52 25.42
N LEU B 111 -40.66 6.92 25.88
CA LEU B 111 -40.80 6.59 27.29
C LEU B 111 -39.97 5.34 27.58
N LEU B 112 -39.07 5.43 28.54
CA LEU B 112 -38.17 4.31 28.84
C LEU B 112 -38.77 3.43 29.94
N LYS B 113 -38.69 2.12 29.73
CA LYS B 113 -39.16 1.16 30.72
C LYS B 113 -38.12 1.01 31.83
N LYS B 114 -38.56 0.41 32.95
CA LYS B 114 -37.76 0.23 34.16
C LYS B 114 -37.61 -1.25 34.50
N ALA B 115 -36.67 -1.54 35.41
CA ALA B 115 -36.51 -2.90 35.91
C ALA B 115 -37.82 -3.43 36.47
N SER B 116 -38.57 -2.59 37.19
CA SER B 116 -39.83 -3.07 37.74
C SER B 116 -40.80 -3.48 36.65
N ASP B 117 -40.62 -2.99 35.42
CA ASP B 117 -41.51 -3.42 34.34
C ASP B 117 -41.09 -4.75 33.73
N ILE B 118 -39.98 -5.33 34.15
CA ILE B 118 -39.50 -6.53 33.49
C ILE B 118 -40.21 -7.73 34.11
N PRO B 119 -40.92 -8.54 33.32
CA PRO B 119 -41.64 -9.70 33.87
C PRO B 119 -40.72 -10.85 34.23
N GLU B 120 -41.25 -11.74 35.08
CA GLU B 120 -40.67 -13.06 35.26
C GLU B 120 -40.94 -13.92 34.03
N ILE B 121 -40.09 -14.94 33.83
CA ILE B 121 -40.20 -15.75 32.63
C ILE B 121 -41.60 -16.35 32.50
N GLU B 122 -42.22 -16.76 33.64
CA GLU B 122 -43.53 -17.40 33.61
C GLU B 122 -44.62 -16.50 33.07
N ASP B 123 -44.35 -15.20 32.95
CA ASP B 123 -45.29 -14.24 32.38
C ASP B 123 -44.80 -13.70 31.04
N LEU B 124 -43.95 -14.44 30.35
CA LEU B 124 -43.54 -13.96 29.03
C LEU B 124 -44.54 -14.32 27.94
N GLY B 125 -45.51 -15.18 28.24
CA GLY B 125 -46.48 -15.61 27.26
C GLY B 125 -46.11 -16.87 26.53
N PHE B 126 -45.20 -17.68 27.06
CA PHE B 126 -44.85 -18.93 26.39
C PHE B 126 -46.01 -19.91 26.50
N ALA B 127 -46.27 -20.63 25.41
CA ALA B 127 -47.21 -21.73 25.44
C ALA B 127 -46.68 -22.85 26.33
N PRO B 128 -47.57 -23.69 26.87
CA PRO B 128 -47.16 -24.66 27.88
C PRO B 128 -45.93 -25.51 27.56
N GLY B 129 -45.93 -26.21 26.43
CA GLY B 129 -44.80 -27.08 26.14
C GLY B 129 -43.53 -26.31 25.84
N VAL B 130 -43.65 -25.22 25.08
CA VAL B 130 -42.48 -24.43 24.74
C VAL B 130 -41.86 -23.83 25.98
N PHE B 131 -42.67 -23.48 26.99
CA PHE B 131 -42.10 -22.88 28.19
C PHE B 131 -41.16 -23.84 28.89
N GLU B 132 -41.54 -25.10 29.00
CA GLU B 132 -40.67 -26.05 29.67
C GLU B 132 -39.35 -26.19 28.93
N ARG B 133 -39.41 -26.22 27.59
CA ARG B 133 -38.18 -26.31 26.82
C ARG B 133 -37.31 -25.07 27.03
N PHE B 134 -37.96 -23.91 27.19
CA PHE B 134 -37.26 -22.65 27.41
C PHE B 134 -36.55 -22.63 28.75
N LYS B 135 -37.25 -22.99 29.82
CA LYS B 135 -36.62 -23.16 31.13
C LYS B 135 -35.37 -24.05 31.02
N GLU B 136 -35.48 -25.15 30.28
CA GLU B 136 -34.34 -26.03 30.06
C GLU B 136 -33.13 -25.26 29.55
N VAL B 137 -33.32 -24.57 28.43
CA VAL B 137 -32.19 -23.97 27.72
C VAL B 137 -31.51 -22.92 28.58
N ILE B 138 -32.28 -21.99 29.14
CA ILE B 138 -31.69 -20.87 29.86
C ILE B 138 -30.97 -21.29 31.14
N SER B 139 -31.13 -22.56 31.53
CA SER B 139 -30.52 -23.13 32.71
C SER B 139 -29.21 -23.86 32.42
N LYS B 140 -28.86 -24.06 31.16
CA LYS B 140 -27.61 -24.71 30.83
C LYS B 140 -26.41 -23.88 31.34
N PRO B 141 -25.34 -24.55 31.80
CA PRO B 141 -24.25 -23.80 32.46
C PRO B 141 -23.41 -22.93 31.55
N TYR B 142 -23.27 -23.27 30.26
CA TYR B 142 -22.52 -22.46 29.31
C TYR B 142 -23.14 -22.63 27.93
N GLY B 143 -22.69 -21.82 26.98
CA GLY B 143 -23.20 -21.84 25.64
C GLY B 143 -23.83 -20.50 25.27
N ILE B 144 -24.08 -20.34 23.97
CA ILE B 144 -24.66 -19.09 23.47
C ILE B 144 -26.12 -19.33 23.10
N PHE B 145 -27.00 -18.53 23.69
CA PHE B 145 -28.43 -18.56 23.47
C PHE B 145 -28.82 -17.26 22.80
N LEU B 146 -29.37 -17.36 21.59
CA LEU B 146 -29.63 -16.20 20.73
C LEU B 146 -31.12 -15.85 20.75
N ILE B 147 -31.41 -14.57 20.89
CA ILE B 147 -32.77 -14.07 20.84
C ILE B 147 -32.89 -13.17 19.61
N THR B 148 -33.70 -13.58 18.63
CA THR B 148 -33.71 -12.93 17.32
C THR B 148 -35.09 -12.40 16.96
N GLY B 149 -35.12 -11.23 16.34
CA GLY B 149 -36.32 -10.68 15.78
C GLY B 149 -36.16 -9.21 15.47
N PRO B 150 -37.11 -8.65 14.73
CA PRO B 150 -36.99 -7.25 14.28
C PRO B 150 -37.18 -6.27 15.44
N THR B 151 -37.03 -4.98 15.19
CA THR B 151 -37.11 -4.02 16.28
C THR B 151 -38.49 -4.05 16.94
N GLY B 152 -38.50 -3.84 18.25
CA GLY B 152 -39.76 -3.76 18.97
C GLY B 152 -40.52 -5.05 19.06
N SER B 153 -39.84 -6.17 19.17
CA SER B 153 -40.51 -7.46 19.30
C SER B 153 -40.31 -8.11 20.67
N GLY B 154 -39.84 -7.35 21.65
CA GLY B 154 -39.73 -7.82 23.02
C GLY B 154 -38.40 -8.43 23.40
N LYS B 155 -37.37 -8.35 22.54
CA LYS B 155 -36.13 -9.06 22.78
C LYS B 155 -35.52 -8.70 24.13
N SER B 156 -35.44 -7.40 24.44
CA SER B 156 -34.82 -6.97 25.68
C SER B 156 -35.63 -7.41 26.90
N PHE B 157 -36.96 -7.35 26.82
CA PHE B 157 -37.79 -7.85 27.91
C PHE B 157 -37.47 -9.32 28.19
N THR B 158 -37.56 -10.17 27.16
CA THR B 158 -37.19 -11.56 27.33
C THR B 158 -35.79 -11.67 27.92
N THR B 159 -34.84 -10.89 27.38
CA THR B 159 -33.46 -10.99 27.79
C THR B 159 -33.32 -10.72 29.28
N PHE B 160 -33.88 -9.59 29.75
CA PHE B 160 -33.73 -9.29 31.16
C PHE B 160 -34.66 -10.15 32.02
N SER B 161 -35.77 -10.62 31.47
CA SER B 161 -36.54 -11.63 32.18
C SER B 161 -35.68 -12.85 32.52
N ILE B 162 -34.95 -13.38 31.54
CA ILE B 162 -34.08 -14.51 31.80
C ILE B 162 -33.08 -14.17 32.92
N LEU B 163 -32.38 -13.04 32.79
CA LEU B 163 -31.38 -12.67 33.81
C LEU B 163 -31.99 -12.50 35.18
N LYS B 164 -33.22 -11.98 35.26
CA LYS B 164 -33.86 -11.91 36.57
C LYS B 164 -33.89 -13.27 37.24
N ARG B 165 -34.07 -14.34 36.46
CA ARG B 165 -34.17 -15.68 37.03
C ARG B 165 -32.81 -16.36 37.26
N ILE B 166 -31.82 -16.19 36.38
CA ILE B 166 -30.58 -16.95 36.47
C ILE B 166 -29.40 -16.16 37.01
N ALA B 167 -29.48 -14.83 37.09
CA ALA B 167 -28.35 -13.99 37.51
C ALA B 167 -28.33 -13.89 39.02
N THR B 168 -27.79 -14.91 39.66
CA THR B 168 -27.81 -15.05 41.12
C THR B 168 -26.51 -14.56 41.74
N PRO B 169 -26.52 -14.18 43.02
CA PRO B 169 -25.32 -13.58 43.65
C PRO B 169 -24.05 -14.46 43.64
N ASP B 170 -24.13 -15.73 43.27
CA ASP B 170 -22.93 -16.55 43.17
C ASP B 170 -22.27 -16.49 41.80
N LYS B 171 -22.87 -15.73 40.87
CA LYS B 171 -22.34 -15.57 39.53
C LYS B 171 -21.98 -14.11 39.29
N ASN B 172 -21.06 -13.88 38.37
CA ASN B 172 -20.80 -12.56 37.82
C ASN B 172 -21.58 -12.46 36.52
N THR B 173 -22.56 -11.57 36.48
CA THR B 173 -23.35 -11.31 35.27
C THR B 173 -22.92 -9.96 34.72
N GLN B 174 -22.63 -9.92 33.42
CA GLN B 174 -22.05 -8.73 32.82
C GLN B 174 -22.66 -8.52 31.44
N THR B 175 -23.03 -7.28 31.15
CA THR B 175 -23.70 -6.93 29.90
C THR B 175 -22.89 -5.86 29.17
N ILE B 176 -23.11 -5.80 27.85
CA ILE B 176 -22.66 -4.68 27.04
C ILE B 176 -23.88 -4.21 26.26
N GLU B 177 -24.20 -2.93 26.37
CA GLU B 177 -25.50 -2.43 25.93
C GLU B 177 -25.35 -1.09 25.19
N ASP B 178 -26.32 -0.79 24.33
CA ASP B 178 -26.25 0.38 23.44
C ASP B 178 -27.61 1.02 23.24
N PRO B 179 -28.07 1.82 24.21
CA PRO B 179 -27.44 2.12 25.51
C PRO B 179 -27.94 1.19 26.60
N VAL B 180 -27.45 1.37 27.82
CA VAL B 180 -28.01 0.66 28.96
C VAL B 180 -29.44 1.15 29.21
N GLU B 181 -30.38 0.20 29.30
CA GLU B 181 -31.80 0.56 29.33
C GLU B 181 -32.33 0.63 30.75
N TYR B 182 -32.28 -0.49 31.46
CA TYR B 182 -32.74 -0.59 32.82
C TYR B 182 -31.55 -0.74 33.74
N GLU B 183 -31.60 -0.12 34.89
CA GLU B 183 -30.62 -0.41 35.92
C GLU B 183 -31.13 -1.65 36.67
N ILE B 184 -30.65 -2.82 36.28
CA ILE B 184 -31.01 -4.04 37.01
C ILE B 184 -30.05 -4.23 38.17
N PRO B 185 -30.56 -4.37 39.39
CA PRO B 185 -29.68 -4.64 40.52
C PRO B 185 -29.24 -6.10 40.50
N GLY B 186 -28.00 -6.33 40.95
CA GLY B 186 -27.43 -7.66 40.96
C GLY B 186 -26.68 -8.04 39.70
N ILE B 187 -26.28 -7.07 38.90
CA ILE B 187 -25.88 -7.29 37.52
C ILE B 187 -24.99 -6.13 37.12
N ASN B 188 -23.90 -6.41 36.44
CA ASN B 188 -22.96 -5.39 36.05
C ASN B 188 -23.26 -4.93 34.62
N GLN B 189 -23.34 -3.62 34.41
CA GLN B 189 -23.77 -3.12 33.11
C GLN B 189 -22.77 -2.11 32.57
N THR B 190 -22.47 -2.25 31.28
CA THR B 190 -21.48 -1.44 30.59
C THR B 190 -22.08 -0.95 29.29
N GLN B 191 -21.92 0.36 29.02
CA GLN B 191 -22.51 1.01 27.85
C GLN B 191 -21.49 1.15 26.74
N VAL B 192 -21.92 0.85 25.51
CA VAL B 192 -21.13 1.18 24.33
C VAL B 192 -20.87 2.69 24.32
N ASN B 193 -19.60 3.09 24.13
CA ASN B 193 -19.20 4.51 24.14
C ASN B 193 -18.28 4.82 22.97
N PRO B 194 -18.84 4.96 21.75
CA PRO B 194 -17.99 5.10 20.56
C PRO B 194 -17.10 6.35 20.55
N GLN B 195 -17.59 7.47 21.09
CA GLN B 195 -16.75 8.66 21.26
C GLN B 195 -15.43 8.34 21.95
N ALA B 196 -15.37 7.23 22.67
CA ALA B 196 -14.17 6.81 23.37
C ALA B 196 -13.57 5.52 22.81
N GLY B 197 -14.19 4.91 21.82
CA GLY B 197 -13.68 3.67 21.27
C GLY B 197 -14.17 2.40 21.95
N LEU B 198 -15.00 2.50 22.98
CA LEU B 198 -15.50 1.27 23.62
C LEU B 198 -16.68 0.77 22.82
N THR B 199 -16.36 -0.02 21.80
CA THR B 199 -17.34 -0.66 20.95
C THR B 199 -17.80 -1.97 21.58
N PHE B 200 -18.75 -2.62 20.91
CA PHE B 200 -19.23 -3.92 21.36
C PHE B 200 -18.08 -4.93 21.46
N ALA B 201 -17.30 -5.06 20.39
CA ALA B 201 -16.19 -5.99 20.39
C ALA B 201 -15.17 -5.65 21.47
N ARG B 202 -14.87 -4.36 21.65
CA ARG B 202 -13.82 -3.99 22.59
C ARG B 202 -14.22 -4.41 24.01
N ALA B 203 -15.45 -4.13 24.40
CA ALA B 203 -15.96 -4.58 25.69
C ALA B 203 -15.94 -6.10 25.81
N LEU B 204 -16.44 -6.79 24.78
CA LEU B 204 -16.52 -8.24 24.82
C LEU B 204 -15.16 -8.87 25.09
N ARG B 205 -14.10 -8.34 24.45
CA ARG B 205 -12.77 -8.84 24.74
C ARG B 205 -12.40 -8.58 26.19
N ALA B 206 -12.75 -7.41 26.70
CA ALA B 206 -12.45 -7.10 28.08
C ALA B 206 -13.19 -8.03 29.04
N PHE B 207 -14.44 -8.40 28.71
CA PHE B 207 -15.24 -9.27 29.58
C PHE B 207 -14.53 -10.58 29.87
N LEU B 208 -13.84 -11.13 28.86
CA LEU B 208 -13.10 -12.38 29.02
C LEU B 208 -11.97 -12.32 30.05
N ARG B 209 -11.53 -11.13 30.46
CA ARG B 209 -10.63 -10.97 31.58
C ARG B 209 -11.36 -10.56 32.86
N GLN B 210 -12.70 -10.55 32.84
CA GLN B 210 -13.48 -10.11 33.98
C GLN B 210 -14.09 -11.27 34.74
N ASP B 211 -13.62 -12.49 34.51
CA ASP B 211 -14.08 -13.67 35.22
C ASP B 211 -15.61 -13.73 35.20
N PRO B 212 -16.22 -13.67 34.02
CA PRO B 212 -17.69 -13.72 33.97
C PRO B 212 -18.21 -15.13 34.21
N ASP B 213 -19.49 -15.19 34.59
CA ASP B 213 -20.26 -16.40 34.40
C ASP B 213 -21.31 -16.27 33.32
N ILE B 214 -22.00 -15.14 33.28
CA ILE B 214 -23.06 -14.86 32.32
C ILE B 214 -22.67 -13.59 31.59
N ILE B 215 -22.67 -13.63 30.27
CA ILE B 215 -22.47 -12.44 29.46
C ILE B 215 -23.70 -12.20 28.60
N MET B 216 -24.16 -10.95 28.58
CA MET B 216 -25.26 -10.53 27.71
C MET B 216 -24.73 -9.52 26.69
N VAL B 217 -24.77 -9.91 25.43
CA VAL B 217 -24.38 -9.04 24.33
C VAL B 217 -25.64 -8.44 23.73
N GLY B 218 -25.80 -7.13 23.91
CA GLY B 218 -27.00 -6.47 23.45
C GLY B 218 -27.24 -6.60 21.97
N GLU B 219 -26.17 -6.64 21.16
CA GLU B 219 -26.31 -6.67 19.71
C GLU B 219 -25.07 -7.29 19.12
N ILE B 220 -25.27 -8.30 18.27
CA ILE B 220 -24.20 -8.87 17.46
C ILE B 220 -24.40 -8.29 16.07
N ARG B 221 -23.73 -7.18 15.78
CA ARG B 221 -23.92 -6.58 14.47
C ARG B 221 -22.79 -6.88 13.49
N ASP B 222 -21.58 -7.17 13.98
CA ASP B 222 -20.42 -7.38 13.11
C ASP B 222 -19.75 -8.72 13.37
N SER B 223 -18.85 -9.07 12.44
CA SER B 223 -18.21 -10.38 12.47
C SER B 223 -17.30 -10.55 13.69
N GLU B 224 -16.61 -9.49 14.09
CA GLU B 224 -15.75 -9.55 15.28
C GLU B 224 -16.57 -9.94 16.51
N THR B 225 -17.66 -9.23 16.74
CA THR B 225 -18.52 -9.51 17.88
C THR B 225 -19.06 -10.94 17.85
N ALA B 226 -19.45 -11.42 16.67
CA ALA B 226 -19.95 -12.79 16.60
C ALA B 226 -18.88 -13.77 17.05
N LYS B 227 -17.62 -13.54 16.65
CA LYS B 227 -16.57 -14.50 17.01
C LYS B 227 -16.22 -14.44 18.49
N ILE B 228 -16.12 -13.24 19.08
CA ILE B 228 -15.83 -13.17 20.51
C ILE B 228 -16.99 -13.69 21.33
N ALA B 229 -18.22 -13.44 20.88
CA ALA B 229 -19.35 -14.04 21.58
C ALA B 229 -19.23 -15.55 21.59
N THR B 230 -18.81 -16.15 20.47
CA THR B 230 -18.72 -17.60 20.39
C THR B 230 -17.55 -18.12 21.20
N GLU B 231 -16.43 -17.36 21.19
CA GLU B 231 -15.31 -17.73 22.03
C GLU B 231 -15.71 -17.70 23.51
N ALA B 232 -16.57 -16.75 23.90
CA ALA B 232 -17.01 -16.72 25.28
C ALA B 232 -17.73 -18.01 25.65
N ALA B 233 -18.66 -18.45 24.79
CA ALA B 233 -19.41 -19.68 25.06
C ALA B 233 -18.48 -20.88 25.08
N LEU B 234 -17.59 -20.99 24.09
CA LEU B 234 -16.66 -22.12 24.02
C LEU B 234 -15.75 -22.13 25.24
N THR B 235 -15.49 -20.96 25.83
CA THR B 235 -14.65 -20.89 27.02
C THR B 235 -15.38 -21.43 28.24
N GLY B 236 -16.71 -21.47 28.20
CA GLY B 236 -17.47 -21.99 29.31
C GLY B 236 -18.35 -20.97 30.00
N HIS B 237 -18.59 -19.84 29.35
CA HIS B 237 -19.55 -18.88 29.85
C HIS B 237 -20.89 -19.08 29.16
N LEU B 238 -21.95 -18.67 29.84
CA LEU B 238 -23.26 -18.61 29.23
C LEU B 238 -23.39 -17.23 28.62
N VAL B 239 -23.87 -17.17 27.36
CA VAL B 239 -24.01 -15.93 26.59
C VAL B 239 -25.45 -15.78 26.11
N ILE B 240 -26.09 -14.66 26.51
CA ILE B 240 -27.36 -14.23 25.95
C ILE B 240 -27.06 -13.12 24.94
N ALA B 241 -27.39 -13.34 23.66
CA ALA B 241 -27.07 -12.35 22.64
C ALA B 241 -28.24 -12.18 21.67
N THR B 242 -28.32 -10.99 21.08
CA THR B 242 -29.44 -10.60 20.25
C THR B 242 -28.97 -10.45 18.80
N LEU B 243 -29.73 -11.03 17.87
CA LEU B 243 -29.47 -11.03 16.43
C LEU B 243 -30.75 -10.59 15.70
N HIS B 244 -30.61 -10.20 14.43
CA HIS B 244 -31.74 -9.81 13.58
C HIS B 244 -31.87 -10.84 12.47
N THR B 245 -32.77 -11.80 12.65
CA THR B 245 -33.10 -12.76 11.61
C THR B 245 -34.62 -12.94 11.60
N ASN B 246 -35.15 -13.53 10.53
CA ASN B 246 -36.60 -13.65 10.44
C ASN B 246 -37.14 -14.88 11.15
N ASP B 247 -36.33 -15.92 11.36
CA ASP B 247 -36.78 -17.08 12.09
C ASP B 247 -35.58 -17.67 12.85
N ALA B 248 -35.83 -18.78 13.56
CA ALA B 248 -34.78 -19.35 14.42
C ALA B 248 -33.64 -19.95 13.62
N ALA B 249 -33.95 -20.81 12.64
CA ALA B 249 -32.89 -21.51 11.92
C ALA B 249 -31.95 -20.53 11.22
N GLN B 250 -32.48 -19.38 10.78
CA GLN B 250 -31.65 -18.41 10.08
C GLN B 250 -30.59 -17.79 10.98
N ALA B 251 -30.77 -17.83 12.30
CA ALA B 251 -29.70 -17.38 13.18
C ALA B 251 -28.46 -18.26 12.99
N ILE B 252 -28.65 -19.56 12.77
CA ILE B 252 -27.53 -20.47 12.59
C ILE B 252 -26.77 -20.13 11.31
N THR B 253 -27.49 -19.91 10.21
CA THR B 253 -26.84 -19.53 8.95
C THR B 253 -26.21 -18.14 9.02
N ARG B 254 -26.77 -17.22 9.80
CA ARG B 254 -26.19 -15.88 9.90
C ARG B 254 -24.84 -15.91 10.63
N LEU B 255 -24.71 -16.73 11.68
CA LEU B 255 -23.41 -16.89 12.31
C LEU B 255 -22.39 -17.45 11.33
N ASP B 256 -22.77 -18.48 10.56
CA ASP B 256 -21.89 -18.94 9.50
C ASP B 256 -21.51 -17.80 8.56
N GLU B 257 -22.52 -17.08 8.04
CA GLU B 257 -22.25 -15.99 7.10
C GLU B 257 -21.39 -14.92 7.73
N MET B 258 -21.53 -14.68 9.01
CA MET B 258 -20.67 -13.69 9.63
C MET B 258 -19.28 -14.23 9.93
N GLY B 259 -18.99 -15.50 9.63
CA GLY B 259 -17.65 -16.01 9.75
C GLY B 259 -17.37 -16.90 10.94
N VAL B 260 -18.39 -17.34 11.66
CA VAL B 260 -18.20 -18.35 12.70
C VAL B 260 -18.23 -19.72 12.02
N GLU B 261 -17.14 -20.46 12.14
CA GLU B 261 -17.07 -21.76 11.49
C GLU B 261 -18.13 -22.69 12.07
N PRO B 262 -18.80 -23.49 11.24
CA PRO B 262 -19.86 -24.37 11.75
C PRO B 262 -19.44 -25.23 12.92
N PHE B 263 -18.17 -25.66 12.98
CA PHE B 263 -17.80 -26.51 14.12
C PHE B 263 -17.78 -25.70 15.41
N ASN B 264 -17.60 -24.39 15.31
CA ASN B 264 -17.67 -23.52 16.48
C ASN B 264 -19.13 -23.29 16.90
N ILE B 265 -20.00 -22.95 15.95
CA ILE B 265 -21.44 -22.89 16.19
C ILE B 265 -21.91 -24.17 16.86
N SER B 266 -21.61 -25.30 16.23
CA SER B 266 -22.06 -26.60 16.71
C SER B 266 -21.66 -26.86 18.15
N ALA B 267 -20.45 -26.41 18.54
CA ALA B 267 -19.98 -26.62 19.89
C ALA B 267 -20.51 -25.58 20.87
N ALA B 268 -20.92 -24.42 20.38
CA ALA B 268 -21.24 -23.31 21.28
C ALA B 268 -22.75 -23.04 21.41
N LEU B 269 -23.53 -23.26 20.36
CA LEU B 269 -24.91 -22.77 20.34
C LEU B 269 -25.84 -23.74 21.08
N ILE B 270 -26.57 -23.23 22.07
CA ILE B 270 -27.53 -24.06 22.78
C ILE B 270 -28.98 -23.87 22.32
N GLY B 271 -29.29 -22.73 21.71
CA GLY B 271 -30.64 -22.54 21.22
C GLY B 271 -30.93 -21.14 20.69
N VAL B 272 -31.99 -21.03 19.90
CA VAL B 272 -32.39 -19.77 19.30
C VAL B 272 -33.85 -19.55 19.61
N LEU B 273 -34.17 -18.34 20.07
CA LEU B 273 -35.54 -17.88 20.25
C LEU B 273 -35.79 -16.73 19.28
N SER B 274 -36.63 -16.99 18.29
CA SER B 274 -37.22 -15.95 17.47
C SER B 274 -38.53 -15.54 18.14
N GLN B 275 -38.85 -14.24 18.10
CA GLN B 275 -40.13 -13.80 18.66
C GLN B 275 -40.62 -12.53 18.00
N ARG B 276 -41.93 -12.31 18.12
CA ARG B 276 -42.63 -11.12 17.64
C ARG B 276 -43.63 -10.68 18.70
N LEU B 277 -44.15 -9.47 18.56
CA LEU B 277 -45.31 -9.04 19.33
C LEU B 277 -46.51 -8.87 18.40
N VAL B 278 -47.66 -9.37 18.83
CA VAL B 278 -48.92 -9.17 18.13
C VAL B 278 -49.82 -8.34 19.01
N ARG B 279 -50.67 -7.52 18.40
CA ARG B 279 -51.60 -6.75 19.21
C ARG B 279 -52.65 -7.66 19.85
N ARG B 280 -53.13 -7.23 21.01
CA ARG B 280 -54.03 -8.01 21.83
C ARG B 280 -55.44 -7.52 21.58
N VAL B 281 -56.37 -8.45 21.35
CA VAL B 281 -57.73 -8.04 21.02
C VAL B 281 -58.38 -7.41 22.25
N CYS B 282 -59.04 -6.27 22.02
CA CYS B 282 -59.76 -5.55 23.07
C CYS B 282 -60.80 -6.46 23.69
N GLU B 283 -60.75 -6.65 25.00
CA GLU B 283 -61.76 -7.52 25.60
C GLU B 283 -63.15 -6.92 25.50
N HIS B 284 -63.26 -5.61 25.33
CA HIS B 284 -64.55 -4.95 25.49
C HIS B 284 -65.39 -4.99 24.22
N CYS B 285 -64.75 -5.07 23.07
CA CYS B 285 -65.47 -5.15 21.80
C CYS B 285 -65.13 -6.45 21.07
N LYS B 286 -64.67 -7.46 21.79
CA LYS B 286 -64.35 -8.73 21.16
C LYS B 286 -65.60 -9.34 20.53
N VAL B 287 -65.43 -9.88 19.34
CA VAL B 287 -66.53 -10.52 18.63
C VAL B 287 -65.99 -11.80 18.00
N GLU B 288 -66.75 -12.88 18.10
CA GLU B 288 -66.37 -14.11 17.43
C GLU B 288 -66.60 -13.99 15.93
N VAL B 289 -65.76 -14.64 15.14
CA VAL B 289 -65.86 -14.54 13.70
C VAL B 289 -65.78 -15.95 13.12
N LYS B 290 -66.34 -16.11 11.92
CA LYS B 290 -66.22 -17.49 11.46
C LYS B 290 -65.10 -17.59 10.45
N PRO B 291 -64.17 -18.52 10.64
CA PRO B 291 -62.95 -18.52 9.83
C PRO B 291 -63.20 -19.02 8.43
N ASP B 292 -62.24 -18.72 7.55
CA ASP B 292 -62.24 -19.25 6.21
C ASP B 292 -61.51 -20.57 6.21
N PRO B 293 -62.21 -21.70 6.05
CA PRO B 293 -61.51 -23.00 6.11
C PRO B 293 -60.47 -23.16 5.02
N GLU B 294 -60.63 -22.47 3.88
CA GLU B 294 -59.55 -22.41 2.89
C GLU B 294 -58.28 -21.86 3.51
N THR B 295 -58.41 -20.77 4.28
CA THR B 295 -57.26 -20.21 5.00
C THR B 295 -56.71 -21.19 6.02
N LEU B 296 -57.56 -21.74 6.89
CA LEU B 296 -57.07 -22.61 7.94
C LEU B 296 -56.36 -23.83 7.36
N ARG B 297 -56.91 -24.40 6.29
CA ARG B 297 -56.23 -25.46 5.57
C ARG B 297 -54.84 -25.03 5.14
N ARG B 298 -54.77 -23.94 4.36
CA ARG B 298 -53.50 -23.46 3.81
C ARG B 298 -52.48 -23.17 4.90
N LEU B 299 -52.90 -22.94 6.13
CA LEU B 299 -51.98 -22.77 7.25
C LEU B 299 -51.71 -24.07 7.99
N GLY B 300 -52.14 -25.20 7.42
CA GLY B 300 -51.77 -26.49 7.96
C GLY B 300 -52.62 -26.98 9.09
N LEU B 301 -53.87 -26.56 9.16
CA LEU B 301 -54.77 -27.01 10.21
C LEU B 301 -55.40 -28.33 9.80
N SER B 302 -55.19 -29.36 10.61
CA SER B 302 -55.88 -30.63 10.39
C SER B 302 -57.39 -30.40 10.39
N GLU B 303 -58.08 -31.10 9.49
CA GLU B 303 -59.52 -30.90 9.41
C GLU B 303 -60.23 -31.29 10.70
N ALA B 304 -59.60 -32.10 11.55
CA ALA B 304 -60.12 -32.32 12.89
C ALA B 304 -60.14 -31.01 13.67
N GLU B 305 -59.03 -30.27 13.60
CA GLU B 305 -58.93 -28.99 14.29
C GLU B 305 -59.79 -27.91 13.64
N ILE B 306 -59.87 -27.91 12.30
CA ILE B 306 -60.60 -26.88 11.58
C ILE B 306 -62.09 -26.91 11.89
N GLN B 307 -62.58 -28.02 12.43
CA GLN B 307 -64.01 -28.19 12.70
C GLN B 307 -64.42 -27.42 13.95
N GLY B 308 -63.55 -27.37 14.95
CA GLY B 308 -63.80 -26.64 16.17
C GLY B 308 -63.17 -25.25 16.20
N ALA B 309 -62.65 -24.77 15.10
CA ALA B 309 -61.87 -23.55 15.06
C ALA B 309 -62.76 -22.32 15.17
N ARG B 310 -62.48 -21.48 16.16
CA ARG B 310 -63.10 -20.16 16.27
C ARG B 310 -62.01 -19.09 16.21
N LEU B 311 -62.31 -17.96 15.58
CA LEU B 311 -61.39 -16.82 15.49
C LEU B 311 -62.11 -15.60 16.03
N TYR B 312 -61.37 -14.51 16.23
CA TYR B 312 -61.93 -13.38 16.97
C TYR B 312 -61.35 -12.07 16.46
N LYS B 313 -62.14 -11.00 16.57
CA LYS B 313 -61.64 -9.66 16.29
C LYS B 313 -62.28 -8.67 17.24
N GLY B 314 -61.59 -7.57 17.46
CA GLY B 314 -62.19 -6.43 18.14
C GLY B 314 -62.94 -5.56 17.13
N MET B 315 -64.21 -5.28 17.43
CA MET B 315 -65.00 -4.40 16.58
C MET B 315 -64.41 -3.01 16.57
N GLY B 316 -63.82 -2.60 17.68
CA GLY B 316 -63.33 -1.25 17.79
C GLY B 316 -64.31 -0.42 18.58
N CYS B 317 -63.86 0.05 19.74
CA CYS B 317 -64.76 0.76 20.64
C CYS B 317 -63.97 1.89 21.27
N GLU B 318 -64.61 2.59 22.21
CA GLU B 318 -63.94 3.71 22.83
C GLU B 318 -62.78 3.25 23.69
N ARG B 319 -62.87 2.04 24.25
CA ARG B 319 -61.86 1.57 25.19
C ARG B 319 -60.54 1.24 24.50
N CYS B 320 -60.56 0.95 23.20
CA CYS B 320 -59.36 0.62 22.45
C CYS B 320 -59.09 1.63 21.34
N GLY B 321 -59.67 2.83 21.44
CA GLY B 321 -59.49 3.85 20.41
C GLY B 321 -59.94 3.42 19.03
N GLY B 322 -61.04 2.68 18.93
CA GLY B 322 -61.49 2.16 17.65
C GLY B 322 -60.51 1.28 16.90
N THR B 323 -59.40 0.89 17.55
CA THR B 323 -58.43 0.03 16.89
C THR B 323 -58.81 -1.44 16.92
N GLY B 324 -59.64 -1.86 17.85
CA GLY B 324 -59.89 -3.27 18.06
C GLY B 324 -58.83 -3.98 18.89
N TYR B 325 -57.88 -3.25 19.48
CA TYR B 325 -56.75 -3.87 20.18
C TYR B 325 -56.37 -3.06 21.40
N LYS B 326 -55.95 -3.75 22.46
CA LYS B 326 -55.46 -3.08 23.66
C LYS B 326 -54.35 -3.94 24.25
N GLY B 327 -53.12 -3.42 24.21
CA GLY B 327 -51.99 -4.20 24.65
C GLY B 327 -51.40 -5.07 23.55
N ARG B 328 -50.31 -5.73 23.91
CA ARG B 328 -49.62 -6.62 23.00
C ARG B 328 -49.37 -7.96 23.70
N TYR B 329 -49.06 -8.96 22.89
CA TYR B 329 -48.77 -10.32 23.32
C TYR B 329 -47.61 -10.86 22.50
N ALA B 330 -46.85 -11.78 23.09
CA ALA B 330 -45.69 -12.31 22.39
C ALA B 330 -46.00 -13.67 21.79
N ILE B 331 -45.34 -13.95 20.68
CA ILE B 331 -45.37 -15.25 20.04
C ILE B 331 -43.93 -15.67 19.82
N HIS B 332 -43.66 -16.97 19.95
CA HIS B 332 -42.29 -17.46 19.99
C HIS B 332 -42.08 -18.62 19.03
N GLU B 333 -40.81 -18.83 18.68
CA GLU B 333 -40.36 -20.02 17.99
C GLU B 333 -39.03 -20.35 18.63
N LEU B 334 -38.99 -21.42 19.43
CA LEU B 334 -37.79 -21.78 20.18
C LEU B 334 -37.12 -22.99 19.53
N LEU B 335 -35.88 -22.81 19.11
CA LEU B 335 -35.10 -23.90 18.49
C LEU B 335 -34.05 -24.31 19.51
N VAL B 336 -34.17 -25.51 20.04
CA VAL B 336 -33.21 -26.03 21.01
C VAL B 336 -32.22 -26.94 20.29
N VAL B 337 -30.92 -26.67 20.47
CA VAL B 337 -29.89 -27.44 19.78
C VAL B 337 -29.69 -28.77 20.53
N ASP B 338 -29.81 -29.87 19.79
CA ASP B 338 -29.55 -31.22 20.27
C ASP B 338 -28.50 -31.87 19.35
N ASP B 339 -28.29 -33.17 19.51
CA ASP B 339 -27.24 -33.82 18.73
C ASP B 339 -27.58 -33.85 17.24
N GLU B 340 -28.84 -34.14 16.90
CA GLU B 340 -29.21 -34.18 15.50
C GLU B 340 -29.02 -32.82 14.84
N ILE B 341 -29.34 -31.74 15.55
CA ILE B 341 -29.15 -30.41 14.98
C ILE B 341 -27.66 -30.07 14.89
N ARG B 342 -26.90 -30.40 15.95
CA ARG B 342 -25.45 -30.23 15.91
C ARG B 342 -24.86 -30.92 14.68
N HIS B 343 -25.37 -32.11 14.32
CA HIS B 343 -24.84 -32.75 13.13
C HIS B 343 -25.22 -31.99 11.88
N ALA B 344 -26.47 -31.52 11.81
CA ALA B 344 -26.93 -30.78 10.64
C ALA B 344 -26.07 -29.55 10.40
N ILE B 345 -25.63 -28.90 11.47
CA ILE B 345 -24.82 -27.69 11.31
C ILE B 345 -23.48 -28.03 10.68
N VAL B 346 -22.76 -29.03 11.24
CA VAL B 346 -21.45 -29.39 10.69
C VAL B 346 -21.59 -30.06 9.33
N ALA B 347 -22.72 -30.69 9.05
CA ALA B 347 -22.89 -31.19 7.70
C ALA B 347 -23.26 -30.09 6.73
N GLY B 348 -23.35 -28.84 7.18
CA GLY B 348 -23.61 -27.71 6.30
C GLY B 348 -25.03 -27.59 5.77
N LYS B 349 -26.03 -28.10 6.48
CA LYS B 349 -27.39 -28.02 5.97
C LYS B 349 -27.93 -26.59 6.08
N SER B 350 -28.87 -26.30 5.18
CA SER B 350 -29.42 -24.96 5.03
C SER B 350 -30.38 -24.64 6.17
N ALA B 351 -30.76 -23.36 6.26
CA ALA B 351 -31.75 -22.93 7.24
C ALA B 351 -33.04 -23.71 7.08
N THR B 352 -33.48 -23.91 5.83
CA THR B 352 -34.71 -24.66 5.59
C THR B 352 -34.58 -26.11 6.05
N GLU B 353 -33.44 -26.75 5.78
CA GLU B 353 -33.25 -28.13 6.21
C GLU B 353 -33.18 -28.23 7.73
N ILE B 354 -32.53 -27.25 8.38
CA ILE B 354 -32.41 -27.27 9.84
C ILE B 354 -33.77 -27.10 10.49
N LYS B 355 -34.61 -26.22 9.93
CA LYS B 355 -35.94 -26.01 10.47
C LYS B 355 -36.78 -27.28 10.39
N GLU B 356 -36.69 -28.00 9.27
CA GLU B 356 -37.50 -29.20 9.12
C GLU B 356 -37.11 -30.26 10.14
N ILE B 357 -35.82 -30.35 10.47
CA ILE B 357 -35.39 -31.22 11.56
C ILE B 357 -35.95 -30.72 12.89
N ALA B 358 -35.82 -29.41 13.14
CA ALA B 358 -36.31 -28.86 14.41
C ALA B 358 -37.80 -29.12 14.57
N ARG B 359 -38.57 -28.88 13.50
CA ARG B 359 -40.02 -29.08 13.58
C ARG B 359 -40.36 -30.52 13.88
N ARG B 360 -39.85 -31.46 13.07
CA ARG B 360 -40.01 -32.88 13.38
C ARG B 360 -39.62 -33.19 14.82
N LYS B 361 -38.60 -32.53 15.35
CA LYS B 361 -38.27 -32.70 16.76
C LYS B 361 -39.27 -32.02 17.70
N GLY B 362 -40.28 -31.30 17.19
CA GLY B 362 -41.33 -30.77 18.04
C GLY B 362 -41.41 -29.25 18.13
N MET B 363 -40.49 -28.50 17.52
CA MET B 363 -40.54 -27.04 17.56
C MET B 363 -41.75 -26.54 16.78
N LYS B 364 -42.58 -25.71 17.43
CA LYS B 364 -43.64 -25.01 16.71
C LYS B 364 -43.09 -23.72 16.10
N THR B 365 -43.52 -23.41 14.88
CA THR B 365 -43.06 -22.20 14.23
C THR B 365 -43.75 -20.96 14.80
N LEU B 366 -43.24 -19.79 14.41
CA LEU B 366 -43.89 -18.53 14.78
C LEU B 366 -45.36 -18.55 14.39
N ARG B 367 -45.66 -18.90 13.12
CA ARG B 367 -47.05 -18.93 12.68
C ARG B 367 -47.86 -19.93 13.49
N GLU B 368 -47.30 -21.12 13.73
CA GLU B 368 -48.04 -22.09 14.51
C GLU B 368 -48.35 -21.58 15.91
N ASP B 369 -47.37 -20.94 16.56
CA ASP B 369 -47.60 -20.38 17.90
C ASP B 369 -48.64 -19.28 17.87
N GLY B 370 -48.58 -18.38 16.88
CA GLY B 370 -49.57 -17.31 16.80
C GLY B 370 -50.95 -17.85 16.47
N LEU B 371 -51.02 -18.80 15.54
CA LEU B 371 -52.29 -19.41 15.22
C LEU B 371 -52.95 -19.96 16.47
N TYR B 372 -52.18 -20.65 17.30
CA TYR B 372 -52.74 -21.24 18.52
C TYR B 372 -53.22 -20.18 19.48
N LYS B 373 -52.56 -19.02 19.50
CA LYS B 373 -53.07 -17.95 20.37
C LYS B 373 -54.26 -17.23 19.74
N ALA B 374 -54.29 -17.09 18.42
CA ALA B 374 -55.47 -16.53 17.77
C ALA B 374 -56.67 -17.44 17.95
N LEU B 375 -56.46 -18.76 17.96
CA LEU B 375 -57.55 -19.69 18.20
C LEU B 375 -58.16 -19.52 19.58
N GLN B 376 -57.43 -18.92 20.52
CA GLN B 376 -57.96 -18.56 21.83
C GLN B 376 -58.52 -17.13 21.89
N GLY B 377 -58.46 -16.36 20.80
CA GLY B 377 -58.91 -14.98 20.83
C GLY B 377 -57.97 -14.00 21.49
N ILE B 378 -56.72 -14.38 21.73
CA ILE B 378 -55.75 -13.45 22.28
C ILE B 378 -55.42 -12.39 21.24
N THR B 379 -55.22 -12.83 20.01
CA THR B 379 -54.94 -11.93 18.91
C THR B 379 -55.83 -12.31 17.73
N THR B 380 -55.81 -11.47 16.70
CA THR B 380 -56.46 -11.83 15.44
C THR B 380 -55.52 -12.66 14.58
N LEU B 381 -56.12 -13.41 13.66
CA LEU B 381 -55.34 -14.10 12.63
C LEU B 381 -54.61 -13.10 11.75
N GLU B 382 -55.25 -11.97 11.47
CA GLU B 382 -54.63 -10.97 10.61
C GLU B 382 -53.33 -10.47 11.22
N GLU B 383 -53.35 -10.19 12.51
CA GLU B 383 -52.16 -9.69 13.18
C GLU B 383 -51.04 -10.72 13.12
N VAL B 384 -51.38 -12.01 13.26
CA VAL B 384 -50.37 -13.07 13.18
C VAL B 384 -49.74 -13.12 11.80
N LEU B 385 -50.55 -13.00 10.73
CA LEU B 385 -50.01 -13.08 9.38
C LEU B 385 -49.20 -11.85 9.00
N ALA B 386 -49.49 -10.70 9.61
CA ALA B 386 -48.74 -9.48 9.33
C ALA B 386 -47.34 -9.47 9.95
N ARG B 387 -47.11 -10.25 11.01
CA ARG B 387 -45.80 -10.31 11.64
C ARG B 387 -45.00 -11.56 11.27
N THR B 388 -45.50 -12.37 10.33
CA THR B 388 -44.85 -13.62 9.95
C THR B 388 -44.76 -13.72 8.43
N ILE B 389 -44.24 -12.68 7.80
CA ILE B 389 -44.00 -12.71 6.36
C ILE B 389 -42.55 -13.09 6.02
N GLU C 5 -6.42 6.79 50.32
CA GLU C 5 -5.25 6.52 49.48
C GLU C 5 -4.28 5.60 50.24
N SER C 6 -4.13 5.82 51.55
CA SER C 6 -3.59 4.80 52.41
C SER C 6 -4.69 3.99 53.06
N ALA C 7 -5.84 4.60 53.31
CA ALA C 7 -7.03 3.81 53.61
C ALA C 7 -7.32 2.83 52.47
N ALA C 8 -7.21 3.30 51.23
CA ALA C 8 -7.45 2.41 50.11
C ALA C 8 -6.32 1.39 49.97
N GLN C 9 -5.07 1.83 50.12
CA GLN C 9 -3.94 0.92 49.96
C GLN C 9 -3.97 -0.20 50.97
N LYS C 10 -4.39 0.10 52.20
CA LYS C 10 -4.47 -0.91 53.24
C LYS C 10 -5.61 -1.88 52.94
N PHE C 11 -6.67 -1.41 52.28
CA PHE C 11 -7.76 -2.30 51.92
C PHE C 11 -7.33 -3.28 50.84
N VAL C 12 -6.73 -2.79 49.76
CA VAL C 12 -6.30 -3.67 48.69
C VAL C 12 -5.41 -4.77 49.28
N LYS C 13 -4.42 -4.36 50.07
CA LYS C 13 -3.48 -5.35 50.62
C LYS C 13 -4.19 -6.35 51.52
N GLN C 14 -5.33 -5.98 52.10
CA GLN C 14 -6.05 -6.92 52.94
C GLN C 14 -6.85 -7.92 52.10
N VAL C 15 -7.52 -7.46 51.04
CA VAL C 15 -8.33 -8.40 50.28
C VAL C 15 -7.41 -9.36 49.54
N ILE C 16 -6.24 -8.87 49.11
CA ILE C 16 -5.28 -9.77 48.48
C ILE C 16 -4.73 -10.76 49.50
N ARG C 17 -4.38 -10.30 50.67
CA ARG C 17 -3.96 -11.20 51.70
C ARG C 17 -5.03 -12.23 51.94
N GLU C 18 -6.26 -11.82 52.09
CA GLU C 18 -7.35 -12.75 52.40
C GLU C 18 -7.61 -13.72 51.23
N ALA C 19 -7.70 -13.20 50.00
CA ALA C 19 -7.85 -14.08 48.84
C ALA C 19 -6.76 -15.15 48.80
N PHE C 20 -5.49 -14.73 48.97
CA PHE C 20 -4.39 -15.69 48.95
C PHE C 20 -4.56 -16.79 50.00
N LEU C 21 -4.80 -16.40 51.25
CA LEU C 21 -5.03 -17.41 52.29
C LEU C 21 -6.31 -18.21 52.04
N GLN C 22 -7.35 -17.58 51.50
CA GLN C 22 -8.58 -18.31 51.20
C GLN C 22 -8.38 -19.39 50.14
N ASP C 23 -7.29 -19.30 49.36
CA ASP C 23 -7.16 -20.00 48.08
C ASP C 23 -8.24 -19.55 47.08
N ALA C 24 -8.71 -18.31 47.19
CA ALA C 24 -9.65 -17.77 46.22
C ALA C 24 -9.01 -17.58 44.86
N SER C 25 -9.81 -17.78 43.82
CA SER C 25 -9.30 -17.69 42.46
C SER C 25 -9.42 -16.30 41.86
N ASP C 26 -10.39 -15.48 42.28
CA ASP C 26 -10.57 -14.16 41.69
C ASP C 26 -11.12 -13.19 42.74
N ILE C 27 -10.81 -11.91 42.54
CA ILE C 27 -11.30 -10.81 43.40
C ILE C 27 -12.06 -9.83 42.52
N HIS C 28 -13.33 -9.59 42.86
CA HIS C 28 -14.19 -8.66 42.12
C HIS C 28 -14.50 -7.44 42.98
N ILE C 29 -14.21 -6.25 42.45
CA ILE C 29 -14.49 -4.97 43.11
C ILE C 29 -15.53 -4.25 42.25
N GLU C 30 -16.81 -4.38 42.61
CA GLU C 30 -17.92 -3.91 41.79
C GLU C 30 -18.54 -2.65 42.38
N PRO C 31 -18.48 -1.51 41.69
CA PRO C 31 -19.36 -0.40 42.06
C PRO C 31 -20.81 -0.75 41.78
N ARG C 32 -21.68 -0.49 42.73
CA ARG C 32 -23.13 -0.67 42.60
C ARG C 32 -23.82 0.69 42.75
N GLN C 33 -25.14 0.69 42.89
CA GLN C 33 -25.87 1.96 42.92
C GLN C 33 -25.54 2.77 44.17
N ASN C 34 -25.53 2.11 45.33
CA ASN C 34 -25.33 2.80 46.60
C ASN C 34 -24.09 2.37 47.38
N ASP C 35 -23.33 1.39 46.89
CA ASP C 35 -22.10 0.96 47.55
C ASP C 35 -21.17 0.32 46.52
N VAL C 36 -19.98 -0.06 46.98
CA VAL C 36 -19.10 -0.93 46.23
C VAL C 36 -19.03 -2.25 46.97
N GLN C 37 -19.35 -3.33 46.27
CA GLN C 37 -19.27 -4.66 46.85
C GLN C 37 -17.99 -5.34 46.39
N VAL C 38 -17.34 -6.03 47.31
CA VAL C 38 -16.16 -6.84 47.04
C VAL C 38 -16.57 -8.29 47.16
N ARG C 39 -16.30 -9.08 46.11
CA ARG C 39 -16.61 -10.50 46.12
C ARG C 39 -15.33 -11.29 45.84
N LEU C 40 -15.27 -12.50 46.40
CA LEU C 40 -14.20 -13.45 46.14
C LEU C 40 -14.80 -14.69 45.49
N ARG C 41 -14.18 -15.20 44.43
CA ARG C 41 -14.53 -16.54 43.96
C ARG C 41 -13.76 -17.61 44.75
N ILE C 42 -14.50 -18.41 45.51
CA ILE C 42 -13.98 -19.56 46.26
C ILE C 42 -14.67 -20.82 45.76
N ASP C 43 -13.88 -21.81 45.34
CA ASP C 43 -14.40 -23.08 44.84
C ASP C 43 -15.46 -22.89 43.75
N GLY C 44 -15.23 -21.95 42.85
CA GLY C 44 -16.16 -21.76 41.76
C GLY C 44 -17.23 -20.72 42.01
N ALA C 45 -17.61 -20.46 43.27
CA ALA C 45 -18.73 -19.59 43.56
C ALA C 45 -18.26 -18.26 44.11
N LEU C 46 -18.91 -17.18 43.65
CA LEU C 46 -18.63 -15.86 44.18
C LEU C 46 -19.35 -15.69 45.51
N ARG C 47 -18.60 -15.24 46.52
CA ARG C 47 -19.17 -15.00 47.84
C ARG C 47 -18.92 -13.57 48.25
N PRO C 48 -19.82 -12.96 49.01
CA PRO C 48 -19.63 -11.57 49.44
C PRO C 48 -18.60 -11.49 50.56
N TYR C 49 -17.51 -10.76 50.28
CA TYR C 49 -16.45 -10.51 51.25
C TYR C 49 -16.75 -9.29 52.13
N SER C 50 -17.00 -8.14 51.50
CA SER C 50 -17.09 -6.86 52.18
C SER C 50 -17.75 -5.85 51.24
N THR C 51 -18.24 -4.74 51.83
CA THR C 51 -18.75 -3.61 51.06
C THR C 51 -18.04 -2.34 51.46
N LEU C 52 -18.02 -1.40 50.53
CA LEU C 52 -17.31 -0.14 50.62
C LEU C 52 -18.26 0.98 50.20
N PRO C 53 -18.17 2.15 50.83
CA PRO C 53 -18.97 3.29 50.38
C PRO C 53 -18.47 3.80 49.03
N LYS C 54 -19.40 4.22 48.18
CA LYS C 54 -19.07 4.55 46.80
C LYS C 54 -18.01 5.64 46.67
N GLY C 55 -17.85 6.49 47.69
CA GLY C 55 -16.75 7.45 47.63
C GLY C 55 -15.37 6.81 47.66
N ALA C 56 -15.25 5.59 48.17
CA ALA C 56 -13.96 4.92 48.25
C ALA C 56 -13.47 4.41 46.91
N LEU C 57 -14.35 4.36 45.90
CA LEU C 57 -14.09 3.58 44.68
C LEU C 57 -12.86 4.06 43.95
N ASN C 58 -12.78 5.36 43.65
CA ASN C 58 -11.67 5.84 42.83
C ASN C 58 -10.32 5.64 43.55
N ALA C 59 -10.27 5.87 44.85
CA ALA C 59 -9.05 5.60 45.62
C ALA C 59 -8.63 4.13 45.50
N VAL C 60 -9.57 3.21 45.72
CA VAL C 60 -9.28 1.79 45.61
C VAL C 60 -8.82 1.44 44.20
N ILE C 61 -9.56 1.92 43.18
CA ILE C 61 -9.20 1.68 41.79
C ILE C 61 -7.84 2.31 41.48
N SER C 62 -7.48 3.37 42.17
CA SER C 62 -6.18 3.99 41.90
C SER C 62 -5.04 3.11 42.41
N VAL C 63 -5.17 2.59 43.64
CA VAL C 63 -4.16 1.69 44.19
C VAL C 63 -3.98 0.49 43.29
N VAL C 64 -5.10 -0.08 42.86
CA VAL C 64 -5.07 -1.28 42.04
C VAL C 64 -4.49 -0.98 40.66
N LYS C 65 -4.80 0.20 40.11
CA LYS C 65 -4.28 0.58 38.80
C LYS C 65 -2.78 0.80 38.87
N ILE C 66 -2.30 1.52 39.88
CA ILE C 66 -0.87 1.75 40.01
C ILE C 66 -0.14 0.43 40.20
N MET C 67 -0.73 -0.49 40.96
CA MET C 67 -0.11 -1.81 41.15
C MET C 67 0.06 -2.54 39.84
N GLY C 68 -0.86 -2.35 38.89
CA GLY C 68 -0.74 -3.03 37.62
C GLY C 68 -0.13 -2.19 36.52
N GLY C 69 0.34 -0.99 36.83
CA GLY C 69 0.86 -0.08 35.82
C GLY C 69 -0.16 0.37 34.79
N LEU C 70 -1.38 0.66 35.23
CA LEU C 70 -2.41 1.16 34.35
C LEU C 70 -2.50 2.68 34.47
N ASN C 71 -3.18 3.30 33.51
CA ASN C 71 -3.32 4.75 33.52
C ASN C 71 -4.50 5.13 34.42
N ILE C 72 -4.21 5.89 35.47
CA ILE C 72 -5.26 6.39 36.37
C ILE C 72 -6.21 7.32 35.65
N ALA C 73 -5.70 8.07 34.66
CA ALA C 73 -6.50 9.11 34.03
C ALA C 73 -7.56 8.55 33.09
N GLU C 74 -7.29 7.40 32.47
CA GLU C 74 -8.23 6.76 31.55
C GLU C 74 -9.26 5.95 32.33
N LYS C 75 -10.51 6.38 32.28
CA LYS C 75 -11.58 5.66 32.94
C LYS C 75 -12.65 5.19 31.98
N ARG C 76 -12.55 5.53 30.70
CA ARG C 76 -13.60 5.19 29.76
C ARG C 76 -13.29 3.95 28.94
N LEU C 77 -12.07 3.46 28.96
CA LEU C 77 -11.69 2.25 28.26
C LEU C 77 -11.21 1.18 29.24
N PRO C 78 -11.31 -0.10 28.89
CA PRO C 78 -10.79 -1.15 29.77
C PRO C 78 -9.30 -1.39 29.55
N GLN C 79 -8.58 -1.65 30.65
CA GLN C 79 -7.13 -1.89 30.59
C GLN C 79 -6.80 -3.18 31.31
N ASP C 80 -5.56 -3.67 31.11
CA ASP C 80 -5.05 -4.89 31.70
C ASP C 80 -3.61 -4.74 32.12
N GLY C 81 -3.23 -5.53 33.11
CA GLY C 81 -1.87 -5.54 33.58
C GLY C 81 -1.71 -6.66 34.59
N ARG C 82 -0.47 -7.09 34.73
CA ARG C 82 -0.14 -8.07 35.74
C ARG C 82 0.36 -7.34 36.98
N VAL C 83 -0.01 -7.88 38.14
CA VAL C 83 0.37 -7.36 39.44
C VAL C 83 1.22 -8.41 40.13
N ARG C 84 2.48 -8.09 40.37
CA ARG C 84 3.36 -9.03 41.08
C ARG C 84 3.39 -8.62 42.55
N TYR C 85 2.47 -9.19 43.31
CA TYR C 85 2.25 -8.86 44.71
C TYR C 85 3.22 -9.62 45.61
N ARG C 86 4.07 -8.88 46.32
CA ARG C 86 5.07 -9.45 47.23
C ARG C 86 4.99 -8.67 48.53
N GLU C 87 4.34 -9.27 49.55
CA GLU C 87 4.28 -8.75 50.92
C GLU C 87 4.54 -9.92 51.86
N GLY C 88 5.75 -9.99 52.41
CA GLY C 88 6.08 -11.00 53.39
C GLY C 88 5.95 -12.40 52.82
N ALA C 89 5.08 -13.21 53.42
CA ALA C 89 4.79 -14.56 52.97
C ALA C 89 3.73 -14.61 51.89
N ILE C 90 3.05 -13.51 51.62
CA ILE C 90 2.00 -13.44 50.61
C ILE C 90 2.68 -13.12 49.30
N ASP C 91 2.84 -14.14 48.45
CA ASP C 91 3.50 -14.01 47.16
C ASP C 91 2.58 -14.52 46.06
N VAL C 92 2.05 -13.63 45.24
CA VAL C 92 1.12 -14.06 44.22
C VAL C 92 1.12 -13.08 43.06
N ASP C 93 1.01 -13.61 41.85
CA ASP C 93 0.81 -12.83 40.64
C ASP C 93 -0.67 -12.73 40.30
N LEU C 94 -1.14 -11.51 40.10
CA LEU C 94 -2.54 -11.24 39.81
C LEU C 94 -2.69 -10.71 38.39
N ARG C 95 -3.58 -11.34 37.63
CA ARG C 95 -4.10 -10.77 36.37
C ARG C 95 -5.11 -9.68 36.73
N LEU C 96 -4.79 -8.43 36.42
CA LEU C 96 -5.68 -7.33 36.74
C LEU C 96 -6.45 -6.87 35.50
N SER C 97 -7.73 -6.55 35.68
CA SER C 97 -8.57 -6.06 34.59
C SER C 97 -9.52 -5.00 35.13
N THR C 98 -9.54 -3.82 34.50
CA THR C 98 -10.47 -2.77 34.88
C THR C 98 -11.42 -2.49 33.73
N LEU C 99 -12.71 -2.37 34.07
CA LEU C 99 -13.73 -2.25 33.08
C LEU C 99 -14.69 -1.15 33.50
N PRO C 100 -14.95 -0.18 32.62
CA PRO C 100 -15.99 0.82 32.92
C PRO C 100 -17.35 0.16 33.03
N THR C 101 -18.13 0.60 34.02
CA THR C 101 -19.52 0.22 34.17
C THR C 101 -20.36 1.45 34.41
N VAL C 102 -21.67 1.24 34.58
CA VAL C 102 -22.60 2.32 34.83
C VAL C 102 -22.30 3.05 36.12
N TYR C 103 -21.66 2.39 37.09
CA TYR C 103 -21.45 2.96 38.41
C TYR C 103 -19.99 3.32 38.68
N GLY C 104 -19.12 3.22 37.68
CA GLY C 104 -17.70 3.46 37.84
C GLY C 104 -16.93 2.28 37.28
N GLU C 105 -15.67 2.15 37.70
CA GLU C 105 -14.81 1.10 37.18
C GLU C 105 -14.85 -0.14 38.08
N LYS C 106 -15.06 -1.28 37.45
CA LYS C 106 -15.00 -2.56 38.14
C LYS C 106 -13.62 -3.15 37.91
N ALA C 107 -13.04 -3.70 38.96
CA ALA C 107 -11.71 -4.30 38.85
C ALA C 107 -11.84 -5.78 39.17
N VAL C 108 -11.27 -6.62 38.32
CA VAL C 108 -11.17 -8.05 38.59
C VAL C 108 -9.70 -8.40 38.69
N MET C 109 -9.33 -9.12 39.74
CA MET C 109 -7.97 -9.62 39.88
C MET C 109 -8.02 -11.14 39.99
N ARG C 110 -7.56 -11.84 38.95
CA ARG C 110 -7.46 -13.29 39.02
C ARG C 110 -6.14 -13.67 39.66
N LEU C 111 -6.20 -14.54 40.66
CA LEU C 111 -4.99 -15.06 41.27
C LEU C 111 -4.43 -16.17 40.40
N LEU C 112 -3.21 -15.98 39.90
CA LEU C 112 -2.57 -17.00 39.06
C LEU C 112 -1.99 -18.10 39.94
N LYS C 113 -1.92 -19.32 39.40
CA LYS C 113 -1.26 -20.41 40.12
C LYS C 113 0.23 -20.12 40.25
N LYS C 114 0.80 -20.51 41.39
CA LYS C 114 2.22 -20.29 41.65
C LYS C 114 3.05 -20.96 40.57
N ALA C 115 3.94 -20.19 39.97
CA ALA C 115 4.65 -20.68 38.80
C ALA C 115 5.50 -21.86 39.18
N SER C 116 5.46 -22.89 38.34
CA SER C 116 6.39 -23.99 38.50
C SER C 116 7.82 -23.53 38.20
N ASP C 117 8.77 -24.33 38.65
CA ASP C 117 10.13 -24.14 38.19
C ASP C 117 10.16 -24.22 36.67
N ILE C 118 11.19 -23.61 36.10
CA ILE C 118 11.31 -23.65 34.64
C ILE C 118 11.72 -25.07 34.23
N PRO C 119 11.00 -25.70 33.31
CA PRO C 119 11.30 -27.08 32.91
C PRO C 119 12.30 -27.15 31.76
N GLU C 120 12.80 -28.36 31.53
CA GLU C 120 13.56 -28.63 30.33
C GLU C 120 12.62 -28.56 29.13
N ILE C 121 13.19 -28.25 27.96
CA ILE C 121 12.36 -28.05 26.79
C ILE C 121 11.54 -29.28 26.41
N GLU C 122 11.88 -30.45 26.95
CA GLU C 122 11.20 -31.69 26.60
C GLU C 122 9.88 -31.87 27.35
N ASP C 123 9.64 -31.08 28.39
CA ASP C 123 8.36 -31.05 29.08
C ASP C 123 7.56 -29.79 28.76
N LEU C 124 7.77 -29.19 27.59
CA LEU C 124 7.01 -28.01 27.21
C LEU C 124 5.72 -28.33 26.51
N GLY C 125 5.44 -29.62 26.27
CA GLY C 125 4.21 -30.05 25.64
C GLY C 125 4.22 -30.15 24.12
N PHE C 126 5.39 -30.14 23.48
CA PHE C 126 5.46 -30.12 22.02
C PHE C 126 5.03 -31.45 21.43
N ALA C 127 4.32 -31.40 20.30
CA ALA C 127 4.03 -32.62 19.57
C ALA C 127 5.34 -33.22 19.07
N PRO C 128 5.42 -34.56 18.96
CA PRO C 128 6.73 -35.17 18.69
C PRO C 128 7.45 -34.60 17.49
N GLY C 129 6.79 -34.49 16.34
CA GLY C 129 7.48 -34.03 15.15
C GLY C 129 7.87 -32.57 15.24
N VAL C 130 6.95 -31.73 15.73
CA VAL C 130 7.22 -30.30 15.84
C VAL C 130 8.37 -30.06 16.79
N PHE C 131 8.51 -30.89 17.82
CA PHE C 131 9.58 -30.71 18.80
C PHE C 131 10.96 -30.85 18.17
N GLU C 132 11.11 -31.65 17.12
CA GLU C 132 12.41 -31.82 16.49
C GLU C 132 12.76 -30.62 15.64
N ARG C 133 11.79 -30.02 14.96
CA ARG C 133 12.10 -28.79 14.24
C ARG C 133 12.31 -27.64 15.22
N PHE C 134 11.72 -27.72 16.41
CA PHE C 134 11.89 -26.68 17.42
C PHE C 134 13.30 -26.68 17.98
N LYS C 135 13.79 -27.86 18.38
CA LYS C 135 15.18 -28.03 18.80
C LYS C 135 16.13 -27.51 17.73
N GLU C 136 15.81 -27.80 16.48
CA GLU C 136 16.67 -27.38 15.39
C GLU C 136 16.68 -25.86 15.23
N VAL C 137 15.55 -25.19 15.48
CA VAL C 137 15.55 -23.73 15.40
C VAL C 137 16.43 -23.11 16.48
N ILE C 138 16.25 -23.54 17.74
CA ILE C 138 16.99 -22.91 18.83
C ILE C 138 18.46 -23.29 18.87
N SER C 139 18.87 -24.31 18.11
CA SER C 139 20.26 -24.71 18.06
C SER C 139 21.08 -23.90 17.08
N LYS C 140 20.46 -23.07 16.25
CA LYS C 140 21.19 -22.29 15.28
C LYS C 140 22.14 -21.34 15.98
N PRO C 141 23.26 -20.98 15.33
CA PRO C 141 24.23 -20.11 15.98
C PRO C 141 23.82 -18.66 16.03
N TYR C 142 22.89 -18.22 15.18
CA TYR C 142 22.46 -16.83 15.24
C TYR C 142 21.19 -16.70 14.43
N GLY C 143 20.62 -15.50 14.48
CA GLY C 143 19.26 -15.23 14.03
C GLY C 143 18.36 -14.81 15.18
N ILE C 144 17.19 -14.30 14.81
CA ILE C 144 16.18 -13.89 15.76
C ILE C 144 15.05 -14.91 15.71
N PHE C 145 14.72 -15.47 16.87
CA PHE C 145 13.63 -16.43 17.02
C PHE C 145 12.56 -15.74 17.86
N LEU C 146 11.36 -15.62 17.29
CA LEU C 146 10.28 -14.85 17.90
C LEU C 146 9.30 -15.78 18.59
N ILE C 147 9.03 -15.51 19.86
CA ILE C 147 8.00 -16.21 20.62
C ILE C 147 6.79 -15.30 20.71
N THR C 148 5.64 -15.80 20.32
CA THR C 148 4.52 -14.92 20.09
C THR C 148 3.24 -15.57 20.60
N GLY C 149 2.32 -14.71 21.02
CA GLY C 149 1.04 -15.13 21.49
C GLY C 149 0.32 -13.96 22.11
N PRO C 150 -0.95 -14.13 22.44
CA PRO C 150 -1.65 -13.10 23.19
C PRO C 150 -1.12 -13.05 24.62
N THR C 151 -1.61 -12.06 25.33
CA THR C 151 -1.18 -11.84 26.71
C THR C 151 -1.42 -13.08 27.56
N GLY C 152 -0.44 -13.42 28.40
CA GLY C 152 -0.58 -14.50 29.34
C GLY C 152 -0.53 -15.88 28.75
N SER C 153 -0.07 -16.03 27.52
CA SER C 153 -0.15 -17.32 26.83
C SER C 153 1.09 -18.19 26.99
N GLY C 154 1.99 -17.88 27.94
CA GLY C 154 3.14 -18.73 28.23
C GLY C 154 4.44 -18.36 27.53
N LYS C 155 4.53 -17.13 26.99
CA LYS C 155 5.70 -16.75 26.20
C LYS C 155 6.97 -16.74 27.04
N SER C 156 6.94 -16.10 28.21
CA SER C 156 8.14 -16.03 29.03
C SER C 156 8.53 -17.42 29.56
N PHE C 157 7.55 -18.24 29.90
CA PHE C 157 7.85 -19.57 30.41
C PHE C 157 8.55 -20.40 29.34
N THR C 158 8.05 -20.35 28.10
CA THR C 158 8.73 -21.03 27.00
C THR C 158 10.12 -20.47 26.77
N THR C 159 10.24 -19.13 26.79
CA THR C 159 11.51 -18.47 26.51
C THR C 159 12.61 -18.92 27.46
N PHE C 160 12.30 -18.97 28.76
CA PHE C 160 13.33 -19.31 29.74
C PHE C 160 13.69 -20.78 29.71
N SER C 161 12.72 -21.64 29.39
CA SER C 161 13.03 -23.02 29.09
C SER C 161 14.07 -23.12 27.98
N ILE C 162 13.90 -22.34 26.90
CA ILE C 162 14.89 -22.30 25.83
C ILE C 162 16.26 -21.96 26.38
N LEU C 163 16.37 -20.80 27.05
CA LEU C 163 17.62 -20.34 27.64
C LEU C 163 18.21 -21.38 28.59
N LYS C 164 17.36 -22.13 29.30
CA LYS C 164 17.86 -23.21 30.14
C LYS C 164 18.68 -24.21 29.33
N ARG C 165 18.26 -24.50 28.10
CA ARG C 165 19.02 -25.43 27.28
C ARG C 165 20.26 -24.78 26.69
N ILE C 166 20.14 -23.59 26.09
CA ILE C 166 21.20 -23.10 25.21
C ILE C 166 22.18 -22.14 25.85
N ALA C 167 21.94 -21.66 27.07
CA ALA C 167 22.87 -20.69 27.70
C ALA C 167 23.96 -21.44 28.48
N THR C 168 24.84 -22.07 27.72
CA THR C 168 25.94 -22.83 28.27
C THR C 168 27.06 -21.93 28.78
N PRO C 169 27.88 -22.41 29.72
CA PRO C 169 28.94 -21.55 30.30
C PRO C 169 30.02 -21.08 29.31
N ASP C 170 30.14 -21.67 28.11
CA ASP C 170 31.04 -21.02 27.17
C ASP C 170 30.47 -19.74 26.57
N LYS C 171 29.22 -19.38 26.87
CA LYS C 171 28.51 -18.30 26.17
C LYS C 171 28.11 -17.17 27.11
N ASN C 172 28.07 -15.94 26.59
CA ASN C 172 27.52 -14.80 27.32
C ASN C 172 26.05 -14.64 26.92
N THR C 173 25.15 -14.92 27.85
CA THR C 173 23.72 -14.73 27.70
C THR C 173 23.28 -13.49 28.47
N GLN C 174 22.62 -12.57 27.76
CA GLN C 174 22.20 -11.28 28.30
C GLN C 174 20.75 -11.01 27.92
N THR C 175 19.92 -10.71 28.93
CA THR C 175 18.50 -10.42 28.74
C THR C 175 18.22 -8.94 29.05
N ILE C 176 17.13 -8.43 28.48
CA ILE C 176 16.51 -7.19 28.91
C ILE C 176 15.01 -7.45 29.09
N GLU C 177 14.49 -7.11 30.26
CA GLU C 177 13.20 -7.63 30.69
C GLU C 177 12.39 -6.55 31.40
N ASP C 178 11.07 -6.62 31.24
CA ASP C 178 10.17 -5.69 31.92
C ASP C 178 8.98 -6.45 32.47
N PRO C 179 9.07 -6.92 33.71
CA PRO C 179 10.27 -6.81 34.55
C PRO C 179 11.11 -8.08 34.43
N VAL C 180 12.18 -8.19 35.20
CA VAL C 180 12.83 -9.49 35.36
C VAL C 180 11.96 -10.34 36.29
N GLU C 181 11.59 -11.52 35.83
CA GLU C 181 10.72 -12.43 36.60
C GLU C 181 11.55 -13.54 37.24
N TYR C 182 11.88 -14.55 36.48
CA TYR C 182 12.66 -15.65 36.98
C TYR C 182 14.14 -15.27 37.07
N GLU C 183 14.86 -16.00 37.92
CA GLU C 183 16.32 -15.97 38.03
C GLU C 183 16.86 -17.31 37.55
N ILE C 184 17.59 -17.29 36.45
CA ILE C 184 18.32 -18.47 35.96
C ILE C 184 19.79 -18.30 36.36
N PRO C 185 20.42 -19.33 36.94
CA PRO C 185 21.86 -19.28 37.19
C PRO C 185 22.63 -19.03 35.90
N GLY C 186 23.64 -18.17 35.99
CA GLY C 186 24.56 -18.03 34.88
C GLY C 186 24.03 -17.40 33.61
N ILE C 187 22.95 -16.62 33.68
CA ILE C 187 22.66 -15.65 32.63
C ILE C 187 22.69 -14.28 33.29
N ASN C 188 22.98 -13.24 32.51
CA ASN C 188 23.01 -11.87 32.99
C ASN C 188 21.69 -11.21 32.66
N GLN C 189 21.03 -10.65 33.67
CA GLN C 189 19.72 -10.07 33.46
C GLN C 189 19.71 -8.60 33.84
N THR C 190 18.99 -7.83 33.03
CA THR C 190 18.90 -6.38 33.13
C THR C 190 17.44 -5.99 33.01
N GLN C 191 16.96 -5.17 33.93
CA GLN C 191 15.55 -4.77 33.98
C GLN C 191 15.39 -3.34 33.49
N VAL C 192 14.34 -3.10 32.70
CA VAL C 192 14.13 -1.74 32.21
C VAL C 192 13.77 -0.85 33.39
N ASN C 193 14.25 0.40 33.34
CA ASN C 193 14.13 1.33 34.46
C ASN C 193 13.76 2.69 33.89
N PRO C 194 12.45 2.96 33.73
CA PRO C 194 12.06 4.17 32.99
C PRO C 194 12.48 5.47 33.65
N GLN C 195 12.57 5.52 34.98
CA GLN C 195 12.95 6.77 35.64
C GLN C 195 14.44 7.05 35.51
N ALA C 196 15.27 6.05 35.21
CA ALA C 196 16.66 6.31 34.91
C ALA C 196 16.88 6.62 33.45
N GLY C 197 15.95 6.22 32.58
CA GLY C 197 16.15 6.31 31.15
C GLY C 197 16.59 5.01 30.49
N LEU C 198 16.58 3.89 31.23
CA LEU C 198 17.00 2.57 30.75
C LEU C 198 15.83 1.91 30.02
N THR C 199 15.59 2.36 28.80
CA THR C 199 14.61 1.75 27.93
C THR C 199 15.13 0.44 27.36
N PHE C 200 14.21 -0.30 26.74
CA PHE C 200 14.60 -1.44 25.94
C PHE C 200 15.70 -1.05 24.96
N ALA C 201 15.43 -0.03 24.16
CA ALA C 201 16.37 0.34 23.09
C ALA C 201 17.71 0.74 23.67
N ARG C 202 17.70 1.56 24.72
CA ARG C 202 18.96 2.06 25.27
C ARG C 202 19.79 0.92 25.86
N ALA C 203 19.14 -0.01 26.56
CA ALA C 203 19.84 -1.20 27.05
C ALA C 203 20.34 -2.06 25.90
N LEU C 204 19.48 -2.32 24.90
CA LEU C 204 19.84 -3.24 23.83
C LEU C 204 21.05 -2.74 23.04
N ARG C 205 21.13 -1.42 22.83
CA ARG C 205 22.27 -0.84 22.15
C ARG C 205 23.55 -1.01 22.97
N ALA C 206 23.47 -0.84 24.29
CA ALA C 206 24.63 -1.09 25.12
C ALA C 206 25.10 -2.54 24.99
N PHE C 207 24.16 -3.48 24.82
CA PHE C 207 24.49 -4.89 24.69
C PHE C 207 25.48 -5.17 23.58
N LEU C 208 25.57 -4.30 22.58
CA LEU C 208 26.48 -4.56 21.46
C LEU C 208 27.95 -4.43 21.86
N ARG C 209 28.26 -3.73 22.95
CA ARG C 209 29.63 -3.63 23.43
C ARG C 209 29.86 -4.50 24.66
N GLN C 210 28.99 -5.48 24.90
CA GLN C 210 29.08 -6.38 26.03
C GLN C 210 29.44 -7.80 25.62
N ASP C 211 29.93 -7.96 24.39
CA ASP C 211 30.38 -9.21 23.79
C ASP C 211 29.42 -10.34 24.17
N PRO C 212 28.16 -10.27 23.74
CA PRO C 212 27.20 -11.35 23.99
C PRO C 212 27.24 -12.41 22.90
N ASP C 213 26.67 -13.57 23.23
CA ASP C 213 26.36 -14.62 22.27
C ASP C 213 24.86 -14.77 22.10
N ILE C 214 24.13 -14.78 23.21
CA ILE C 214 22.69 -14.93 23.22
C ILE C 214 22.10 -13.68 23.84
N ILE C 215 21.18 -13.05 23.14
CA ILE C 215 20.46 -11.89 23.63
C ILE C 215 18.99 -12.26 23.76
N MET C 216 18.39 -11.91 24.89
CA MET C 216 16.96 -12.10 25.09
C MET C 216 16.30 -10.75 25.29
N VAL C 217 15.37 -10.41 24.39
CA VAL C 217 14.60 -9.18 24.49
C VAL C 217 13.23 -9.56 25.04
N GLY C 218 12.90 -9.09 26.25
CA GLY C 218 11.68 -9.53 26.90
C GLY C 218 10.42 -9.15 26.15
N GLU C 219 10.46 -8.02 25.45
CA GLU C 219 9.33 -7.53 24.68
C GLU C 219 9.84 -6.60 23.59
N ILE C 220 9.51 -6.93 22.34
CA ILE C 220 9.70 -6.03 21.20
C ILE C 220 8.42 -5.23 21.08
N ARG C 221 8.43 -4.00 21.61
CA ARG C 221 7.23 -3.18 21.57
C ARG C 221 7.48 -1.76 21.08
N ASP C 222 8.61 -1.49 20.45
CA ASP C 222 8.76 -0.22 19.77
C ASP C 222 9.63 -0.44 18.54
N SER C 223 9.68 0.54 17.69
CA SER C 223 10.42 0.43 16.47
C SER C 223 11.93 0.34 16.66
N GLU C 224 12.55 1.27 17.37
CA GLU C 224 13.99 1.23 17.64
C GLU C 224 14.43 -0.13 18.15
N THR C 225 13.64 -0.74 19.05
CA THR C 225 13.99 -2.04 19.60
C THR C 225 13.91 -3.13 18.55
N ALA C 226 12.86 -3.12 17.72
CA ALA C 226 12.77 -4.11 16.65
C ALA C 226 13.94 -3.99 15.70
N LYS C 227 14.38 -2.77 15.41
CA LYS C 227 15.47 -2.62 14.46
C LYS C 227 16.79 -3.06 15.06
N ILE C 228 17.07 -2.68 16.31
CA ILE C 228 18.31 -3.12 16.96
C ILE C 228 18.31 -4.63 17.15
N ALA C 229 17.17 -5.21 17.53
CA ALA C 229 17.13 -6.66 17.70
C ALA C 229 17.38 -7.37 16.38
N THR C 230 16.80 -6.88 15.28
CA THR C 230 17.06 -7.49 13.97
C THR C 230 18.53 -7.30 13.57
N GLU C 231 19.08 -6.12 13.83
CA GLU C 231 20.47 -5.84 13.49
C GLU C 231 21.41 -6.78 14.25
N ALA C 232 21.15 -6.99 15.53
CA ALA C 232 22.02 -7.88 16.32
C ALA C 232 21.92 -9.32 15.83
N ALA C 233 20.75 -9.76 15.37
CA ALA C 233 20.70 -11.06 14.71
C ALA C 233 21.52 -11.06 13.42
N LEU C 234 21.48 -9.96 12.66
CA LEU C 234 22.19 -9.90 11.38
C LEU C 234 23.70 -10.00 11.56
N THR C 235 24.26 -9.24 12.49
CA THR C 235 25.70 -9.24 12.68
C THR C 235 26.24 -10.54 13.25
N GLY C 236 25.39 -11.43 13.75
CA GLY C 236 25.85 -12.75 14.11
C GLY C 236 25.57 -13.21 15.53
N HIS C 237 24.62 -12.57 16.21
CA HIS C 237 24.19 -12.99 17.52
C HIS C 237 22.91 -13.80 17.43
N LEU C 238 22.66 -14.61 18.45
CA LEU C 238 21.38 -15.32 18.57
C LEU C 238 20.44 -14.49 19.47
N VAL C 239 19.32 -14.07 18.90
CA VAL C 239 18.34 -13.21 19.59
C VAL C 239 17.05 -13.99 19.77
N ILE C 240 16.57 -14.04 21.00
CA ILE C 240 15.27 -14.63 21.30
C ILE C 240 14.39 -13.52 21.86
N ALA C 241 13.23 -13.31 21.24
CA ALA C 241 12.46 -12.11 21.52
C ALA C 241 10.97 -12.41 21.49
N THR C 242 10.24 -11.68 22.33
CA THR C 242 8.81 -11.88 22.53
C THR C 242 8.05 -10.78 21.78
N LEU C 243 7.03 -11.18 21.04
CA LEU C 243 6.20 -10.26 20.27
C LEU C 243 4.74 -10.61 20.52
N HIS C 244 3.89 -9.60 20.48
CA HIS C 244 2.46 -9.77 20.68
C HIS C 244 1.75 -9.75 19.34
N THR C 245 1.42 -10.95 18.85
CA THR C 245 0.56 -11.19 17.69
C THR C 245 -0.26 -12.44 18.00
N ASN C 246 -1.31 -12.67 17.24
CA ASN C 246 -2.15 -13.82 17.53
C ASN C 246 -1.87 -15.00 16.60
N ASP C 247 -0.74 -14.97 15.91
CA ASP C 247 -0.51 -15.91 14.83
C ASP C 247 0.96 -15.79 14.43
N ALA C 248 1.56 -16.91 14.04
CA ALA C 248 3.00 -16.90 13.78
C ALA C 248 3.35 -16.04 12.57
N ALA C 249 2.71 -16.32 11.43
CA ALA C 249 2.97 -15.55 10.22
C ALA C 249 2.80 -14.06 10.49
N GLN C 250 1.82 -13.71 11.32
CA GLN C 250 1.55 -12.32 11.65
C GLN C 250 2.79 -11.62 12.23
N ALA C 251 3.65 -12.37 12.91
CA ALA C 251 4.85 -11.74 13.48
C ALA C 251 5.71 -11.09 12.40
N ILE C 252 5.83 -11.73 11.23
CA ILE C 252 6.59 -11.15 10.13
C ILE C 252 5.99 -9.81 9.73
N THR C 253 4.66 -9.79 9.53
CA THR C 253 3.98 -8.56 9.18
C THR C 253 4.19 -7.49 10.24
N ARG C 254 4.16 -7.89 11.51
CA ARG C 254 4.27 -6.92 12.59
C ARG C 254 5.67 -6.29 12.66
N LEU C 255 6.72 -7.05 12.34
CA LEU C 255 8.06 -6.47 12.26
C LEU C 255 8.13 -5.46 11.12
N ASP C 256 7.52 -5.81 9.97
CA ASP C 256 7.46 -4.91 8.84
C ASP C 256 6.83 -3.58 9.22
N GLU C 257 5.74 -3.61 10.00
CA GLU C 257 5.08 -2.36 10.37
C GLU C 257 5.89 -1.54 11.35
N MET C 258 6.73 -2.18 12.13
CA MET C 258 7.50 -1.43 13.06
C MET C 258 8.69 -0.75 12.42
N GLY C 259 8.90 -0.99 11.14
CA GLY C 259 9.96 -0.35 10.41
C GLY C 259 11.17 -1.21 10.13
N VAL C 260 11.07 -2.51 10.34
CA VAL C 260 12.16 -3.40 9.99
C VAL C 260 12.11 -3.64 8.50
N GLU C 261 13.21 -3.34 7.82
CA GLU C 261 13.27 -3.57 6.37
C GLU C 261 12.95 -5.02 6.06
N PRO C 262 12.07 -5.30 5.12
CA PRO C 262 11.81 -6.70 4.74
C PRO C 262 13.08 -7.48 4.39
N PHE C 263 14.08 -6.84 3.79
CA PHE C 263 15.29 -7.61 3.49
C PHE C 263 16.04 -7.95 4.77
N ASN C 264 16.04 -7.05 5.75
CA ASN C 264 16.62 -7.39 7.05
C ASN C 264 15.78 -8.43 7.79
N ILE C 265 14.44 -8.43 7.62
CA ILE C 265 13.63 -9.48 8.22
C ILE C 265 13.96 -10.83 7.58
N SER C 266 14.08 -10.84 6.26
CA SER C 266 14.34 -12.10 5.55
C SER C 266 15.69 -12.69 5.96
N ALA C 267 16.68 -11.84 6.17
CA ALA C 267 18.04 -12.31 6.44
C ALA C 267 18.23 -12.83 7.87
N ALA C 268 17.38 -12.43 8.82
CA ALA C 268 17.65 -12.62 10.25
C ALA C 268 16.68 -13.57 10.94
N LEU C 269 15.41 -13.55 10.54
CA LEU C 269 14.40 -14.33 11.21
C LEU C 269 14.64 -15.81 10.95
N ILE C 270 14.78 -16.60 12.01
CA ILE C 270 14.96 -18.02 11.82
C ILE C 270 13.68 -18.79 12.08
N GLY C 271 12.75 -18.22 12.84
CA GLY C 271 11.49 -18.90 13.08
C GLY C 271 10.60 -18.07 13.98
N VAL C 272 9.32 -18.44 13.98
CA VAL C 272 8.32 -17.82 14.84
C VAL C 272 7.53 -18.92 15.54
N LEU C 273 7.43 -18.83 16.85
CA LEU C 273 6.62 -19.75 17.64
C LEU C 273 5.42 -18.98 18.17
N SER C 274 4.22 -19.45 17.85
CA SER C 274 2.98 -18.93 18.42
C SER C 274 2.38 -19.95 19.35
N GLN C 275 1.87 -19.52 20.50
CA GLN C 275 1.31 -20.53 21.38
C GLN C 275 0.08 -20.02 22.14
N ARG C 276 -0.64 -21.00 22.70
CA ARG C 276 -1.80 -20.80 23.55
C ARG C 276 -1.74 -21.74 24.74
N LEU C 277 -2.38 -21.37 25.83
CA LEU C 277 -2.61 -22.30 26.93
C LEU C 277 -4.07 -22.78 26.92
N VAL C 278 -4.26 -24.11 26.90
CA VAL C 278 -5.58 -24.73 27.04
C VAL C 278 -5.66 -25.38 28.40
N ARG C 279 -6.88 -25.53 28.89
CA ARG C 279 -7.10 -26.19 30.16
C ARG C 279 -7.03 -27.70 29.97
N ARG C 280 -6.50 -28.36 31.00
CA ARG C 280 -6.14 -29.76 30.95
C ARG C 280 -7.21 -30.61 31.63
N VAL C 281 -7.69 -31.64 30.93
CA VAL C 281 -8.76 -32.47 31.46
C VAL C 281 -8.29 -33.17 32.74
N CYS C 282 -9.13 -33.11 33.78
CA CYS C 282 -8.86 -33.85 35.00
C CYS C 282 -8.68 -35.34 34.72
N GLU C 283 -7.73 -35.96 35.42
CA GLU C 283 -7.39 -37.34 35.11
C GLU C 283 -8.32 -38.34 35.74
N HIS C 284 -9.09 -37.94 36.75
CA HIS C 284 -9.86 -38.86 37.58
C HIS C 284 -11.34 -38.93 37.21
N CYS C 285 -11.87 -37.95 36.49
CA CYS C 285 -13.21 -38.06 35.93
C CYS C 285 -13.19 -38.02 34.41
N LYS C 286 -12.06 -38.33 33.80
CA LYS C 286 -11.96 -38.30 32.35
C LYS C 286 -12.84 -39.40 31.76
N VAL C 287 -13.39 -39.14 30.58
CA VAL C 287 -14.36 -40.03 29.99
C VAL C 287 -14.36 -39.82 28.47
N GLU C 288 -14.75 -40.85 27.73
CA GLU C 288 -14.76 -40.75 26.27
C GLU C 288 -16.04 -40.09 25.79
N VAL C 289 -15.96 -39.44 24.64
CA VAL C 289 -17.14 -39.04 23.89
C VAL C 289 -16.94 -39.49 22.45
N LYS C 290 -18.00 -39.98 21.85
CA LYS C 290 -17.96 -40.30 20.43
C LYS C 290 -17.94 -38.99 19.68
N PRO C 291 -16.89 -38.68 18.93
CA PRO C 291 -16.90 -37.45 18.14
C PRO C 291 -17.78 -37.61 16.91
N ASP C 292 -18.28 -36.48 16.44
CA ASP C 292 -18.94 -36.46 15.13
C ASP C 292 -17.89 -36.58 14.04
N PRO C 293 -17.95 -37.60 13.18
CA PRO C 293 -17.01 -37.65 12.04
C PRO C 293 -16.96 -36.36 11.24
N GLU C 294 -18.10 -35.70 11.02
CA GLU C 294 -18.10 -34.49 10.22
C GLU C 294 -17.24 -33.40 10.85
N THR C 295 -17.37 -33.19 12.17
CA THR C 295 -16.54 -32.22 12.87
C THR C 295 -15.06 -32.45 12.56
N LEU C 296 -14.60 -33.69 12.78
CA LEU C 296 -13.19 -34.04 12.50
C LEU C 296 -12.84 -33.82 11.04
N ARG C 297 -13.75 -34.19 10.14
CA ARG C 297 -13.54 -33.95 8.71
C ARG C 297 -13.30 -32.48 8.45
N ARG C 298 -14.24 -31.61 8.87
CA ARG C 298 -14.07 -30.19 8.61
C ARG C 298 -12.87 -29.61 9.36
N LEU C 299 -12.36 -30.30 10.38
CA LEU C 299 -11.11 -29.92 11.01
C LEU C 299 -9.90 -30.49 10.27
N GLY C 300 -10.09 -30.97 9.05
CA GLY C 300 -8.98 -31.37 8.22
C GLY C 300 -8.32 -32.66 8.61
N LEU C 301 -9.05 -33.55 9.30
CA LEU C 301 -8.54 -34.84 9.69
C LEU C 301 -8.82 -35.88 8.59
N SER C 302 -7.83 -36.73 8.33
CA SER C 302 -7.95 -37.75 7.30
C SER C 302 -8.97 -38.81 7.70
N GLU C 303 -9.62 -39.40 6.70
CA GLU C 303 -10.69 -40.34 7.02
C GLU C 303 -10.13 -41.60 7.68
N ALA C 304 -8.89 -41.97 7.34
CA ALA C 304 -8.19 -42.99 8.10
C ALA C 304 -8.07 -42.59 9.56
N GLU C 305 -7.58 -41.37 9.82
CA GLU C 305 -7.46 -40.90 11.19
C GLU C 305 -8.81 -40.92 11.92
N ILE C 306 -9.89 -40.56 11.22
CA ILE C 306 -11.19 -40.49 11.88
C ILE C 306 -11.58 -41.84 12.46
N GLN C 307 -11.25 -42.93 11.75
CA GLN C 307 -11.73 -44.26 12.13
C GLN C 307 -11.52 -44.54 13.61
N GLY C 308 -10.34 -44.25 14.13
CA GLY C 308 -10.11 -44.57 15.52
C GLY C 308 -10.48 -43.46 16.47
N ALA C 309 -10.50 -42.22 15.96
CA ALA C 309 -10.40 -41.05 16.83
C ALA C 309 -11.49 -41.04 17.88
N ARG C 310 -11.08 -40.89 19.13
CA ARG C 310 -11.98 -40.63 20.25
C ARG C 310 -11.55 -39.34 20.92
N LEU C 311 -12.50 -38.68 21.58
CA LEU C 311 -12.29 -37.43 22.31
C LEU C 311 -12.70 -37.64 23.76
N TYR C 312 -12.38 -36.64 24.60
CA TYR C 312 -12.48 -36.79 26.05
C TYR C 312 -12.99 -35.51 26.68
N LYS C 313 -13.61 -35.66 27.85
CA LYS C 313 -13.93 -34.52 28.70
C LYS C 313 -13.85 -34.99 30.15
N GLY C 314 -13.90 -34.01 31.07
CA GLY C 314 -13.96 -34.30 32.48
C GLY C 314 -15.38 -34.17 33.00
N MET C 315 -15.89 -35.26 33.58
CA MET C 315 -17.25 -35.25 34.08
C MET C 315 -17.40 -34.39 35.32
N GLY C 316 -16.29 -34.09 36.00
CA GLY C 316 -16.30 -33.26 37.19
C GLY C 316 -16.26 -34.10 38.46
N CYS C 317 -15.29 -33.86 39.34
CA CYS C 317 -15.18 -34.64 40.56
C CYS C 317 -14.46 -33.83 41.64
N GLU C 318 -14.37 -34.43 42.84
CA GLU C 318 -13.80 -33.75 43.99
C GLU C 318 -12.40 -33.20 43.73
N ARG C 319 -11.61 -33.89 42.90
CA ARG C 319 -10.20 -33.54 42.66
C ARG C 319 -9.99 -32.37 41.68
N CYS C 320 -11.06 -31.80 41.11
CA CYS C 320 -10.90 -30.78 40.10
C CYS C 320 -11.93 -29.66 40.25
N GLY C 321 -12.38 -29.40 41.47
CA GLY C 321 -13.53 -28.52 41.65
C GLY C 321 -14.76 -29.20 41.07
N GLY C 322 -15.60 -28.44 40.38
CA GLY C 322 -16.57 -29.05 39.51
C GLY C 322 -16.11 -29.09 38.07
N THR C 323 -14.93 -28.53 37.80
CA THR C 323 -14.58 -27.98 36.49
C THR C 323 -14.38 -29.05 35.42
N GLY C 324 -13.90 -30.23 35.78
CA GLY C 324 -13.42 -31.20 34.81
C GLY C 324 -12.02 -30.94 34.32
N TYR C 325 -11.35 -29.93 34.86
CA TYR C 325 -10.03 -29.56 34.43
C TYR C 325 -9.12 -29.42 35.63
N LYS C 326 -7.82 -29.63 35.42
CA LYS C 326 -6.82 -29.31 36.43
C LYS C 326 -5.52 -29.06 35.70
N GLY C 327 -4.96 -27.86 35.87
CA GLY C 327 -3.74 -27.50 35.18
C GLY C 327 -3.97 -27.01 33.75
N ARG C 328 -2.86 -26.61 33.12
CA ARG C 328 -2.90 -26.10 31.77
C ARG C 328 -1.82 -26.79 30.95
N TYR C 329 -1.95 -26.68 29.62
CA TYR C 329 -1.09 -27.35 28.66
C TYR C 329 -1.00 -26.47 27.42
N ALA C 330 0.15 -26.47 26.78
CA ALA C 330 0.39 -25.55 25.69
C ALA C 330 0.11 -26.22 24.36
N ILE C 331 -0.32 -25.40 23.39
CA ILE C 331 -0.47 -25.81 21.99
C ILE C 331 0.33 -24.84 21.13
N HIS C 332 0.87 -25.35 20.02
CA HIS C 332 1.95 -24.65 19.34
C HIS C 332 1.72 -24.52 17.85
N GLU C 333 2.25 -23.43 17.31
CA GLU C 333 2.37 -23.20 15.88
C GLU C 333 3.79 -22.72 15.61
N LEU C 334 4.57 -23.51 14.85
CA LEU C 334 6.01 -23.26 14.67
C LEU C 334 6.31 -23.02 13.19
N LEU C 335 6.51 -21.76 12.85
CA LEU C 335 6.87 -21.33 11.51
C LEU C 335 8.39 -21.31 11.42
N VAL C 336 8.96 -22.30 10.72
CA VAL C 336 10.40 -22.38 10.47
C VAL C 336 10.68 -21.79 9.10
N VAL C 337 11.57 -20.80 9.05
CA VAL C 337 11.81 -20.01 7.86
C VAL C 337 12.76 -20.75 6.91
N ASP C 338 12.35 -20.92 5.66
CA ASP C 338 13.21 -21.48 4.62
C ASP C 338 13.34 -20.49 3.47
N ASP C 339 13.91 -20.95 2.35
CA ASP C 339 14.15 -20.08 1.22
C ASP C 339 12.84 -19.51 0.70
N GLU C 340 11.79 -20.35 0.67
CA GLU C 340 10.53 -19.93 0.09
C GLU C 340 9.90 -18.81 0.90
N ILE C 341 9.85 -18.99 2.23
CA ILE C 341 9.33 -17.94 3.10
C ILE C 341 10.17 -16.68 2.99
N ARG C 342 11.50 -16.83 3.06
CA ARG C 342 12.40 -15.70 2.85
C ARG C 342 12.04 -14.99 1.57
N HIS C 343 11.88 -15.76 0.49
CA HIS C 343 11.45 -15.21 -0.79
C HIS C 343 10.09 -14.50 -0.66
N ALA C 344 9.16 -15.04 0.13
CA ALA C 344 7.86 -14.41 0.26
C ALA C 344 7.94 -13.10 1.04
N ILE C 345 8.82 -13.05 2.05
CA ILE C 345 9.01 -11.82 2.84
C ILE C 345 9.55 -10.72 1.95
N VAL C 346 10.64 -11.00 1.22
CA VAL C 346 11.22 -10.05 0.27
C VAL C 346 10.12 -9.53 -0.65
N ALA C 347 9.44 -10.46 -1.35
CA ALA C 347 8.35 -10.08 -2.25
C ALA C 347 7.33 -9.17 -1.56
N GLY C 348 7.03 -9.45 -0.30
CA GLY C 348 6.02 -8.70 0.43
C GLY C 348 4.66 -9.37 0.54
N LYS C 349 4.57 -10.68 0.29
CA LYS C 349 3.30 -11.39 0.42
C LYS C 349 2.75 -11.23 1.83
N SER C 350 1.43 -11.40 1.95
CA SER C 350 0.71 -11.07 3.17
C SER C 350 0.91 -12.15 4.23
N ALA C 351 0.52 -11.84 5.47
CA ALA C 351 0.61 -12.81 6.54
C ALA C 351 -0.19 -14.07 6.20
N THR C 352 -1.32 -13.91 5.52
CA THR C 352 -2.13 -15.07 5.14
C THR C 352 -1.44 -15.91 4.08
N GLU C 353 -0.71 -15.27 3.16
CA GLU C 353 0.01 -16.02 2.12
C GLU C 353 1.19 -16.78 2.71
N ILE C 354 2.00 -16.09 3.52
CA ILE C 354 3.09 -16.76 4.22
C ILE C 354 2.55 -17.97 4.97
N LYS C 355 1.39 -17.80 5.61
CA LYS C 355 0.80 -18.87 6.41
C LYS C 355 0.47 -20.08 5.54
N GLU C 356 -0.08 -19.87 4.35
CA GLU C 356 -0.38 -21.01 3.49
C GLU C 356 0.89 -21.60 2.89
N ILE C 357 1.90 -20.79 2.58
CA ILE C 357 3.19 -21.34 2.18
C ILE C 357 3.78 -22.19 3.31
N ALA C 358 3.83 -21.64 4.53
CA ALA C 358 4.40 -22.39 5.65
C ALA C 358 3.61 -23.65 5.92
N ARG C 359 2.29 -23.62 5.70
CA ARG C 359 1.47 -24.80 5.93
C ARG C 359 1.73 -25.85 4.88
N ARG C 360 1.95 -25.42 3.63
CA ARG C 360 2.21 -26.36 2.55
C ARG C 360 3.50 -27.14 2.81
N LYS C 361 4.59 -26.43 3.10
CA LYS C 361 5.87 -27.04 3.50
C LYS C 361 5.79 -27.80 4.83
N GLY C 362 4.62 -27.97 5.44
CA GLY C 362 4.46 -28.88 6.55
C GLY C 362 4.31 -28.30 7.96
N MET C 363 3.97 -27.03 8.11
CA MET C 363 3.72 -26.45 9.43
C MET C 363 2.31 -26.80 9.90
N LYS C 364 2.22 -27.37 11.11
CA LYS C 364 0.92 -27.55 11.75
C LYS C 364 0.48 -26.25 12.44
N THR C 365 -0.82 -25.97 12.35
CA THR C 365 -1.40 -24.79 13.01
C THR C 365 -1.75 -25.10 14.45
N LEU C 366 -2.03 -24.02 15.19
CA LEU C 366 -2.51 -24.13 16.56
C LEU C 366 -3.68 -25.11 16.70
N ARG C 367 -4.66 -25.00 15.81
CA ARG C 367 -5.87 -25.80 15.94
C ARG C 367 -5.60 -27.25 15.57
N GLU C 368 -4.75 -27.47 14.56
CA GLU C 368 -4.29 -28.82 14.26
C GLU C 368 -3.54 -29.41 15.45
N ASP C 369 -2.59 -28.66 16.00
CA ASP C 369 -1.89 -29.11 17.20
C ASP C 369 -2.86 -29.33 18.34
N GLY C 370 -3.77 -28.39 18.56
CA GLY C 370 -4.73 -28.54 19.62
C GLY C 370 -5.58 -29.77 19.44
N LEU C 371 -6.01 -30.03 18.20
CA LEU C 371 -6.86 -31.19 17.96
C LEU C 371 -6.11 -32.48 18.28
N TYR C 372 -4.89 -32.58 17.78
CA TYR C 372 -4.03 -33.73 18.04
C TYR C 372 -3.97 -34.05 19.53
N LYS C 373 -3.67 -33.04 20.36
CA LYS C 373 -3.58 -33.27 21.80
C LYS C 373 -4.94 -33.53 22.42
N ALA C 374 -6.00 -32.94 21.86
CA ALA C 374 -7.35 -33.30 22.27
C ALA C 374 -7.66 -34.75 21.94
N LEU C 375 -7.15 -35.25 20.80
CA LEU C 375 -7.36 -36.65 20.44
C LEU C 375 -6.60 -37.61 21.35
N GLN C 376 -5.76 -37.11 22.25
CA GLN C 376 -5.10 -37.94 23.25
C GLN C 376 -5.64 -37.72 24.66
N GLY C 377 -6.65 -36.89 24.83
CA GLY C 377 -7.21 -36.64 26.14
C GLY C 377 -6.52 -35.59 26.97
N ILE C 378 -5.55 -34.85 26.42
CA ILE C 378 -4.93 -33.79 27.21
C ILE C 378 -5.92 -32.66 27.48
N THR C 379 -6.76 -32.34 26.49
CA THR C 379 -7.71 -31.25 26.62
C THR C 379 -9.01 -31.62 25.91
N THR C 380 -10.03 -30.81 26.14
CA THR C 380 -11.26 -30.95 25.39
C THR C 380 -11.11 -30.26 24.03
N LEU C 381 -11.96 -30.67 23.10
CA LEU C 381 -12.00 -29.94 21.83
C LEU C 381 -12.52 -28.52 22.03
N GLU C 382 -13.42 -28.31 22.99
CA GLU C 382 -13.95 -26.96 23.21
C GLU C 382 -12.84 -26.01 23.60
N GLU C 383 -11.97 -26.42 24.53
CA GLU C 383 -10.80 -25.62 24.88
C GLU C 383 -10.00 -25.25 23.65
N VAL C 384 -9.76 -26.23 22.77
CA VAL C 384 -9.01 -25.96 21.55
C VAL C 384 -9.73 -24.91 20.70
N LEU C 385 -10.99 -25.19 20.36
CA LEU C 385 -11.77 -24.25 19.55
C LEU C 385 -11.80 -22.87 20.18
N ALA C 386 -11.89 -22.81 21.52
CA ALA C 386 -11.88 -21.51 22.20
C ALA C 386 -10.63 -20.71 21.84
N ARG C 387 -9.47 -21.38 21.86
CA ARG C 387 -8.18 -20.71 21.75
C ARG C 387 -7.81 -20.33 20.33
N THR C 388 -8.57 -20.75 19.33
CA THR C 388 -8.06 -20.69 17.98
C THR C 388 -9.06 -20.07 17.03
N ILE C 389 -9.72 -18.99 17.44
CA ILE C 389 -10.62 -18.26 16.54
C ILE C 389 -9.87 -17.06 15.96
N GLU C 390 -9.49 -17.18 14.69
CA GLU C 390 -8.88 -16.09 13.96
C GLU C 390 -9.94 -15.34 13.16
N GLU D 5 11.73 46.20 -21.67
CA GLU D 5 10.86 45.03 -21.65
C GLU D 5 9.86 45.04 -22.81
N SER D 6 9.43 46.23 -23.24
CA SER D 6 8.70 46.30 -24.49
C SER D 6 9.63 46.08 -25.67
N ALA D 7 10.92 46.37 -25.49
CA ALA D 7 11.89 45.95 -26.49
C ALA D 7 11.86 44.44 -26.66
N ALA D 8 11.92 43.71 -25.54
CA ALA D 8 11.90 42.26 -25.60
C ALA D 8 10.61 41.76 -26.23
N GLN D 9 9.47 42.25 -25.73
CA GLN D 9 8.17 41.92 -26.33
C GLN D 9 8.18 42.16 -27.83
N LYS D 10 8.68 43.32 -28.25
CA LYS D 10 8.72 43.63 -29.67
C LYS D 10 9.62 42.67 -30.42
N PHE D 11 10.76 42.30 -29.80
CA PHE D 11 11.67 41.35 -30.43
C PHE D 11 11.00 40.00 -30.65
N VAL D 12 10.43 39.41 -29.60
CA VAL D 12 9.79 38.11 -29.72
C VAL D 12 8.72 38.13 -30.81
N LYS D 13 7.81 39.11 -30.75
CA LYS D 13 6.79 39.21 -31.81
C LYS D 13 7.42 39.22 -33.20
N GLN D 14 8.58 39.88 -33.35
CA GLN D 14 9.19 39.97 -34.68
C GLN D 14 9.79 38.63 -35.11
N VAL D 15 10.43 37.93 -34.19
CA VAL D 15 11.01 36.64 -34.54
C VAL D 15 9.93 35.64 -34.93
N ILE D 16 8.84 35.58 -34.16
CA ILE D 16 7.76 34.67 -34.53
C ILE D 16 7.18 35.05 -35.89
N ARG D 17 6.94 36.36 -36.10
CA ARG D 17 6.48 36.83 -37.40
C ARG D 17 7.42 36.37 -38.51
N GLU D 18 8.73 36.55 -38.30
CA GLU D 18 9.69 36.20 -39.34
C GLU D 18 9.75 34.69 -39.57
N ALA D 19 9.76 33.89 -38.49
CA ALA D 19 9.74 32.44 -38.64
C ALA D 19 8.52 31.99 -39.44
N PHE D 20 7.36 32.59 -39.14
CA PHE D 20 6.12 32.26 -39.85
C PHE D 20 6.24 32.59 -41.33
N LEU D 21 6.61 33.84 -41.66
CA LEU D 21 6.73 34.20 -43.07
C LEU D 21 7.76 33.34 -43.78
N GLN D 22 8.84 32.96 -43.07
CA GLN D 22 9.88 32.11 -43.61
C GLN D 22 9.46 30.66 -43.79
N ASP D 23 8.33 30.23 -43.20
CA ASP D 23 8.02 28.81 -43.02
C ASP D 23 9.15 28.07 -42.29
N ALA D 24 9.82 28.74 -41.35
CA ALA D 24 10.77 28.04 -40.48
C ALA D 24 10.03 27.06 -39.58
N SER D 25 10.69 25.95 -39.28
CA SER D 25 10.11 24.94 -38.40
C SER D 25 10.36 25.24 -36.92
N ASP D 26 11.50 25.84 -36.57
CA ASP D 26 11.81 26.08 -35.18
C ASP D 26 12.57 27.39 -34.98
N ILE D 27 12.40 27.97 -33.80
CA ILE D 27 13.11 29.17 -33.36
C ILE D 27 13.94 28.83 -32.12
N HIS D 28 15.24 29.10 -32.18
CA HIS D 28 16.16 28.84 -31.07
C HIS D 28 16.69 30.16 -30.51
N ILE D 29 16.54 30.34 -29.21
CA ILE D 29 17.09 31.50 -28.50
C ILE D 29 18.12 30.97 -27.51
N GLU D 30 19.40 31.19 -27.82
CA GLU D 30 20.51 30.53 -27.12
C GLU D 30 21.47 31.53 -26.53
N PRO D 31 21.57 31.64 -25.20
CA PRO D 31 22.68 32.38 -24.61
C PRO D 31 24.00 31.69 -24.92
N ARG D 32 24.99 32.49 -25.34
CA ARG D 32 26.35 32.01 -25.49
C ARG D 32 27.22 32.67 -24.42
N GLN D 33 28.53 32.63 -24.61
CA GLN D 33 29.43 33.16 -23.60
C GLN D 33 29.31 34.68 -23.46
N ASN D 34 29.17 35.39 -24.59
CA ASN D 34 29.11 36.85 -24.57
C ASN D 34 27.92 37.47 -25.30
N ASP D 35 27.07 36.68 -25.92
CA ASP D 35 25.85 37.21 -26.51
C ASP D 35 24.76 36.15 -26.40
N VAL D 36 23.56 36.52 -26.85
CA VAL D 36 22.50 35.56 -27.12
C VAL D 36 22.35 35.48 -28.63
N GLN D 37 22.37 34.26 -29.16
CA GLN D 37 22.18 34.04 -30.58
C GLN D 37 20.76 33.54 -30.81
N VAL D 38 20.15 33.97 -31.92
CA VAL D 38 18.83 33.53 -32.31
C VAL D 38 18.97 32.80 -33.65
N ARG D 39 18.41 31.61 -33.73
CA ARG D 39 18.54 30.77 -34.90
C ARG D 39 17.17 30.29 -35.36
N LEU D 40 17.02 30.13 -36.68
CA LEU D 40 15.80 29.59 -37.25
C LEU D 40 16.17 28.33 -38.01
N ARG D 41 15.38 27.28 -37.84
CA ARG D 41 15.52 26.10 -38.70
C ARG D 41 14.67 26.30 -39.94
N ILE D 42 15.34 26.41 -41.08
CA ILE D 42 14.73 26.57 -42.39
C ILE D 42 15.18 25.40 -43.24
N ASP D 43 14.21 24.68 -43.81
CA ASP D 43 14.48 23.50 -44.65
C ASP D 43 15.49 22.57 -44.00
N GLY D 44 15.36 22.38 -42.68
CA GLY D 44 16.18 21.44 -41.97
C GLY D 44 17.42 22.02 -41.32
N ALA D 45 17.94 23.15 -41.79
CA ALA D 45 19.21 23.69 -41.29
C ALA D 45 18.97 24.94 -40.46
N LEU D 46 19.61 24.98 -39.29
CA LEU D 46 19.59 26.17 -38.45
C LEU D 46 20.42 27.27 -39.09
N ARG D 47 19.88 28.48 -39.09
CA ARG D 47 20.54 29.61 -39.70
C ARG D 47 20.53 30.77 -38.71
N PRO D 48 21.59 31.57 -38.68
CA PRO D 48 21.64 32.69 -37.73
C PRO D 48 20.72 33.82 -38.18
N TYR D 49 19.84 34.22 -37.27
CA TYR D 49 18.87 35.29 -37.49
C TYR D 49 19.36 36.63 -36.94
N SER D 50 19.75 36.66 -35.68
CA SER D 50 20.05 37.89 -34.97
C SER D 50 20.86 37.53 -33.73
N THR D 51 21.48 38.55 -33.12
CA THR D 51 22.20 38.41 -31.86
C THR D 51 21.79 39.54 -30.93
N LEU D 52 21.68 39.22 -29.64
CA LEU D 52 21.32 40.19 -28.61
C LEU D 52 22.40 40.16 -27.54
N PRO D 53 22.60 41.26 -26.81
CA PRO D 53 23.53 41.23 -25.67
C PRO D 53 23.00 40.34 -24.55
N LYS D 54 23.93 39.73 -23.83
CA LYS D 54 23.57 38.86 -22.71
C LYS D 54 22.63 39.57 -21.73
N GLY D 55 22.67 40.91 -21.71
CA GLY D 55 21.80 41.63 -20.79
C GLY D 55 20.32 41.50 -21.10
N ALA D 56 19.97 41.26 -22.37
CA ALA D 56 18.57 41.19 -22.79
C ALA D 56 17.92 39.82 -22.55
N LEU D 57 18.68 38.84 -22.06
CA LEU D 57 18.22 37.45 -22.08
C LEU D 57 16.99 37.26 -21.22
N ASN D 58 17.08 37.65 -19.95
CA ASN D 58 15.98 37.37 -19.05
C ASN D 58 14.70 38.08 -19.46
N ALA D 59 14.82 39.29 -20.00
CA ALA D 59 13.65 39.99 -20.50
C ALA D 59 12.97 39.19 -21.60
N VAL D 60 13.76 38.70 -22.56
CA VAL D 60 13.24 37.90 -23.66
C VAL D 60 12.62 36.61 -23.14
N ILE D 61 13.30 35.92 -22.21
CA ILE D 61 12.77 34.66 -21.70
C ILE D 61 11.52 34.90 -20.85
N SER D 62 11.46 36.02 -20.15
CA SER D 62 10.22 36.37 -19.45
C SER D 62 9.08 36.52 -20.45
N VAL D 63 9.33 37.29 -21.52
CA VAL D 63 8.31 37.49 -22.54
C VAL D 63 7.81 36.14 -23.05
N VAL D 64 8.75 35.28 -23.41
CA VAL D 64 8.39 33.99 -24.00
C VAL D 64 7.69 33.11 -22.96
N LYS D 65 8.14 33.15 -21.70
CA LYS D 65 7.49 32.34 -20.67
C LYS D 65 6.05 32.78 -20.45
N ILE D 66 5.81 34.10 -20.35
CA ILE D 66 4.43 34.55 -20.09
C ILE D 66 3.53 34.16 -21.24
N MET D 67 4.03 34.21 -22.47
CA MET D 67 3.21 33.80 -23.62
C MET D 67 2.81 32.33 -23.50
N GLY D 68 3.67 31.49 -22.93
CA GLY D 68 3.44 30.07 -22.81
C GLY D 68 2.94 29.60 -21.46
N GLY D 69 2.58 30.52 -20.56
CA GLY D 69 2.10 30.17 -19.24
C GLY D 69 3.14 29.58 -18.31
N LEU D 70 4.42 29.84 -18.56
CA LEU D 70 5.45 29.23 -17.74
C LEU D 70 5.75 30.10 -16.53
N ASN D 71 6.45 29.51 -15.57
CA ASN D 71 6.80 30.19 -14.34
C ASN D 71 8.13 30.91 -14.52
N ILE D 72 8.10 32.25 -14.43
CA ILE D 72 9.33 33.04 -14.52
C ILE D 72 10.26 32.73 -13.35
N ALA D 73 9.70 32.39 -12.18
CA ALA D 73 10.51 32.21 -10.98
C ALA D 73 11.41 30.98 -11.08
N GLU D 74 10.97 29.95 -11.80
CA GLU D 74 11.72 28.71 -11.96
C GLU D 74 12.71 28.88 -13.13
N LYS D 75 13.99 29.01 -12.82
CA LYS D 75 15.03 28.98 -13.83
C LYS D 75 15.91 27.74 -13.72
N ARG D 76 15.63 26.82 -12.80
CA ARG D 76 16.53 25.70 -12.58
C ARG D 76 16.11 24.42 -13.27
N LEU D 77 14.83 24.31 -13.64
CA LEU D 77 14.23 23.15 -14.26
C LEU D 77 13.69 23.50 -15.64
N PRO D 78 13.63 22.55 -16.57
CA PRO D 78 12.97 22.83 -17.83
C PRO D 78 11.47 22.79 -17.70
N GLN D 79 10.82 23.76 -18.32
CA GLN D 79 9.36 23.81 -18.43
C GLN D 79 9.00 23.73 -19.89
N ASP D 80 7.70 23.62 -20.18
CA ASP D 80 7.24 23.72 -21.57
C ASP D 80 5.75 24.01 -21.60
N GLY D 81 5.31 24.56 -22.72
CA GLY D 81 3.96 25.05 -22.85
C GLY D 81 3.65 25.37 -24.29
N ARG D 82 2.38 25.62 -24.52
CA ARG D 82 1.85 25.91 -25.85
C ARG D 82 1.63 27.41 -25.95
N VAL D 83 2.07 28.01 -27.05
CA VAL D 83 1.88 29.43 -27.29
C VAL D 83 0.92 29.56 -28.46
N ARG D 84 -0.18 30.27 -28.21
CA ARG D 84 -1.18 30.53 -29.24
C ARG D 84 -1.00 31.97 -29.70
N TYR D 85 -0.16 32.15 -30.72
CA TYR D 85 0.23 33.46 -31.20
C TYR D 85 -0.76 33.93 -32.26
N ARG D 86 -1.39 35.07 -31.99
CA ARG D 86 -2.41 35.67 -32.84
C ARG D 86 -2.11 37.16 -32.96
N GLU D 87 -1.60 37.58 -34.12
CA GLU D 87 -1.30 38.99 -34.43
C GLU D 87 -1.64 39.22 -35.90
N GLY D 88 -2.77 39.87 -36.15
CA GLY D 88 -3.21 40.12 -37.52
C GLY D 88 -3.35 38.83 -38.30
N ALA D 89 -2.64 38.73 -39.44
CA ALA D 89 -2.64 37.51 -40.24
C ALA D 89 -1.63 36.48 -39.78
N ILE D 90 -0.75 36.84 -38.84
CA ILE D 90 0.19 35.88 -38.29
C ILE D 90 -0.58 35.03 -37.27
N ASP D 91 -0.82 33.77 -37.62
CA ASP D 91 -1.57 32.89 -36.75
C ASP D 91 -0.85 31.57 -36.66
N VAL D 92 -0.22 31.29 -35.52
CA VAL D 92 0.53 30.05 -35.42
C VAL D 92 0.47 29.55 -33.99
N ASP D 93 0.41 28.22 -33.86
CA ASP D 93 0.65 27.52 -32.60
C ASP D 93 2.12 27.16 -32.49
N LEU D 94 2.70 27.50 -31.36
CA LEU D 94 4.09 27.16 -31.10
C LEU D 94 4.18 26.29 -29.84
N ARG D 95 4.99 25.25 -29.91
CA ARG D 95 5.40 24.48 -28.75
C ARG D 95 6.63 25.16 -28.16
N LEU D 96 6.55 25.56 -26.89
CA LEU D 96 7.62 26.28 -26.21
C LEU D 96 8.34 25.39 -25.21
N SER D 97 9.67 25.37 -25.27
CA SER D 97 10.48 24.59 -24.34
C SER D 97 11.61 25.46 -23.80
N THR D 98 11.65 25.66 -22.49
CA THR D 98 12.81 26.31 -21.90
C THR D 98 13.67 25.26 -21.21
N LEU D 99 14.97 25.55 -21.13
CA LEU D 99 15.95 24.62 -20.64
C LEU D 99 17.19 25.34 -20.12
N PRO D 100 17.58 25.08 -18.87
CA PRO D 100 18.76 25.76 -18.31
C PRO D 100 20.05 25.31 -18.99
N THR D 101 20.88 26.26 -19.35
CA THR D 101 22.25 25.97 -19.79
C THR D 101 23.22 26.72 -18.89
N VAL D 102 24.51 26.50 -19.14
CA VAL D 102 25.55 27.15 -18.32
C VAL D 102 25.47 28.66 -18.45
N TYR D 103 24.84 29.16 -19.51
CA TYR D 103 24.82 30.59 -19.75
C TYR D 103 23.45 31.20 -19.52
N GLY D 104 22.53 30.45 -18.91
CA GLY D 104 21.15 30.86 -18.70
C GLY D 104 20.17 30.03 -19.51
N GLU D 105 18.91 30.43 -19.49
CA GLU D 105 17.86 29.65 -20.12
C GLU D 105 17.89 29.78 -21.64
N LYS D 106 17.79 28.63 -22.32
CA LYS D 106 17.59 28.56 -23.75
C LYS D 106 16.13 28.27 -24.02
N ALA D 107 15.58 28.88 -25.06
CA ALA D 107 14.18 28.68 -25.43
C ALA D 107 14.10 28.20 -26.88
N VAL D 108 13.32 27.15 -27.10
CA VAL D 108 13.03 26.63 -28.42
C VAL D 108 11.52 26.70 -28.62
N MET D 109 11.08 27.33 -29.69
CA MET D 109 9.68 27.38 -30.06
C MET D 109 9.52 26.69 -31.40
N ARG D 110 8.81 25.56 -31.43
CA ARG D 110 8.57 24.87 -32.69
C ARG D 110 7.25 25.32 -33.30
N LEU D 111 7.25 25.59 -34.60
CA LEU D 111 6.02 26.03 -35.23
C LEU D 111 5.22 24.81 -35.67
N LEU D 112 4.13 24.53 -34.97
CA LEU D 112 3.21 23.50 -35.39
C LEU D 112 2.54 23.88 -36.71
N LYS D 113 2.26 22.88 -37.53
CA LYS D 113 1.50 23.11 -38.76
C LYS D 113 0.04 23.37 -38.44
N LYS D 114 -0.54 24.33 -39.16
CA LYS D 114 -1.95 24.67 -38.98
C LYS D 114 -2.83 23.44 -39.16
N ALA D 115 -3.79 23.27 -38.25
CA ALA D 115 -4.75 22.17 -38.29
C ALA D 115 -6.10 22.75 -38.70
N SER D 116 -6.28 22.90 -40.01
CA SER D 116 -7.39 23.68 -40.57
C SER D 116 -8.75 23.28 -39.98
N ASP D 117 -9.12 22.01 -40.11
CA ASP D 117 -10.49 21.58 -39.83
C ASP D 117 -10.50 20.31 -38.99
N ILE D 118 -11.57 20.14 -38.21
CA ILE D 118 -11.78 18.93 -37.41
C ILE D 118 -12.42 17.88 -38.30
N PRO D 119 -11.91 16.65 -38.30
CA PRO D 119 -12.45 15.61 -39.19
C PRO D 119 -13.57 14.80 -38.53
N GLU D 120 -14.32 14.12 -39.39
CA GLU D 120 -15.20 13.05 -38.91
C GLU D 120 -14.36 11.95 -38.28
N ILE D 121 -14.95 11.23 -37.32
CA ILE D 121 -14.20 10.18 -36.64
C ILE D 121 -13.64 9.15 -37.61
N GLU D 122 -14.22 9.04 -38.81
CA GLU D 122 -13.78 8.06 -39.79
C GLU D 122 -12.42 8.39 -40.40
N ASP D 123 -11.86 9.55 -40.08
CA ASP D 123 -10.55 9.93 -40.59
C ASP D 123 -9.55 10.16 -39.45
N LEU D 124 -9.87 9.71 -38.24
CA LEU D 124 -8.86 9.81 -37.19
C LEU D 124 -7.76 8.79 -37.35
N GLY D 125 -7.90 7.84 -38.25
CA GLY D 125 -6.85 6.90 -38.55
C GLY D 125 -6.91 5.58 -37.81
N PHE D 126 -8.10 5.17 -37.35
CA PHE D 126 -8.23 3.97 -36.53
C PHE D 126 -8.08 2.73 -37.40
N ALA D 127 -7.36 1.73 -36.88
CA ALA D 127 -7.45 0.40 -37.45
C ALA D 127 -8.91 -0.05 -37.42
N PRO D 128 -9.39 -0.76 -38.45
CA PRO D 128 -10.84 -0.91 -38.57
C PRO D 128 -11.46 -1.68 -37.41
N GLY D 129 -10.79 -2.72 -36.94
CA GLY D 129 -11.30 -3.45 -35.80
C GLY D 129 -11.40 -2.57 -34.57
N VAL D 130 -10.43 -1.67 -34.39
CA VAL D 130 -10.49 -0.77 -33.26
C VAL D 130 -11.56 0.28 -33.48
N PHE D 131 -11.77 0.70 -34.74
CA PHE D 131 -12.77 1.73 -35.00
C PHE D 131 -14.16 1.26 -34.62
N GLU D 132 -14.42 -0.04 -34.73
CA GLU D 132 -15.72 -0.54 -34.32
C GLU D 132 -15.91 -0.41 -32.82
N ARG D 133 -14.94 -0.89 -32.04
CA ARG D 133 -15.03 -0.75 -30.60
C ARG D 133 -15.06 0.72 -30.17
N PHE D 134 -14.36 1.58 -30.91
CA PHE D 134 -14.41 3.02 -30.63
C PHE D 134 -15.83 3.57 -30.79
N LYS D 135 -16.45 3.33 -31.95
CA LYS D 135 -17.83 3.79 -32.18
C LYS D 135 -18.78 3.23 -31.12
N GLU D 136 -18.63 1.94 -30.81
CA GLU D 136 -19.42 1.33 -29.76
C GLU D 136 -19.24 2.05 -28.41
N VAL D 137 -18.08 2.63 -28.14
CA VAL D 137 -17.87 3.21 -26.80
C VAL D 137 -18.39 4.64 -26.73
N ILE D 138 -18.23 5.43 -27.80
CA ILE D 138 -18.72 6.80 -27.76
C ILE D 138 -20.22 6.88 -27.96
N SER D 139 -20.85 5.75 -28.32
CA SER D 139 -22.31 5.69 -28.47
C SER D 139 -23.04 5.34 -27.19
N LYS D 140 -22.32 5.03 -26.11
CA LYS D 140 -22.98 4.81 -24.84
C LYS D 140 -23.74 6.07 -24.43
N PRO D 141 -24.82 5.95 -23.66
CA PRO D 141 -25.58 7.13 -23.25
C PRO D 141 -25.02 7.84 -22.04
N TYR D 142 -24.11 7.21 -21.29
CA TYR D 142 -23.49 7.86 -20.14
C TYR D 142 -22.26 7.05 -19.74
N GLY D 143 -21.57 7.53 -18.71
CA GLY D 143 -20.24 7.05 -18.40
C GLY D 143 -19.18 8.07 -18.80
N ILE D 144 -17.99 7.91 -18.23
CA ILE D 144 -16.85 8.76 -18.58
C ILE D 144 -15.94 7.99 -19.53
N PHE D 145 -15.54 8.66 -20.61
CA PHE D 145 -14.59 8.17 -21.60
C PHE D 145 -13.34 9.02 -21.52
N LEU D 146 -12.19 8.40 -21.23
CA LEU D 146 -10.92 9.10 -21.06
C LEU D 146 -10.12 9.03 -22.34
N ILE D 147 -9.67 10.20 -22.82
CA ILE D 147 -8.69 10.31 -23.90
C ILE D 147 -7.36 10.68 -23.27
N THR D 148 -6.33 9.88 -23.49
CA THR D 148 -5.11 10.04 -22.73
C THR D 148 -3.90 9.94 -23.64
N GLY D 149 -2.79 10.47 -23.16
CA GLY D 149 -1.54 10.51 -23.88
C GLY D 149 -0.65 11.61 -23.36
N PRO D 150 0.63 11.61 -23.76
CA PRO D 150 1.54 12.69 -23.37
C PRO D 150 1.17 13.99 -24.05
N THR D 151 1.69 15.08 -23.50
CA THR D 151 1.56 16.41 -24.10
C THR D 151 1.69 16.38 -25.62
N GLY D 152 0.75 17.04 -26.30
CA GLY D 152 0.82 17.18 -27.75
C GLY D 152 0.60 15.92 -28.54
N SER D 153 -0.01 14.90 -27.95
CA SER D 153 -0.25 13.63 -28.64
C SER D 153 -1.56 13.60 -29.41
N GLY D 154 -2.31 14.69 -29.47
CA GLY D 154 -3.51 14.74 -30.28
C GLY D 154 -4.82 14.49 -29.57
N LYS D 155 -4.86 14.61 -28.23
CA LYS D 155 -6.06 14.26 -27.46
C LYS D 155 -7.20 15.22 -27.72
N SER D 156 -6.91 16.52 -27.83
CA SER D 156 -7.95 17.51 -28.09
C SER D 156 -8.56 17.31 -29.47
N PHE D 157 -7.71 17.27 -30.48
CA PHE D 157 -8.13 16.93 -31.83
C PHE D 157 -9.09 15.77 -31.86
N THR D 158 -8.70 14.64 -31.26
CA THR D 158 -9.58 13.48 -31.19
C THR D 158 -10.87 13.80 -30.45
N THR D 159 -10.77 14.64 -29.41
CA THR D 159 -11.92 14.94 -28.56
C THR D 159 -12.99 15.69 -29.33
N PHE D 160 -12.59 16.70 -30.11
CA PHE D 160 -13.57 17.47 -30.87
C PHE D 160 -14.13 16.65 -32.02
N SER D 161 -13.32 15.78 -32.60
CA SER D 161 -13.82 14.88 -33.64
C SER D 161 -14.95 14.02 -33.08
N ILE D 162 -14.77 13.51 -31.85
CA ILE D 162 -15.83 12.77 -31.16
C ILE D 162 -17.08 13.64 -31.01
N LEU D 163 -16.90 14.85 -30.46
CA LEU D 163 -18.03 15.76 -30.26
C LEU D 163 -18.72 16.04 -31.57
N LYS D 164 -17.95 16.21 -32.65
CA LYS D 164 -18.55 16.40 -33.97
C LYS D 164 -19.61 15.35 -34.25
N ARG D 165 -19.31 14.09 -33.93
CA ARG D 165 -20.25 13.03 -34.23
C ARG D 165 -21.43 13.02 -33.27
N ILE D 166 -21.19 13.06 -31.95
CA ILE D 166 -22.22 12.68 -30.98
C ILE D 166 -22.99 13.87 -30.41
N ALA D 167 -22.61 15.10 -30.72
CA ALA D 167 -23.33 16.25 -30.16
C ALA D 167 -24.44 16.65 -31.13
N THR D 168 -25.51 15.87 -31.12
CA THR D 168 -26.67 16.10 -31.94
C THR D 168 -27.55 17.21 -31.34
N PRO D 169 -28.42 17.84 -32.15
CA PRO D 169 -29.22 18.96 -31.62
C PRO D 169 -30.32 18.55 -30.66
N ASP D 170 -30.62 17.25 -30.52
CA ASP D 170 -31.52 16.87 -29.43
C ASP D 170 -30.85 16.92 -28.05
N LYS D 171 -29.52 17.10 -27.99
CA LYS D 171 -28.78 17.05 -26.72
C LYS D 171 -28.15 18.39 -26.41
N ASN D 172 -27.86 18.57 -25.12
CA ASN D 172 -27.11 19.71 -24.61
C ASN D 172 -25.67 19.25 -24.41
N THR D 173 -24.74 19.90 -25.09
CA THR D 173 -23.32 19.55 -25.02
C THR D 173 -22.61 20.76 -24.45
N GLN D 174 -21.91 20.57 -23.33
CA GLN D 174 -21.28 21.66 -22.61
C GLN D 174 -19.86 21.29 -22.22
N THR D 175 -18.90 22.16 -22.56
CA THR D 175 -17.47 21.91 -22.36
C THR D 175 -16.87 22.93 -21.39
N ILE D 176 -15.78 22.53 -20.71
CA ILE D 176 -14.92 23.44 -19.97
C ILE D 176 -13.48 23.20 -20.39
N GLU D 177 -12.80 24.25 -20.85
CA GLU D 177 -11.52 24.10 -21.53
C GLU D 177 -10.54 25.19 -21.08
N ASP D 178 -9.25 24.86 -21.19
CA ASP D 178 -8.16 25.76 -20.79
C ASP D 178 -7.04 25.64 -21.81
N PRO D 179 -7.15 26.36 -22.95
CA PRO D 179 -8.25 27.23 -23.32
C PRO D 179 -9.21 26.61 -24.34
N VAL D 180 -10.22 27.37 -24.73
CA VAL D 180 -11.05 27.00 -25.88
C VAL D 180 -10.25 27.24 -27.15
N GLU D 181 -10.08 26.18 -27.94
CA GLU D 181 -9.23 26.20 -29.13
C GLU D 181 -10.04 26.33 -30.41
N TYR D 182 -10.86 25.34 -30.72
CA TYR D 182 -11.79 25.37 -31.84
C TYR D 182 -13.17 25.81 -31.35
N GLU D 183 -13.88 26.56 -32.19
CA GLU D 183 -15.31 26.85 -32.00
C GLU D 183 -16.07 25.88 -32.88
N ILE D 184 -16.79 24.95 -32.27
CA ILE D 184 -17.54 23.92 -32.99
C ILE D 184 -19.03 24.25 -32.87
N PRO D 185 -19.79 24.23 -33.96
CA PRO D 185 -21.15 24.77 -33.93
C PRO D 185 -22.10 23.92 -33.11
N GLY D 186 -23.06 24.59 -32.49
CA GLY D 186 -24.04 23.88 -31.68
C GLY D 186 -23.46 23.08 -30.54
N ILE D 187 -22.35 23.54 -29.96
CA ILE D 187 -21.80 23.07 -28.71
C ILE D 187 -21.69 24.29 -27.80
N ASN D 188 -21.96 24.14 -26.51
CA ASN D 188 -21.69 25.21 -25.57
C ASN D 188 -20.29 25.07 -24.98
N GLN D 189 -19.52 26.15 -24.95
CA GLN D 189 -18.11 26.06 -24.58
C GLN D 189 -17.76 27.16 -23.61
N THR D 190 -17.10 26.79 -22.51
CA THR D 190 -16.77 27.69 -21.41
C THR D 190 -15.28 27.60 -21.13
N GLN D 191 -14.63 28.76 -20.99
CA GLN D 191 -13.20 28.80 -20.78
C GLN D 191 -12.86 29.08 -19.32
N VAL D 192 -11.87 28.35 -18.81
CA VAL D 192 -11.35 28.60 -17.46
C VAL D 192 -10.81 30.02 -17.38
N ASN D 193 -11.12 30.70 -16.28
CA ASN D 193 -10.78 32.11 -16.10
C ASN D 193 -10.29 32.28 -14.67
N PRO D 194 -8.98 32.03 -14.43
CA PRO D 194 -8.47 32.04 -13.05
C PRO D 194 -8.64 33.37 -12.33
N GLN D 195 -8.40 34.49 -13.02
CA GLN D 195 -8.70 35.82 -12.48
C GLN D 195 -10.03 35.82 -11.78
N ALA D 196 -11.09 35.64 -12.58
CA ALA D 196 -12.46 35.66 -12.04
C ALA D 196 -12.69 34.59 -11.00
N GLY D 197 -11.87 33.55 -10.98
CA GLY D 197 -12.07 32.43 -10.08
C GLY D 197 -12.79 31.26 -10.69
N LEU D 198 -12.93 31.22 -12.02
CA LEU D 198 -13.69 30.19 -12.72
C LEU D 198 -12.79 28.99 -12.99
N THR D 199 -12.68 28.13 -11.99
CA THR D 199 -11.84 26.96 -12.15
C THR D 199 -12.58 25.87 -12.91
N PHE D 200 -11.81 24.85 -13.31
CA PHE D 200 -12.40 23.64 -13.87
C PHE D 200 -13.48 23.08 -12.95
N ALA D 201 -13.22 23.09 -11.65
CA ALA D 201 -14.14 22.46 -10.73
C ALA D 201 -15.36 23.32 -10.49
N ARG D 202 -15.17 24.63 -10.29
CA ARG D 202 -16.33 25.49 -10.14
C ARG D 202 -17.26 25.40 -11.34
N ALA D 203 -16.69 25.44 -12.56
CA ALA D 203 -17.46 25.32 -13.78
C ALA D 203 -18.23 24.00 -13.80
N LEU D 204 -17.50 22.88 -13.70
CA LEU D 204 -18.14 21.57 -13.70
C LEU D 204 -19.31 21.51 -12.70
N ARG D 205 -19.11 22.07 -11.50
CA ARG D 205 -20.19 22.01 -10.51
C ARG D 205 -21.40 22.80 -10.97
N ALA D 206 -21.16 23.94 -11.63
CA ALA D 206 -22.27 24.69 -12.22
C ALA D 206 -22.95 23.90 -13.34
N PHE D 207 -22.16 23.10 -14.07
CA PHE D 207 -22.72 22.34 -15.19
C PHE D 207 -23.84 21.42 -14.73
N LEU D 208 -23.83 21.02 -13.47
CA LEU D 208 -24.85 20.07 -13.03
C LEU D 208 -26.24 20.71 -12.90
N ARG D 209 -26.37 22.02 -13.11
CA ARG D 209 -27.67 22.68 -13.13
C ARG D 209 -27.98 23.28 -14.49
N GLN D 210 -27.30 22.80 -15.53
CA GLN D 210 -27.46 23.31 -16.89
C GLN D 210 -28.10 22.27 -17.79
N ASP D 211 -28.70 21.25 -17.19
CA ASP D 211 -29.38 20.17 -17.91
C ASP D 211 -28.54 19.65 -19.07
N PRO D 212 -27.35 19.12 -18.80
CA PRO D 212 -26.48 18.65 -19.87
C PRO D 212 -26.73 17.17 -20.18
N ASP D 213 -26.38 16.79 -21.40
CA ASP D 213 -26.32 15.42 -21.87
C ASP D 213 -24.90 14.92 -22.05
N ILE D 214 -24.05 15.78 -22.60
CA ILE D 214 -22.65 15.48 -22.85
C ILE D 214 -21.80 16.57 -22.19
N ILE D 215 -20.85 16.16 -21.36
CA ILE D 215 -19.89 17.06 -20.75
C ILE D 215 -18.52 16.70 -21.28
N MET D 216 -17.79 17.70 -21.75
CA MET D 216 -16.39 17.53 -22.10
C MET D 216 -15.54 18.30 -21.11
N VAL D 217 -14.65 17.61 -20.43
CA VAL D 217 -13.70 18.22 -19.50
C VAL D 217 -12.34 18.28 -20.20
N GLY D 218 -11.87 19.47 -20.53
CA GLY D 218 -10.68 19.57 -21.35
C GLY D 218 -9.42 19.07 -20.66
N GLU D 219 -9.43 19.03 -19.33
CA GLU D 219 -8.31 18.51 -18.55
C GLU D 219 -8.79 18.17 -17.15
N ILE D 220 -8.64 16.90 -16.78
CA ILE D 220 -8.71 16.47 -15.39
C ILE D 220 -7.29 16.58 -14.84
N ARG D 221 -7.04 17.59 -14.02
CA ARG D 221 -5.70 17.81 -13.51
C ARG D 221 -5.70 18.14 -12.03
N ASP D 222 -6.86 18.24 -11.40
CA ASP D 222 -6.93 18.33 -9.95
C ASP D 222 -7.93 17.31 -9.43
N SER D 223 -7.76 16.99 -8.15
CA SER D 223 -8.52 15.92 -7.51
C SER D 223 -10.03 16.24 -7.51
N GLU D 224 -10.40 17.49 -7.25
CA GLU D 224 -11.81 17.88 -7.20
C GLU D 224 -12.52 17.68 -8.55
N THR D 225 -11.83 18.03 -9.64
CA THR D 225 -12.37 17.85 -10.99
C THR D 225 -12.58 16.37 -11.31
N ALA D 226 -11.56 15.55 -11.05
CA ALA D 226 -11.71 14.11 -11.23
C ALA D 226 -12.93 13.59 -10.48
N LYS D 227 -13.15 14.10 -9.26
CA LYS D 227 -14.26 13.57 -8.48
C LYS D 227 -15.58 14.02 -9.08
N ILE D 228 -15.70 15.30 -9.44
CA ILE D 228 -16.95 15.78 -10.02
C ILE D 228 -17.20 15.14 -11.39
N ALA D 229 -16.16 14.96 -12.21
CA ALA D 229 -16.37 14.33 -13.51
C ALA D 229 -16.90 12.90 -13.35
N THR D 230 -16.39 12.15 -12.37
CA THR D 230 -16.84 10.78 -12.19
C THR D 230 -18.26 10.72 -11.64
N GLU D 231 -18.58 11.59 -10.69
CA GLU D 231 -19.96 11.77 -10.25
C GLU D 231 -20.89 12.00 -11.44
N ALA D 232 -20.56 12.97 -12.29
CA ALA D 232 -21.43 13.33 -13.41
C ALA D 232 -21.66 12.13 -14.31
N ALA D 233 -20.62 11.32 -14.56
CA ALA D 233 -20.80 10.09 -15.31
C ALA D 233 -21.70 9.10 -14.57
N LEU D 234 -21.50 8.97 -13.25
CA LEU D 234 -22.26 8.01 -12.47
C LEU D 234 -23.76 8.32 -12.49
N THR D 235 -24.12 9.60 -12.47
CA THR D 235 -25.52 10.00 -12.36
C THR D 235 -26.24 10.00 -13.70
N GLY D 236 -25.56 9.67 -14.79
CA GLY D 236 -26.20 9.50 -16.07
C GLY D 236 -25.84 10.51 -17.13
N HIS D 237 -24.80 11.31 -16.92
CA HIS D 237 -24.28 12.14 -17.98
C HIS D 237 -23.13 11.41 -18.68
N LEU D 238 -22.97 11.67 -19.97
CA LEU D 238 -21.79 11.22 -20.71
C LEU D 238 -20.67 12.24 -20.56
N VAL D 239 -19.50 11.81 -20.08
CA VAL D 239 -18.35 12.67 -19.86
C VAL D 239 -17.19 12.20 -20.73
N ILE D 240 -16.76 13.08 -21.63
CA ILE D 240 -15.50 12.94 -22.37
C ILE D 240 -14.47 13.83 -21.69
N ALA D 241 -13.31 13.27 -21.30
CA ALA D 241 -12.34 14.08 -20.57
C ALA D 241 -10.92 13.67 -20.95
N THR D 242 -9.99 14.60 -20.78
CA THR D 242 -8.58 14.41 -21.16
C THR D 242 -7.74 14.16 -19.92
N LEU D 243 -6.88 13.16 -19.96
CA LEU D 243 -5.98 12.86 -18.84
C LEU D 243 -4.57 12.68 -19.38
N HIS D 244 -3.61 13.30 -18.71
CA HIS D 244 -2.21 13.13 -19.10
C HIS D 244 -1.65 11.86 -18.46
N THR D 245 -1.53 10.79 -19.24
CA THR D 245 -0.82 9.57 -18.83
C THR D 245 -0.16 8.96 -20.05
N ASN D 246 0.57 7.88 -19.84
CA ASN D 246 1.31 7.26 -20.92
C ASN D 246 0.69 5.97 -21.41
N ASP D 247 -0.16 5.34 -20.62
CA ASP D 247 -0.83 4.13 -21.02
C ASP D 247 -2.31 4.29 -20.74
N ALA D 248 -3.11 3.52 -21.47
CA ALA D 248 -4.52 3.47 -21.16
C ALA D 248 -4.74 2.97 -19.74
N ALA D 249 -4.19 1.79 -19.42
CA ALA D 249 -4.38 1.20 -18.09
C ALA D 249 -3.98 2.16 -16.97
N GLN D 250 -2.93 2.96 -17.18
CA GLN D 250 -2.46 3.88 -16.14
C GLN D 250 -3.47 5.00 -15.85
N ALA D 251 -4.41 5.25 -16.76
CA ALA D 251 -5.43 6.25 -16.46
C ALA D 251 -6.28 5.82 -15.28
N ILE D 252 -6.59 4.51 -15.21
CA ILE D 252 -7.35 3.96 -14.09
C ILE D 252 -6.66 4.29 -12.77
N THR D 253 -5.39 3.90 -12.65
CA THR D 253 -4.64 4.12 -11.42
C THR D 253 -4.44 5.61 -11.17
N ARG D 254 -4.35 6.40 -12.22
CA ARG D 254 -4.18 7.83 -12.02
C ARG D 254 -5.41 8.48 -11.39
N LEU D 255 -6.60 8.08 -11.82
CA LEU D 255 -7.82 8.52 -11.14
C LEU D 255 -7.83 8.10 -9.68
N ASP D 256 -7.52 6.82 -9.42
CA ASP D 256 -7.36 6.33 -8.06
C ASP D 256 -6.43 7.24 -7.25
N GLU D 257 -5.25 7.53 -7.81
CA GLU D 257 -4.30 8.43 -7.17
C GLU D 257 -4.91 9.80 -6.89
N MET D 258 -5.80 10.29 -7.76
CA MET D 258 -6.32 11.62 -7.53
C MET D 258 -7.44 11.65 -6.50
N GLY D 259 -7.89 10.48 -6.04
CA GLY D 259 -8.89 10.42 -5.00
C GLY D 259 -10.27 9.99 -5.43
N VAL D 260 -10.43 9.40 -6.62
CA VAL D 260 -11.70 8.79 -6.99
C VAL D 260 -11.77 7.42 -6.35
N GLU D 261 -12.86 7.14 -5.64
CA GLU D 261 -13.03 5.80 -5.07
C GLU D 261 -13.00 4.77 -6.18
N PRO D 262 -12.27 3.66 -6.01
CA PRO D 262 -12.25 2.61 -7.05
C PRO D 262 -13.62 2.10 -7.44
N PHE D 263 -14.59 2.07 -6.51
CA PHE D 263 -15.90 1.57 -6.90
C PHE D 263 -16.57 2.55 -7.85
N ASN D 264 -16.39 3.85 -7.63
CA ASN D 264 -16.85 4.86 -8.58
C ASN D 264 -16.08 4.82 -9.91
N ILE D 265 -14.78 4.50 -9.88
CA ILE D 265 -14.07 4.29 -11.13
C ILE D 265 -14.72 3.14 -11.90
N SER D 266 -15.06 2.06 -11.20
CA SER D 266 -15.53 0.85 -11.88
C SER D 266 -16.92 1.03 -12.46
N ALA D 267 -17.75 1.84 -11.80
CA ALA D 267 -19.12 2.02 -12.27
C ALA D 267 -19.19 3.03 -13.40
N ALA D 268 -18.32 4.04 -13.40
CA ALA D 268 -18.46 5.18 -14.31
C ALA D 268 -17.64 5.06 -15.59
N LEU D 269 -16.55 4.31 -15.60
CA LEU D 269 -15.60 4.39 -16.69
C LEU D 269 -15.99 3.44 -17.81
N ILE D 270 -16.21 3.96 -19.01
CA ILE D 270 -16.61 3.08 -20.11
C ILE D 270 -15.45 2.72 -21.01
N GLY D 271 -14.35 3.43 -20.94
CA GLY D 271 -13.19 3.13 -21.75
C GLY D 271 -12.13 4.19 -21.61
N VAL D 272 -10.89 3.85 -21.96
CA VAL D 272 -9.76 4.77 -21.94
C VAL D 272 -9.04 4.64 -23.27
N LEU D 273 -8.87 5.75 -23.98
CA LEU D 273 -8.10 5.79 -25.21
C LEU D 273 -6.76 6.48 -24.94
N SER D 274 -5.68 5.83 -25.35
CA SER D 274 -4.36 6.44 -25.27
C SER D 274 -3.80 6.53 -26.67
N GLN D 275 -3.18 7.65 -27.00
CA GLN D 275 -2.71 7.77 -28.37
C GLN D 275 -1.37 8.48 -28.45
N ARG D 276 -0.76 8.35 -29.63
CA ARG D 276 0.48 9.02 -29.98
C ARG D 276 0.45 9.43 -31.44
N LEU D 277 1.35 10.32 -31.81
CA LEU D 277 1.50 10.75 -33.18
C LEU D 277 2.86 10.27 -33.71
N VAL D 278 2.84 9.65 -34.90
CA VAL D 278 4.05 9.26 -35.62
C VAL D 278 4.09 10.02 -36.93
N ARG D 279 5.32 10.26 -37.40
CA ARG D 279 5.47 10.99 -38.64
C ARG D 279 5.12 10.09 -39.80
N ARG D 280 4.52 10.70 -40.83
CA ARG D 280 3.99 9.97 -41.97
C ARG D 280 5.00 9.93 -43.10
N VAL D 281 5.23 8.73 -43.64
CA VAL D 281 6.20 8.55 -44.73
C VAL D 281 5.77 9.36 -45.96
N CYS D 282 6.74 9.99 -46.61
CA CYS D 282 6.46 10.68 -47.86
C CYS D 282 6.03 9.68 -48.93
N GLU D 283 4.93 9.99 -49.63
CA GLU D 283 4.35 9.01 -50.54
C GLU D 283 5.13 8.90 -51.85
N HIS D 284 5.95 9.89 -52.19
CA HIS D 284 6.59 9.91 -53.50
C HIS D 284 7.91 9.14 -53.51
N CYS D 285 8.80 9.43 -52.55
CA CYS D 285 10.08 8.75 -52.42
C CYS D 285 10.01 7.49 -51.56
N LYS D 286 8.83 6.93 -51.38
CA LYS D 286 8.70 5.74 -50.56
C LYS D 286 9.38 4.56 -51.24
N VAL D 287 10.06 3.72 -50.43
CA VAL D 287 10.71 2.51 -50.89
C VAL D 287 10.33 1.35 -49.99
N GLU D 288 10.45 0.15 -50.54
CA GLU D 288 10.14 -1.06 -49.79
C GLU D 288 11.38 -1.55 -49.04
N VAL D 289 11.15 -2.12 -47.86
CA VAL D 289 12.23 -2.65 -47.04
C VAL D 289 11.86 -4.07 -46.63
N LYS D 290 12.74 -5.01 -46.93
CA LYS D 290 12.57 -6.38 -46.43
C LYS D 290 13.02 -6.43 -44.98
N PRO D 291 12.14 -6.71 -44.04
CA PRO D 291 12.53 -6.71 -42.63
C PRO D 291 13.22 -8.00 -42.22
N ASP D 292 13.75 -7.98 -41.02
CA ASP D 292 14.26 -9.17 -40.40
C ASP D 292 13.10 -9.95 -39.80
N PRO D 293 12.94 -11.24 -40.13
CA PRO D 293 11.86 -12.02 -39.51
C PRO D 293 11.93 -12.03 -38.00
N GLU D 294 13.12 -11.91 -37.42
CA GLU D 294 13.24 -12.00 -35.97
C GLU D 294 12.74 -10.74 -35.28
N THR D 295 12.89 -9.57 -35.93
CA THR D 295 12.30 -8.35 -35.39
C THR D 295 10.79 -8.46 -35.31
N LEU D 296 10.14 -8.80 -36.43
CA LEU D 296 8.68 -8.93 -36.43
C LEU D 296 8.23 -10.00 -35.44
N ARG D 297 9.03 -11.05 -35.29
CA ARG D 297 8.76 -12.06 -34.27
C ARG D 297 8.77 -11.44 -32.88
N ARG D 298 9.87 -10.78 -32.50
CA ARG D 298 9.98 -10.22 -31.16
C ARG D 298 8.97 -9.12 -30.93
N LEU D 299 8.45 -8.49 -31.98
CA LEU D 299 7.36 -7.53 -31.85
C LEU D 299 6.00 -8.20 -31.79
N GLY D 300 5.95 -9.54 -31.81
CA GLY D 300 4.72 -10.30 -31.63
C GLY D 300 3.87 -10.47 -32.87
N LEU D 301 4.39 -10.20 -34.06
CA LEU D 301 3.64 -10.43 -35.28
C LEU D 301 3.54 -11.93 -35.57
N SER D 302 2.36 -12.38 -35.96
CA SER D 302 2.11 -13.82 -36.01
C SER D 302 2.91 -14.48 -37.14
N GLU D 303 3.36 -15.71 -36.87
CA GLU D 303 4.29 -16.37 -37.78
C GLU D 303 3.74 -16.44 -39.19
N ALA D 304 2.43 -16.69 -39.33
CA ALA D 304 1.84 -16.76 -40.66
C ALA D 304 1.94 -15.43 -41.38
N GLU D 305 1.97 -14.31 -40.63
CA GLU D 305 2.03 -13.00 -41.26
C GLU D 305 3.43 -12.63 -41.70
N ILE D 306 4.47 -13.18 -41.06
CA ILE D 306 5.84 -12.73 -41.33
C ILE D 306 6.22 -12.95 -42.78
N GLN D 307 5.84 -14.10 -43.34
CA GLN D 307 6.04 -14.34 -44.76
C GLN D 307 5.27 -13.29 -45.55
N GLY D 308 5.98 -12.51 -46.35
CA GLY D 308 5.34 -11.49 -47.13
C GLY D 308 5.10 -10.17 -46.42
N ALA D 309 5.51 -10.04 -45.17
CA ALA D 309 5.44 -8.74 -44.52
C ALA D 309 6.49 -7.82 -45.10
N ARG D 310 6.16 -6.54 -45.23
CA ARG D 310 7.10 -5.54 -45.69
C ARG D 310 6.95 -4.28 -44.86
N LEU D 311 8.08 -3.58 -44.68
CA LEU D 311 8.15 -2.26 -44.10
C LEU D 311 8.61 -1.26 -45.17
N TYR D 312 8.41 0.02 -44.88
CA TYR D 312 8.64 1.07 -45.84
C TYR D 312 9.40 2.20 -45.17
N LYS D 313 10.06 3.02 -45.98
CA LYS D 313 10.69 4.22 -45.49
C LYS D 313 10.78 5.20 -46.66
N GLY D 314 10.82 6.48 -46.34
CA GLY D 314 11.04 7.50 -47.35
C GLY D 314 12.52 7.72 -47.59
N MET D 315 12.92 7.65 -48.86
CA MET D 315 14.32 7.91 -49.18
C MET D 315 14.68 9.39 -49.10
N GLY D 316 13.69 10.27 -48.92
CA GLY D 316 13.92 11.69 -48.97
C GLY D 316 13.90 12.19 -50.41
N CYS D 317 12.99 13.12 -50.71
CA CYS D 317 12.91 13.72 -52.03
C CYS D 317 12.57 15.20 -51.87
N GLU D 318 12.29 15.83 -53.02
CA GLU D 318 11.90 17.23 -53.10
C GLU D 318 10.67 17.50 -52.24
N ARG D 319 9.63 16.69 -52.40
CA ARG D 319 8.33 16.91 -51.79
C ARG D 319 8.34 16.87 -50.27
N CYS D 320 9.40 16.33 -49.64
CA CYS D 320 9.45 16.18 -48.19
C CYS D 320 10.70 16.81 -47.57
N GLY D 321 11.39 17.67 -48.30
CA GLY D 321 12.54 18.33 -47.73
C GLY D 321 13.68 17.38 -47.39
N GLY D 322 13.84 16.34 -48.19
CA GLY D 322 14.81 15.29 -47.91
C GLY D 322 14.59 14.49 -46.65
N THR D 323 13.49 14.71 -45.91
CA THR D 323 13.28 14.07 -44.62
C THR D 323 12.60 12.71 -44.70
N GLY D 324 12.03 12.35 -45.86
CA GLY D 324 11.31 11.10 -45.99
C GLY D 324 9.95 11.07 -45.34
N TYR D 325 9.54 12.15 -44.70
CA TYR D 325 8.28 12.24 -43.97
C TYR D 325 7.52 13.48 -44.39
N LYS D 326 6.20 13.36 -44.48
CA LYS D 326 5.34 14.52 -44.61
C LYS D 326 4.05 14.20 -43.89
N GLY D 327 3.68 15.04 -42.93
CA GLY D 327 2.46 14.82 -42.19
C GLY D 327 2.66 13.92 -40.99
N ARG D 328 1.58 13.78 -40.23
CA ARG D 328 1.57 12.95 -39.03
C ARG D 328 0.36 12.04 -39.10
N TYR D 329 0.31 11.08 -38.18
CA TYR D 329 -0.71 10.03 -38.17
C TYR D 329 -0.78 9.46 -36.77
N ALA D 330 -1.97 9.07 -36.35
CA ALA D 330 -2.17 8.63 -34.98
C ALA D 330 -2.03 7.12 -34.86
N ILE D 331 -1.54 6.68 -33.68
CA ILE D 331 -1.60 5.28 -33.28
C ILE D 331 -2.34 5.20 -31.94
N HIS D 332 -3.00 4.07 -31.71
CA HIS D 332 -4.07 4.02 -30.72
C HIS D 332 -4.01 2.76 -29.87
N GLU D 333 -4.28 2.94 -28.58
CA GLU D 333 -4.62 1.86 -27.67
C GLU D 333 -5.99 2.14 -27.10
N LEU D 334 -6.94 1.23 -27.32
CA LEU D 334 -8.30 1.43 -26.83
C LEU D 334 -8.66 0.34 -25.83
N LEU D 335 -8.74 0.73 -24.56
CA LEU D 335 -9.18 -0.16 -23.48
C LEU D 335 -10.69 0.02 -23.27
N VAL D 336 -11.46 -1.05 -23.47
CA VAL D 336 -12.91 -1.02 -23.26
C VAL D 336 -13.22 -1.79 -21.98
N VAL D 337 -13.69 -1.05 -20.97
CA VAL D 337 -14.03 -1.66 -19.69
C VAL D 337 -15.13 -2.68 -19.91
N ASP D 338 -14.94 -3.88 -19.38
CA ASP D 338 -15.97 -4.90 -19.37
C ASP D 338 -16.00 -5.46 -17.95
N ASP D 339 -16.67 -6.62 -17.80
CA ASP D 339 -16.87 -7.21 -16.48
C ASP D 339 -15.54 -7.44 -15.76
N GLU D 340 -14.59 -8.11 -16.42
CA GLU D 340 -13.37 -8.49 -15.74
C GLU D 340 -12.54 -7.28 -15.31
N ILE D 341 -12.51 -6.24 -16.16
CA ILE D 341 -11.78 -5.02 -15.82
C ILE D 341 -12.45 -4.31 -14.64
N ARG D 342 -13.79 -4.25 -14.64
CA ARG D 342 -14.49 -3.70 -13.48
C ARG D 342 -14.10 -4.43 -12.20
N HIS D 343 -14.02 -5.77 -12.24
CA HIS D 343 -13.61 -6.51 -11.05
C HIS D 343 -12.17 -6.18 -10.67
N ALA D 344 -11.27 -6.15 -11.66
CA ALA D 344 -9.88 -5.82 -11.36
C ALA D 344 -9.75 -4.45 -10.72
N ILE D 345 -10.57 -3.48 -11.16
CA ILE D 345 -10.48 -2.13 -10.62
C ILE D 345 -10.88 -2.08 -9.15
N VAL D 346 -11.99 -2.76 -8.78
CA VAL D 346 -12.41 -2.78 -7.38
C VAL D 346 -11.44 -3.62 -6.55
N ALA D 347 -10.94 -4.72 -7.13
CA ALA D 347 -9.93 -5.55 -6.46
C ALA D 347 -8.66 -4.77 -6.15
N GLY D 348 -8.35 -3.75 -6.95
CA GLY D 348 -7.14 -2.98 -6.76
C GLY D 348 -5.94 -3.47 -7.55
N LYS D 349 -6.14 -4.31 -8.56
CA LYS D 349 -5.07 -4.78 -9.42
C LYS D 349 -4.33 -3.58 -10.00
N SER D 350 -3.11 -3.79 -10.47
CA SER D 350 -2.33 -2.66 -10.92
C SER D 350 -2.50 -2.41 -12.42
N ALA D 351 -1.93 -1.29 -12.87
CA ALA D 351 -1.97 -0.93 -14.29
C ALA D 351 -1.50 -2.08 -15.17
N THR D 352 -0.47 -2.81 -14.73
CA THR D 352 0.09 -3.87 -15.55
C THR D 352 -0.84 -5.07 -15.65
N GLU D 353 -1.54 -5.39 -14.56
CA GLU D 353 -2.50 -6.48 -14.59
C GLU D 353 -3.74 -6.13 -15.41
N ILE D 354 -4.27 -4.93 -15.22
CA ILE D 354 -5.39 -4.48 -16.05
C ILE D 354 -5.01 -4.52 -17.52
N LYS D 355 -3.77 -4.13 -17.83
CA LYS D 355 -3.33 -4.10 -19.21
C LYS D 355 -3.32 -5.50 -19.82
N GLU D 356 -2.88 -6.52 -19.06
CA GLU D 356 -2.89 -7.86 -19.63
C GLU D 356 -4.30 -8.43 -19.72
N ILE D 357 -5.18 -8.12 -18.76
CA ILE D 357 -6.59 -8.49 -18.94
C ILE D 357 -7.13 -7.85 -20.22
N ALA D 358 -6.94 -6.54 -20.37
CA ALA D 358 -7.43 -5.85 -21.55
C ALA D 358 -6.85 -6.46 -22.81
N ARG D 359 -5.57 -6.82 -22.78
CA ARG D 359 -4.95 -7.44 -23.96
C ARG D 359 -5.55 -8.79 -24.24
N ARG D 360 -5.63 -9.66 -23.22
CA ARG D 360 -6.27 -10.95 -23.41
C ARG D 360 -7.69 -10.77 -23.96
N LYS D 361 -8.44 -9.81 -23.43
CA LYS D 361 -9.77 -9.52 -23.97
C LYS D 361 -9.74 -8.94 -25.38
N GLY D 362 -8.57 -8.77 -25.99
CA GLY D 362 -8.49 -8.37 -27.38
C GLY D 362 -8.09 -6.94 -27.63
N MET D 363 -7.43 -6.29 -26.68
CA MET D 363 -6.95 -4.94 -26.91
C MET D 363 -5.63 -4.99 -27.64
N LYS D 364 -5.53 -4.23 -28.74
CA LYS D 364 -4.25 -4.05 -29.40
C LYS D 364 -3.47 -2.94 -28.71
N THR D 365 -2.20 -3.18 -28.41
CA THR D 365 -1.37 -2.15 -27.82
C THR D 365 -0.97 -1.11 -28.84
N LEU D 366 -0.51 0.04 -28.31
CA LEU D 366 0.10 1.10 -29.13
C LEU D 366 1.09 0.56 -30.15
N ARG D 367 2.07 -0.22 -29.68
CA ARG D 367 3.08 -0.77 -30.58
C ARG D 367 2.48 -1.74 -31.60
N GLU D 368 1.52 -2.55 -31.16
CA GLU D 368 0.81 -3.43 -32.09
C GLU D 368 0.05 -2.61 -33.14
N ASP D 369 -0.63 -1.56 -32.72
CA ASP D 369 -1.27 -0.68 -33.69
C ASP D 369 -0.23 -0.05 -34.60
N GLY D 370 0.86 0.46 -34.01
CA GLY D 370 1.86 1.17 -34.80
C GLY D 370 2.53 0.24 -35.81
N LEU D 371 2.92 -0.96 -35.36
CA LEU D 371 3.51 -1.93 -36.27
C LEU D 371 2.61 -2.20 -37.46
N TYR D 372 1.30 -2.35 -37.20
CA TYR D 372 0.38 -2.69 -38.27
C TYR D 372 0.32 -1.57 -39.28
N LYS D 373 0.30 -0.31 -38.84
CA LYS D 373 0.30 0.80 -39.78
C LYS D 373 1.66 0.94 -40.46
N ALA D 374 2.72 0.50 -39.80
CA ALA D 374 4.03 0.45 -40.45
C ALA D 374 4.05 -0.60 -41.56
N LEU D 375 3.44 -1.76 -41.30
CA LEU D 375 3.32 -2.80 -42.32
C LEU D 375 2.46 -2.33 -43.50
N GLN D 376 1.64 -1.30 -43.31
CA GLN D 376 0.88 -0.71 -44.42
C GLN D 376 1.64 0.38 -45.15
N GLY D 377 2.78 0.81 -44.64
CA GLY D 377 3.51 1.90 -45.24
C GLY D 377 3.10 3.28 -44.78
N ILE D 378 2.30 3.40 -43.73
CA ILE D 378 1.90 4.73 -43.26
C ILE D 378 3.07 5.43 -42.57
N THR D 379 3.80 4.71 -41.73
CA THR D 379 4.94 5.24 -41.01
C THR D 379 6.08 4.23 -41.10
N THR D 380 7.21 4.58 -40.51
CA THR D 380 8.35 3.66 -40.41
C THR D 380 8.32 2.95 -39.07
N LEU D 381 9.04 1.82 -39.02
CA LEU D 381 9.16 1.09 -37.76
C LEU D 381 9.82 1.94 -36.68
N GLU D 382 10.77 2.80 -37.06
CA GLU D 382 11.48 3.59 -36.06
C GLU D 382 10.55 4.55 -35.34
N GLU D 383 9.68 5.22 -36.09
CA GLU D 383 8.71 6.13 -35.48
C GLU D 383 7.88 5.41 -34.41
N VAL D 384 7.37 4.22 -34.75
CA VAL D 384 6.55 3.46 -33.80
C VAL D 384 7.39 3.07 -32.59
N LEU D 385 8.60 2.57 -32.85
CA LEU D 385 9.51 2.23 -31.76
C LEU D 385 9.78 3.45 -30.90
N ALA D 386 9.90 4.63 -31.52
CA ALA D 386 10.20 5.83 -30.75
C ALA D 386 9.10 6.13 -29.74
N ARG D 387 7.82 5.95 -30.12
CA ARG D 387 6.67 6.37 -29.34
C ARG D 387 6.24 5.38 -28.27
N THR D 388 6.83 4.20 -28.22
CA THR D 388 6.25 3.12 -27.45
C THR D 388 7.24 2.50 -26.49
N ILE D 389 8.05 3.33 -25.83
CA ILE D 389 8.99 2.85 -24.82
C ILE D 389 8.49 3.21 -23.42
N GLU D 390 8.21 2.20 -22.62
CA GLU D 390 7.99 2.39 -21.20
C GLU D 390 9.18 1.79 -20.43
N GLU E 5 -43.63 44.49 -20.29
CA GLU E 5 -43.73 45.65 -21.19
C GLU E 5 -42.59 45.69 -22.21
N SER E 6 -41.36 45.40 -21.79
CA SER E 6 -40.24 45.37 -22.73
C SER E 6 -40.27 44.07 -23.54
N ALA E 7 -39.57 44.09 -24.66
CA ALA E 7 -39.50 42.91 -25.52
C ALA E 7 -38.90 41.72 -24.79
N ALA E 8 -37.83 41.95 -24.02
CA ALA E 8 -37.20 40.85 -23.29
C ALA E 8 -38.17 40.24 -22.28
N GLN E 9 -38.80 41.08 -21.46
CA GLN E 9 -39.86 40.61 -20.58
C GLN E 9 -40.90 39.79 -21.33
N LYS E 10 -41.36 40.31 -22.48
CA LYS E 10 -42.35 39.60 -23.28
C LYS E 10 -41.84 38.26 -23.83
N PHE E 11 -40.56 38.16 -24.20
CA PHE E 11 -40.06 36.88 -24.71
C PHE E 11 -39.98 35.84 -23.60
N VAL E 12 -39.41 36.23 -22.46
CA VAL E 12 -39.28 35.31 -21.33
C VAL E 12 -40.66 34.82 -20.90
N LYS E 13 -41.61 35.75 -20.77
CA LYS E 13 -42.97 35.37 -20.37
C LYS E 13 -43.56 34.39 -21.36
N GLN E 14 -43.32 34.61 -22.65
CA GLN E 14 -43.90 33.74 -23.67
C GLN E 14 -43.29 32.34 -23.62
N VAL E 15 -41.97 32.22 -23.48
CA VAL E 15 -41.34 30.91 -23.62
C VAL E 15 -41.61 30.04 -22.40
N ILE E 16 -41.73 30.64 -21.21
CA ILE E 16 -42.18 29.86 -20.07
C ILE E 16 -43.61 29.37 -20.30
N ARG E 17 -44.46 30.26 -20.82
CA ARG E 17 -45.82 29.87 -21.15
C ARG E 17 -45.82 28.65 -22.07
N GLU E 18 -44.97 28.69 -23.09
CA GLU E 18 -44.91 27.57 -24.02
C GLU E 18 -44.38 26.32 -23.34
N ALA E 19 -43.40 26.47 -22.45
CA ALA E 19 -42.85 25.33 -21.76
C ALA E 19 -43.92 24.67 -20.90
N PHE E 20 -44.67 25.50 -20.16
CA PHE E 20 -45.74 24.96 -19.31
C PHE E 20 -46.78 24.22 -20.14
N LEU E 21 -47.25 24.85 -21.22
CA LEU E 21 -48.34 24.23 -21.97
C LEU E 21 -47.89 22.97 -22.71
N GLN E 22 -46.59 22.81 -22.96
CA GLN E 22 -46.11 21.66 -23.70
C GLN E 22 -45.42 20.62 -22.82
N ASP E 23 -45.48 20.77 -21.50
CA ASP E 23 -44.77 19.88 -20.57
C ASP E 23 -43.29 19.80 -20.90
N ALA E 24 -42.69 20.96 -21.16
CA ALA E 24 -41.25 21.01 -21.29
C ALA E 24 -40.64 21.09 -19.91
N SER E 25 -39.53 20.39 -19.72
CA SER E 25 -38.87 20.38 -18.42
C SER E 25 -37.82 21.45 -18.30
N ASP E 26 -37.21 21.86 -19.41
CA ASP E 26 -36.08 22.79 -19.39
C ASP E 26 -36.13 23.75 -20.58
N ILE E 27 -35.79 25.01 -20.31
CA ILE E 27 -35.60 26.05 -21.31
C ILE E 27 -34.12 26.40 -21.38
N HIS E 28 -33.54 26.35 -22.58
CA HIS E 28 -32.13 26.66 -22.81
C HIS E 28 -32.03 27.90 -23.68
N ILE E 29 -31.37 28.92 -23.17
CA ILE E 29 -31.13 30.17 -23.87
C ILE E 29 -29.63 30.27 -24.12
N GLU E 30 -29.20 29.99 -25.35
CA GLU E 30 -27.78 29.75 -25.63
C GLU E 30 -27.22 30.81 -26.57
N PRO E 31 -26.27 31.61 -26.12
CA PRO E 31 -25.56 32.51 -27.05
C PRO E 31 -24.71 31.71 -28.02
N ARG E 32 -24.81 32.05 -29.31
CA ARG E 32 -23.97 31.47 -30.35
C ARG E 32 -23.17 32.59 -31.03
N GLN E 33 -22.40 32.24 -32.07
CA GLN E 33 -21.44 33.22 -32.57
C GLN E 33 -22.13 34.45 -33.15
N ASN E 34 -23.27 34.26 -33.83
CA ASN E 34 -23.94 35.38 -34.49
C ASN E 34 -25.42 35.47 -34.18
N ASP E 35 -25.90 34.79 -33.14
CA ASP E 35 -27.31 34.90 -32.72
C ASP E 35 -27.44 34.20 -31.37
N VAL E 36 -28.70 34.07 -30.93
CA VAL E 36 -29.00 33.33 -29.72
C VAL E 36 -29.97 32.22 -30.07
N GLN E 37 -29.67 31.02 -29.60
CA GLN E 37 -30.50 29.85 -29.82
C GLN E 37 -31.29 29.54 -28.56
N VAL E 38 -32.60 29.29 -28.70
CA VAL E 38 -33.45 28.89 -27.58
C VAL E 38 -34.02 27.50 -27.89
N ARG E 39 -33.79 26.54 -26.98
CA ARG E 39 -34.30 25.18 -27.16
C ARG E 39 -35.13 24.76 -25.95
N LEU E 40 -36.17 23.97 -26.22
CA LEU E 40 -36.98 23.36 -25.17
C LEU E 40 -36.70 21.87 -25.13
N ARG E 41 -36.61 21.34 -23.93
CA ARG E 41 -36.52 19.90 -23.73
C ARG E 41 -37.93 19.38 -23.47
N ILE E 42 -38.42 18.57 -24.40
CA ILE E 42 -39.75 17.98 -24.29
C ILE E 42 -39.62 16.48 -24.51
N ASP E 43 -40.17 15.70 -23.58
CA ASP E 43 -40.01 14.25 -23.56
C ASP E 43 -38.54 13.85 -23.61
N GLY E 44 -37.71 14.62 -22.88
CA GLY E 44 -36.31 14.32 -22.71
C GLY E 44 -35.37 14.81 -23.80
N ALA E 45 -35.88 15.21 -24.96
CA ALA E 45 -35.05 15.60 -26.09
C ALA E 45 -35.19 17.09 -26.34
N LEU E 46 -34.09 17.74 -26.70
CA LEU E 46 -34.19 19.13 -27.08
C LEU E 46 -34.77 19.27 -28.49
N ARG E 47 -35.55 20.33 -28.69
CA ARG E 47 -36.09 20.73 -29.99
C ARG E 47 -35.94 22.24 -30.09
N PRO E 48 -35.83 22.78 -31.30
CA PRO E 48 -35.67 24.23 -31.44
C PRO E 48 -36.95 24.94 -31.06
N TYR E 49 -36.78 26.08 -30.41
CA TYR E 49 -37.93 26.91 -30.13
C TYR E 49 -37.90 28.22 -30.89
N SER E 50 -36.76 28.90 -30.94
CA SER E 50 -36.73 30.26 -31.43
C SER E 50 -35.27 30.72 -31.51
N THR E 51 -35.08 31.87 -32.16
CA THR E 51 -33.78 32.48 -32.39
C THR E 51 -33.86 33.95 -32.06
N LEU E 52 -32.88 34.46 -31.33
CA LEU E 52 -32.89 35.87 -31.02
C LEU E 52 -31.60 36.48 -31.57
N PRO E 53 -31.62 37.77 -31.90
CA PRO E 53 -30.38 38.45 -32.29
C PRO E 53 -29.43 38.59 -31.10
N LYS E 54 -28.13 38.64 -31.41
CA LYS E 54 -27.12 38.78 -30.34
C LYS E 54 -27.44 39.96 -29.45
N GLY E 55 -28.00 41.04 -30.02
CA GLY E 55 -28.29 42.22 -29.22
C GLY E 55 -29.37 42.02 -28.18
N ALA E 56 -30.16 40.96 -28.31
CA ALA E 56 -31.20 40.71 -27.33
C ALA E 56 -30.71 39.93 -26.11
N LEU E 57 -29.44 39.53 -26.06
CA LEU E 57 -29.02 38.57 -25.05
C LEU E 57 -29.03 39.17 -23.65
N ASN E 58 -28.42 40.34 -23.46
CA ASN E 58 -28.28 40.87 -22.11
C ASN E 58 -29.61 41.32 -21.52
N ALA E 59 -30.53 41.80 -22.36
CA ALA E 59 -31.87 42.10 -21.86
C ALA E 59 -32.57 40.85 -21.38
N VAL E 60 -32.45 39.75 -22.13
CA VAL E 60 -33.15 38.54 -21.72
C VAL E 60 -32.47 37.92 -20.49
N ILE E 61 -31.14 37.96 -20.43
CA ILE E 61 -30.42 37.39 -19.30
C ILE E 61 -30.72 38.16 -18.03
N SER E 62 -30.81 39.49 -18.15
CA SER E 62 -31.22 40.31 -17.02
C SER E 62 -32.61 39.91 -16.50
N VAL E 63 -33.57 39.72 -17.40
CA VAL E 63 -34.92 39.38 -16.95
C VAL E 63 -34.89 38.10 -16.13
N VAL E 64 -34.13 37.11 -16.59
CA VAL E 64 -33.98 35.86 -15.86
C VAL E 64 -33.33 36.12 -14.51
N LYS E 65 -32.22 36.88 -14.52
CA LYS E 65 -31.48 37.09 -13.28
C LYS E 65 -32.32 37.80 -12.24
N ILE E 66 -33.04 38.84 -12.66
CA ILE E 66 -33.94 39.56 -11.76
C ILE E 66 -34.97 38.61 -11.16
N MET E 67 -35.59 37.77 -12.00
CA MET E 67 -36.52 36.75 -11.52
C MET E 67 -35.95 35.94 -10.37
N GLY E 68 -34.73 35.42 -10.53
CA GLY E 68 -34.09 34.64 -9.49
C GLY E 68 -33.28 35.46 -8.51
N GLY E 69 -33.36 36.79 -8.62
CA GLY E 69 -32.57 37.60 -7.71
C GLY E 69 -31.10 37.30 -7.77
N LEU E 70 -30.55 37.15 -8.97
CA LEU E 70 -29.13 36.97 -9.18
C LEU E 70 -28.50 38.33 -9.51
N ASN E 71 -27.17 38.33 -9.56
CA ASN E 71 -26.40 39.57 -9.72
C ASN E 71 -26.22 39.83 -11.21
N ILE E 72 -26.76 40.95 -11.67
CA ILE E 72 -26.64 41.27 -13.09
C ILE E 72 -25.20 41.65 -13.45
N ALA E 73 -24.53 42.38 -12.55
CA ALA E 73 -23.18 42.84 -12.85
C ALA E 73 -22.19 41.68 -13.00
N GLU E 74 -22.37 40.60 -12.24
CA GLU E 74 -21.45 39.47 -12.30
C GLU E 74 -21.74 38.65 -13.55
N LYS E 75 -20.81 38.69 -14.50
CA LYS E 75 -20.98 37.96 -15.75
C LYS E 75 -19.88 36.94 -16.00
N ARG E 76 -18.83 36.93 -15.19
CA ARG E 76 -17.72 36.00 -15.38
C ARG E 76 -17.84 34.75 -14.54
N LEU E 77 -18.86 34.63 -13.70
CA LEU E 77 -19.03 33.48 -12.83
C LEU E 77 -20.43 32.92 -12.97
N PRO E 78 -20.61 31.61 -12.77
CA PRO E 78 -21.97 31.05 -12.79
C PRO E 78 -22.76 31.40 -11.53
N GLN E 79 -24.07 31.56 -11.72
CA GLN E 79 -25.02 31.87 -10.66
C GLN E 79 -26.22 30.94 -10.76
N ASP E 80 -26.93 30.76 -9.65
CA ASP E 80 -28.13 29.93 -9.70
C ASP E 80 -29.11 30.33 -8.60
N GLY E 81 -30.40 30.17 -8.90
CA GLY E 81 -31.46 30.55 -7.99
C GLY E 81 -32.79 29.90 -8.36
N ARG E 82 -33.83 30.32 -7.64
CA ARG E 82 -35.18 29.85 -7.87
C ARG E 82 -36.12 31.05 -7.96
N VAL E 83 -37.22 30.89 -8.70
CA VAL E 83 -38.33 31.83 -8.64
C VAL E 83 -39.63 31.06 -8.72
N ARG E 84 -40.63 31.51 -7.96
CA ARG E 84 -41.99 31.02 -8.14
C ARG E 84 -42.62 31.91 -9.22
N TYR E 85 -42.75 31.35 -10.42
CA TYR E 85 -43.27 32.11 -11.56
C TYR E 85 -44.80 32.05 -11.55
N ARG E 86 -45.44 33.22 -11.54
CA ARG E 86 -46.89 33.31 -11.55
C ARG E 86 -47.31 34.32 -12.62
N GLU E 87 -48.07 33.85 -13.60
CA GLU E 87 -48.48 34.67 -14.72
C GLU E 87 -49.73 34.03 -15.31
N GLY E 88 -50.73 34.84 -15.61
CA GLY E 88 -51.98 34.27 -16.09
C GLY E 88 -52.46 33.24 -15.08
N ALA E 89 -52.79 32.05 -15.57
CA ALA E 89 -53.15 30.95 -14.68
C ALA E 89 -51.95 30.13 -14.23
N ILE E 90 -50.76 30.39 -14.77
CA ILE E 90 -49.59 29.52 -14.54
C ILE E 90 -48.98 29.82 -13.17
N ASP E 91 -48.70 28.75 -12.40
CA ASP E 91 -48.04 28.83 -11.10
C ASP E 91 -47.02 27.70 -11.04
N VAL E 92 -45.79 27.99 -11.43
CA VAL E 92 -44.73 27.00 -11.56
C VAL E 92 -43.48 27.50 -10.83
N ASP E 93 -42.79 26.59 -10.15
CA ASP E 93 -41.49 26.86 -9.56
C ASP E 93 -40.39 26.54 -10.58
N LEU E 94 -39.41 27.43 -10.68
CA LEU E 94 -38.35 27.33 -11.67
C LEU E 94 -36.97 27.34 -11.02
N ARG E 95 -36.09 26.46 -11.48
CA ARG E 95 -34.67 26.52 -11.13
C ARG E 95 -33.95 27.27 -12.23
N LEU E 96 -33.20 28.31 -11.87
CA LEU E 96 -32.54 29.20 -12.82
C LEU E 96 -31.03 29.08 -12.69
N SER E 97 -30.36 28.68 -13.77
CA SER E 97 -28.90 28.66 -13.80
C SER E 97 -28.37 29.57 -14.90
N THR E 98 -27.35 30.39 -14.58
CA THR E 98 -26.63 31.19 -15.58
C THR E 98 -25.17 30.81 -15.59
N LEU E 99 -24.58 30.75 -16.80
CA LEU E 99 -23.20 30.26 -16.99
C LEU E 99 -22.45 31.04 -18.06
N PRO E 100 -21.20 31.43 -17.79
CA PRO E 100 -20.39 32.05 -18.84
C PRO E 100 -20.06 31.04 -19.92
N THR E 101 -20.15 31.48 -21.17
CA THR E 101 -19.72 30.74 -22.35
C THR E 101 -18.95 31.71 -23.23
N VAL E 102 -18.34 31.20 -24.30
CA VAL E 102 -17.49 32.09 -25.09
C VAL E 102 -18.28 33.17 -25.82
N TYR E 103 -19.59 33.04 -25.96
CA TYR E 103 -20.34 34.09 -26.65
C TYR E 103 -21.30 34.83 -25.74
N GLY E 104 -21.18 34.65 -24.41
CA GLY E 104 -22.07 35.26 -23.45
C GLY E 104 -22.60 34.25 -22.47
N GLU E 105 -23.42 34.75 -21.54
CA GLU E 105 -24.00 33.88 -20.54
C GLU E 105 -25.13 33.05 -21.13
N LYS E 106 -25.15 31.76 -20.79
CA LYS E 106 -26.24 30.86 -21.10
C LYS E 106 -27.17 30.73 -19.89
N ALA E 107 -28.48 30.71 -20.15
CA ALA E 107 -29.48 30.50 -19.13
C ALA E 107 -30.20 29.18 -19.33
N VAL E 108 -30.47 28.50 -18.22
CA VAL E 108 -31.26 27.28 -18.21
C VAL E 108 -32.32 27.43 -17.13
N MET E 109 -33.57 27.29 -17.51
CA MET E 109 -34.68 27.34 -16.55
C MET E 109 -35.33 25.98 -16.52
N ARG E 110 -35.39 25.38 -15.33
CA ARG E 110 -36.06 24.10 -15.16
C ARG E 110 -37.42 24.30 -14.50
N LEU E 111 -38.45 23.67 -15.05
CA LEU E 111 -39.80 23.73 -14.52
C LEU E 111 -39.96 22.57 -13.56
N LEU E 112 -40.23 22.88 -12.29
CA LEU E 112 -40.23 21.85 -11.24
C LEU E 112 -41.64 21.32 -11.00
N LYS E 113 -41.76 19.99 -10.93
CA LYS E 113 -43.02 19.32 -10.64
C LYS E 113 -43.40 19.45 -9.17
N LYS E 114 -44.70 19.30 -8.91
CA LYS E 114 -45.27 19.42 -7.57
C LYS E 114 -45.81 18.07 -7.11
N ALA E 115 -46.16 18.04 -5.81
CA ALA E 115 -46.85 16.87 -5.22
C ALA E 115 -48.09 16.46 -6.02
N SER E 116 -48.88 17.45 -6.50
CA SER E 116 -50.05 17.18 -7.32
C SER E 116 -49.74 16.33 -8.55
N ASP E 117 -48.49 16.35 -9.04
CA ASP E 117 -48.10 15.63 -10.25
C ASP E 117 -47.73 14.18 -10.00
N ILE E 118 -47.51 13.77 -8.75
CA ILE E 118 -47.14 12.40 -8.44
C ILE E 118 -48.32 11.46 -8.69
N PRO E 119 -48.15 10.45 -9.54
CA PRO E 119 -49.25 9.53 -9.82
C PRO E 119 -49.35 8.45 -8.74
N GLU E 120 -50.54 7.88 -8.65
CA GLU E 120 -50.76 6.67 -7.86
C GLU E 120 -50.01 5.52 -8.53
N ILE E 121 -49.70 4.48 -7.74
CA ILE E 121 -48.86 3.40 -8.25
C ILE E 121 -49.55 2.67 -9.42
N GLU E 122 -50.89 2.69 -9.48
CA GLU E 122 -51.62 2.04 -10.57
C GLU E 122 -51.33 2.67 -11.93
N ASP E 123 -50.96 3.96 -11.97
CA ASP E 123 -50.61 4.64 -13.22
C ASP E 123 -49.11 4.84 -13.39
N LEU E 124 -48.29 3.96 -12.82
CA LEU E 124 -46.85 4.12 -13.00
C LEU E 124 -46.36 3.51 -14.29
N GLY E 125 -47.19 2.69 -14.92
CA GLY E 125 -46.86 2.12 -16.20
C GLY E 125 -46.47 0.68 -16.13
N PHE E 126 -46.72 0.02 -15.00
CA PHE E 126 -46.25 -1.35 -14.81
C PHE E 126 -47.08 -2.33 -15.64
N ALA E 127 -46.40 -3.29 -16.24
CA ALA E 127 -47.07 -4.35 -16.96
C ALA E 127 -47.79 -5.29 -15.99
N PRO E 128 -48.83 -5.98 -16.45
CA PRO E 128 -49.68 -6.75 -15.52
C PRO E 128 -48.95 -7.69 -14.55
N GLY E 129 -48.01 -8.49 -15.05
CA GLY E 129 -47.36 -9.45 -14.16
C GLY E 129 -46.40 -8.80 -13.20
N VAL E 130 -45.69 -7.77 -13.64
CA VAL E 130 -44.70 -7.13 -12.80
C VAL E 130 -45.36 -6.25 -11.76
N PHE E 131 -46.56 -5.72 -12.03
CA PHE E 131 -47.19 -4.87 -11.05
C PHE E 131 -47.64 -5.65 -9.82
N GLU E 132 -48.04 -6.91 -10.00
CA GLU E 132 -48.34 -7.72 -8.83
C GLU E 132 -47.09 -7.97 -8.00
N ARG E 133 -45.96 -8.25 -8.66
CA ARG E 133 -44.72 -8.42 -7.91
C ARG E 133 -44.30 -7.11 -7.24
N PHE E 134 -44.52 -5.99 -7.93
CA PHE E 134 -44.20 -4.67 -7.39
C PHE E 134 -44.92 -4.42 -6.06
N LYS E 135 -46.25 -4.51 -6.04
CA LYS E 135 -46.93 -4.13 -4.80
C LYS E 135 -46.68 -5.14 -3.67
N GLU E 136 -46.38 -6.38 -4.00
CA GLU E 136 -45.98 -7.32 -2.98
C GLU E 136 -44.66 -6.88 -2.34
N VAL E 137 -43.76 -6.32 -3.14
CA VAL E 137 -42.47 -5.89 -2.60
C VAL E 137 -42.65 -4.67 -1.71
N ILE E 138 -43.44 -3.70 -2.17
CA ILE E 138 -43.57 -2.49 -1.37
C ILE E 138 -44.44 -2.69 -0.15
N SER E 139 -45.11 -3.84 -0.06
CA SER E 139 -45.99 -4.17 1.05
C SER E 139 -45.23 -4.77 2.23
N LYS E 140 -43.96 -5.13 2.06
CA LYS E 140 -43.27 -5.77 3.15
C LYS E 140 -43.12 -4.78 4.31
N PRO E 141 -43.08 -5.28 5.54
CA PRO E 141 -43.04 -4.37 6.68
C PRO E 141 -41.67 -3.79 6.94
N TYR E 142 -40.61 -4.41 6.42
CA TYR E 142 -39.29 -3.85 6.59
C TYR E 142 -38.34 -4.47 5.57
N GLY E 143 -37.15 -3.91 5.48
CA GLY E 143 -36.22 -4.22 4.42
C GLY E 143 -35.86 -2.98 3.63
N ILE E 144 -34.88 -3.14 2.74
CA ILE E 144 -34.45 -2.04 1.88
C ILE E 144 -34.83 -2.34 0.45
N PHE E 145 -35.52 -1.37 -0.17
CA PHE E 145 -35.98 -1.44 -1.56
C PHE E 145 -35.23 -0.38 -2.33
N LEU E 146 -34.42 -0.80 -3.30
CA LEU E 146 -33.61 0.12 -4.10
C LEU E 146 -34.28 0.45 -5.42
N ILE E 147 -34.25 1.75 -5.77
CA ILE E 147 -34.78 2.25 -7.04
C ILE E 147 -33.62 2.86 -7.81
N THR E 148 -33.31 2.30 -8.99
CA THR E 148 -32.10 2.64 -9.74
C THR E 148 -32.36 3.12 -11.16
N GLY E 149 -31.51 4.04 -11.61
CA GLY E 149 -31.61 4.57 -12.96
C GLY E 149 -30.83 5.86 -13.11
N PRO E 150 -30.49 6.22 -14.35
CA PRO E 150 -29.78 7.47 -14.60
C PRO E 150 -30.67 8.66 -14.29
N THR E 151 -30.09 9.84 -14.31
CA THR E 151 -30.85 11.02 -13.94
C THR E 151 -32.08 11.19 -14.84
N GLY E 152 -33.16 11.68 -14.25
CA GLY E 152 -34.42 11.89 -14.98
C GLY E 152 -35.07 10.67 -15.59
N SER E 153 -34.90 9.48 -15.01
CA SER E 153 -35.61 8.29 -15.47
C SER E 153 -36.86 7.99 -14.64
N GLY E 154 -37.24 8.89 -13.72
CA GLY E 154 -38.45 8.77 -12.95
C GLY E 154 -38.29 8.19 -11.55
N LYS E 155 -37.10 8.25 -10.95
CA LYS E 155 -36.87 7.61 -9.66
C LYS E 155 -37.68 8.29 -8.56
N SER E 156 -37.64 9.62 -8.53
CA SER E 156 -38.37 10.34 -7.48
C SER E 156 -39.89 10.14 -7.61
N PHE E 157 -40.42 10.14 -8.84
CA PHE E 157 -41.84 9.92 -9.06
C PHE E 157 -42.26 8.57 -8.52
N THR E 158 -41.55 7.50 -8.93
CA THR E 158 -41.82 6.17 -8.39
C THR E 158 -41.75 6.17 -6.86
N THR E 159 -40.64 6.69 -6.32
CA THR E 159 -40.45 6.72 -4.87
C THR E 159 -41.65 7.31 -4.16
N PHE E 160 -42.09 8.50 -4.56
CA PHE E 160 -43.15 9.15 -3.83
C PHE E 160 -44.54 8.60 -4.18
N SER E 161 -44.70 8.05 -5.39
CA SER E 161 -45.89 7.27 -5.68
C SER E 161 -46.06 6.17 -4.63
N ILE E 162 -45.00 5.40 -4.38
CA ILE E 162 -45.02 4.36 -3.35
C ILE E 162 -45.44 4.94 -2.02
N LEU E 163 -44.76 6.01 -1.59
CA LEU E 163 -45.09 6.58 -0.29
C LEU E 163 -46.50 7.12 -0.26
N LYS E 164 -47.09 7.48 -1.40
CA LYS E 164 -48.48 7.93 -1.36
C LYS E 164 -49.41 6.79 -0.95
N ARG E 165 -49.09 5.56 -1.37
CA ARG E 165 -49.91 4.40 -1.00
C ARG E 165 -49.60 3.90 0.40
N ILE E 166 -48.31 3.79 0.79
CA ILE E 166 -47.95 3.05 2.00
C ILE E 166 -47.71 3.91 3.24
N ALA E 167 -47.44 5.21 3.08
CA ALA E 167 -47.14 6.06 4.24
C ALA E 167 -48.43 6.47 4.96
N THR E 168 -49.06 5.49 5.59
CA THR E 168 -50.32 5.70 6.29
C THR E 168 -50.09 6.30 7.68
N PRO E 169 -51.11 6.95 8.28
CA PRO E 169 -50.90 7.75 9.50
C PRO E 169 -50.64 6.96 10.78
N ASP E 170 -50.74 5.63 10.73
CA ASP E 170 -50.27 4.79 11.81
C ASP E 170 -48.77 4.59 11.78
N LYS E 171 -48.08 5.16 10.80
CA LYS E 171 -46.64 5.00 10.68
C LYS E 171 -45.99 6.37 10.64
N ASN E 172 -44.73 6.39 11.07
CA ASN E 172 -43.88 7.58 10.92
C ASN E 172 -43.02 7.42 9.67
N THR E 173 -43.23 8.28 8.69
CA THR E 173 -42.44 8.30 7.46
C THR E 173 -41.50 9.50 7.47
N GLN E 174 -40.21 9.23 7.28
CA GLN E 174 -39.14 10.22 7.37
C GLN E 174 -38.26 10.12 6.14
N THR E 175 -37.95 11.26 5.53
CA THR E 175 -37.11 11.30 4.34
C THR E 175 -35.87 12.15 4.61
N ILE E 176 -34.81 11.86 3.85
CA ILE E 176 -33.66 12.76 3.73
C ILE E 176 -33.40 12.96 2.24
N GLU E 177 -33.45 14.22 1.80
CA GLU E 177 -33.49 14.57 0.38
C GLU E 177 -32.50 15.68 0.09
N ASP E 178 -32.07 15.76 -1.17
CA ASP E 178 -31.04 16.70 -1.60
C ASP E 178 -31.39 17.25 -2.98
N PRO E 179 -32.27 18.26 -3.04
CA PRO E 179 -33.05 18.80 -1.94
C PRO E 179 -34.43 18.13 -1.84
N VAL E 180 -35.25 18.62 -0.91
CA VAL E 180 -36.65 18.25 -0.88
C VAL E 180 -37.34 18.90 -2.09
N GLU E 181 -38.00 18.10 -2.91
CA GLU E 181 -38.62 18.68 -4.11
C GLU E 181 -40.14 18.76 -4.06
N TYR E 182 -40.81 17.91 -3.28
CA TYR E 182 -42.27 17.95 -3.19
C TYR E 182 -42.72 18.15 -1.76
N GLU E 183 -43.87 18.79 -1.61
CA GLU E 183 -44.53 18.90 -0.32
C GLU E 183 -45.55 17.78 -0.26
N ILE E 184 -45.14 16.65 0.34
CA ILE E 184 -46.04 15.52 0.53
C ILE E 184 -46.60 15.63 1.95
N PRO E 185 -47.91 15.75 2.11
CA PRO E 185 -48.47 15.81 3.46
C PRO E 185 -48.56 14.41 4.05
N GLY E 186 -48.36 14.34 5.37
CA GLY E 186 -48.34 13.09 6.07
C GLY E 186 -46.96 12.51 6.32
N ILE E 187 -45.94 12.94 5.59
CA ILE E 187 -44.59 12.44 5.80
C ILE E 187 -43.72 13.58 6.31
N ASN E 188 -42.66 13.20 7.03
CA ASN E 188 -41.71 14.16 7.54
C ASN E 188 -40.46 14.18 6.65
N GLN E 189 -40.06 15.37 6.20
CA GLN E 189 -39.03 15.51 5.19
C GLN E 189 -37.91 16.40 5.68
N THR E 190 -36.68 15.98 5.43
CA THR E 190 -35.52 16.72 5.88
C THR E 190 -34.52 16.86 4.74
N GLN E 191 -33.98 18.06 4.59
CA GLN E 191 -33.05 18.39 3.52
C GLN E 191 -31.62 18.33 4.04
N VAL E 192 -30.77 17.60 3.33
CA VAL E 192 -29.35 17.65 3.65
C VAL E 192 -28.90 19.10 3.62
N ASN E 193 -28.08 19.48 4.60
CA ASN E 193 -27.57 20.86 4.70
C ASN E 193 -26.04 20.87 4.75
N PRO E 194 -25.37 20.98 3.59
CA PRO E 194 -23.89 20.90 3.58
C PRO E 194 -23.20 21.91 4.49
N GLN E 195 -23.64 23.17 4.42
CA GLN E 195 -23.07 24.23 5.23
C GLN E 195 -23.15 23.90 6.73
N ALA E 196 -24.17 23.17 7.15
CA ALA E 196 -24.39 22.89 8.55
C ALA E 196 -23.72 21.61 9.04
N GLY E 197 -23.36 20.71 8.13
CA GLY E 197 -22.90 19.40 8.54
C GLY E 197 -23.98 18.35 8.51
N LEU E 198 -25.19 18.70 8.08
CA LEU E 198 -26.28 17.74 7.96
C LEU E 198 -26.15 17.03 6.61
N THR E 199 -25.22 16.08 6.58
CA THR E 199 -25.03 15.17 5.46
C THR E 199 -26.12 14.10 5.46
N PHE E 200 -26.18 13.32 4.38
CA PHE E 200 -27.03 12.15 4.32
C PHE E 200 -26.81 11.24 5.53
N ALA E 201 -25.57 10.81 5.72
CA ALA E 201 -25.30 9.86 6.79
C ALA E 201 -25.61 10.46 8.16
N ARG E 202 -25.26 11.73 8.37
CA ARG E 202 -25.49 12.36 9.67
C ARG E 202 -26.98 12.37 10.04
N ALA E 203 -27.87 12.65 9.07
CA ALA E 203 -29.31 12.66 9.29
C ALA E 203 -29.88 11.25 9.42
N LEU E 204 -29.38 10.30 8.61
CA LEU E 204 -29.81 8.92 8.73
C LEU E 204 -29.60 8.42 10.15
N ARG E 205 -28.41 8.64 10.72
CA ARG E 205 -28.11 8.16 12.07
C ARG E 205 -29.09 8.72 13.09
N ALA E 206 -29.49 9.98 12.92
CA ALA E 206 -30.45 10.60 13.83
C ALA E 206 -31.84 9.99 13.69
N PHE E 207 -32.24 9.64 12.46
CA PHE E 207 -33.53 8.98 12.27
C PHE E 207 -33.69 7.75 13.15
N LEU E 208 -32.58 7.08 13.50
CA LEU E 208 -32.72 5.89 14.35
C LEU E 208 -33.15 6.25 15.76
N ARG E 209 -33.14 7.53 16.13
CA ARG E 209 -33.64 7.94 17.43
C ARG E 209 -34.97 8.65 17.29
N GLN E 210 -35.63 8.51 16.14
CA GLN E 210 -36.85 9.24 15.80
C GLN E 210 -38.05 8.32 15.60
N ASP E 211 -37.99 7.10 16.13
CA ASP E 211 -39.07 6.13 16.08
C ASP E 211 -39.70 6.04 14.68
N PRO E 212 -38.92 5.79 13.64
CA PRO E 212 -39.46 5.74 12.30
C PRO E 212 -40.04 4.37 11.98
N ASP E 213 -40.89 4.35 10.96
CA ASP E 213 -41.32 3.09 10.34
C ASP E 213 -40.85 2.95 8.91
N ILE E 214 -40.96 4.02 8.13
CA ILE E 214 -40.49 4.07 6.75
C ILE E 214 -39.44 5.16 6.67
N ILE E 215 -38.28 4.82 6.12
CA ILE E 215 -37.21 5.79 5.92
C ILE E 215 -36.95 5.89 4.42
N MET E 216 -36.96 7.11 3.89
CA MET E 216 -36.65 7.35 2.48
C MET E 216 -35.28 8.03 2.38
N VAL E 217 -34.35 7.40 1.65
CA VAL E 217 -33.00 7.91 1.48
C VAL E 217 -32.87 8.38 0.04
N GLY E 218 -32.83 9.70 -0.15
CA GLY E 218 -32.83 10.24 -1.51
C GLY E 218 -31.65 9.84 -2.38
N GLU E 219 -30.47 9.66 -1.77
CA GLU E 219 -29.25 9.34 -2.50
C GLU E 219 -28.34 8.48 -1.65
N ILE E 220 -28.00 7.29 -2.11
CA ILE E 220 -26.93 6.50 -1.53
C ILE E 220 -25.68 6.75 -2.37
N ARG E 221 -24.78 7.62 -1.91
CA ARG E 221 -23.60 7.91 -2.71
C ARG E 221 -22.30 7.87 -1.96
N ASP E 222 -22.30 7.54 -0.68
CA ASP E 222 -21.05 7.28 0.03
C ASP E 222 -21.22 5.99 0.81
N SER E 223 -20.10 5.47 1.32
CA SER E 223 -20.11 4.17 1.98
C SER E 223 -20.85 4.22 3.30
N GLU E 224 -20.69 5.30 4.07
CA GLU E 224 -21.37 5.40 5.35
C GLU E 224 -22.89 5.40 5.14
N THR E 225 -23.38 6.20 4.20
CA THR E 225 -24.82 6.20 3.93
C THR E 225 -25.29 4.80 3.50
N ALA E 226 -24.46 4.10 2.71
CA ALA E 226 -24.87 2.77 2.28
C ALA E 226 -24.94 1.81 3.46
N LYS E 227 -24.04 1.94 4.43
CA LYS E 227 -24.01 1.00 5.55
C LYS E 227 -25.13 1.29 6.54
N ILE E 228 -25.33 2.56 6.88
CA ILE E 228 -26.41 2.91 7.80
C ILE E 228 -27.77 2.55 7.20
N ALA E 229 -28.00 2.91 5.92
CA ALA E 229 -29.30 2.61 5.32
C ALA E 229 -29.58 1.12 5.32
N THR E 230 -28.58 0.29 5.01
CA THR E 230 -28.78 -1.16 5.10
C THR E 230 -28.98 -1.59 6.56
N GLU E 231 -28.27 -0.95 7.49
CA GLU E 231 -28.44 -1.27 8.90
C GLU E 231 -29.88 -1.04 9.35
N ALA E 232 -30.51 0.05 8.89
CA ALA E 232 -31.87 0.38 9.30
C ALA E 232 -32.88 -0.60 8.72
N ALA E 233 -32.60 -1.15 7.55
CA ALA E 233 -33.47 -2.19 7.04
C ALA E 233 -33.32 -3.46 7.87
N LEU E 234 -32.09 -3.81 8.21
CA LEU E 234 -31.85 -5.04 8.96
C LEU E 234 -32.51 -5.00 10.34
N THR E 235 -32.47 -3.85 11.02
CA THR E 235 -33.02 -3.81 12.37
C THR E 235 -34.52 -3.90 12.37
N GLY E 236 -35.19 -3.56 11.27
CA GLY E 236 -36.61 -3.76 11.14
C GLY E 236 -37.41 -2.58 10.62
N HIS E 237 -36.80 -1.68 9.88
CA HIS E 237 -37.57 -0.65 9.21
C HIS E 237 -37.59 -0.87 7.71
N LEU E 238 -38.63 -0.31 7.08
CA LEU E 238 -38.72 -0.23 5.62
C LEU E 238 -37.89 0.94 5.12
N VAL E 239 -36.95 0.67 4.20
CA VAL E 239 -36.04 1.68 3.67
C VAL E 239 -36.22 1.75 2.16
N ILE E 240 -36.57 2.93 1.66
CA ILE E 240 -36.66 3.15 0.22
C ILE E 240 -35.57 4.12 -0.20
N ALA E 241 -34.64 3.63 -1.04
CA ALA E 241 -33.42 4.36 -1.37
C ALA E 241 -33.16 4.30 -2.86
N THR E 242 -32.54 5.37 -3.37
CA THR E 242 -32.18 5.56 -4.77
C THR E 242 -30.69 5.31 -5.01
N LEU E 243 -30.36 4.64 -6.13
CA LEU E 243 -28.99 4.32 -6.55
C LEU E 243 -28.81 4.54 -8.04
N HIS E 244 -27.60 4.90 -8.45
CA HIS E 244 -27.27 4.98 -9.86
C HIS E 244 -26.49 3.72 -10.24
N THR E 245 -27.16 2.83 -10.94
CA THR E 245 -26.59 1.63 -11.54
C THR E 245 -27.29 1.42 -12.87
N ASN E 246 -26.62 0.74 -13.80
CA ASN E 246 -27.23 0.51 -15.12
C ASN E 246 -28.30 -0.58 -15.11
N ASP E 247 -28.61 -1.18 -13.98
CA ASP E 247 -29.16 -2.53 -13.98
C ASP E 247 -29.70 -2.80 -12.59
N ALA E 248 -30.70 -3.69 -12.50
CA ALA E 248 -31.21 -4.14 -11.20
C ALA E 248 -30.16 -4.90 -10.42
N ALA E 249 -29.59 -5.94 -11.03
CA ALA E 249 -28.60 -6.77 -10.35
C ALA E 249 -27.35 -5.98 -9.92
N GLN E 250 -26.95 -4.98 -10.71
CA GLN E 250 -25.77 -4.20 -10.36
C GLN E 250 -25.93 -3.40 -9.06
N ALA E 251 -27.17 -3.18 -8.62
CA ALA E 251 -27.38 -2.47 -7.37
C ALA E 251 -26.85 -3.29 -6.20
N ILE E 252 -27.00 -4.61 -6.31
CA ILE E 252 -26.46 -5.52 -5.32
C ILE E 252 -24.94 -5.44 -5.29
N THR E 253 -24.30 -5.63 -6.45
CA THR E 253 -22.84 -5.54 -6.46
C THR E 253 -22.35 -4.17 -6.06
N ARG E 254 -23.09 -3.09 -6.40
CA ARG E 254 -22.67 -1.75 -6.00
CA ARG E 254 -22.67 -1.75 -6.00
C ARG E 254 -22.59 -1.62 -4.49
N LEU E 255 -23.64 -2.09 -3.77
CA LEU E 255 -23.62 -2.02 -2.30
C LEU E 255 -22.38 -2.70 -1.75
N ASP E 256 -22.05 -3.88 -2.30
CA ASP E 256 -20.86 -4.62 -1.91
C ASP E 256 -19.61 -3.78 -2.10
N GLU E 257 -19.37 -3.36 -3.34
CA GLU E 257 -18.24 -2.48 -3.65
C GLU E 257 -18.20 -1.28 -2.72
N MET E 258 -19.36 -0.74 -2.34
CA MET E 258 -19.41 0.39 -1.43
C MET E 258 -19.13 0.02 0.02
N GLY E 259 -18.88 -1.27 0.31
CA GLY E 259 -18.46 -1.69 1.63
C GLY E 259 -19.54 -2.30 2.51
N VAL E 260 -20.76 -2.49 2.00
CA VAL E 260 -21.77 -3.18 2.78
C VAL E 260 -21.46 -4.67 2.76
N GLU E 261 -21.36 -5.28 3.93
CA GLU E 261 -21.07 -6.70 4.04
C GLU E 261 -22.12 -7.49 3.25
N PRO E 262 -21.71 -8.43 2.40
CA PRO E 262 -22.71 -9.20 1.64
C PRO E 262 -23.74 -9.88 2.51
N PHE E 263 -23.41 -10.27 3.75
CA PHE E 263 -24.41 -10.99 4.53
C PHE E 263 -25.51 -10.06 5.00
N ASN E 264 -25.20 -8.77 5.15
CA ASN E 264 -26.21 -7.78 5.47
C ASN E 264 -27.06 -7.46 4.24
N ILE E 265 -26.49 -7.50 3.04
CA ILE E 265 -27.29 -7.24 1.85
C ILE E 265 -28.30 -8.37 1.64
N SER E 266 -27.84 -9.61 1.76
CA SER E 266 -28.72 -10.76 1.68
C SER E 266 -29.85 -10.68 2.72
N ALA E 267 -29.53 -10.18 3.90
CA ALA E 267 -30.49 -10.16 4.99
C ALA E 267 -31.54 -9.05 4.85
N ALA E 268 -31.21 -7.93 4.19
CA ALA E 268 -32.07 -6.75 4.22
C ALA E 268 -32.68 -6.37 2.89
N LEU E 269 -32.07 -6.76 1.78
CA LEU E 269 -32.56 -6.34 0.48
C LEU E 269 -33.81 -7.12 0.12
N ILE E 270 -34.92 -6.41 -0.12
CA ILE E 270 -36.17 -7.06 -0.55
C ILE E 270 -36.29 -7.01 -2.07
N GLY E 271 -35.78 -5.94 -2.69
CA GLY E 271 -35.74 -5.95 -4.14
C GLY E 271 -35.09 -4.70 -4.72
N VAL E 272 -35.03 -4.69 -6.05
CA VAL E 272 -34.38 -3.63 -6.82
C VAL E 272 -35.26 -3.31 -8.00
N LEU E 273 -35.67 -2.07 -8.12
CA LEU E 273 -36.38 -1.62 -9.31
C LEU E 273 -35.40 -0.80 -10.15
N SER E 274 -35.21 -1.23 -11.39
CA SER E 274 -34.53 -0.45 -12.41
C SER E 274 -35.56 0.11 -13.39
N GLN E 275 -35.39 1.37 -13.77
CA GLN E 275 -36.37 1.96 -14.66
C GLN E 275 -35.73 2.97 -15.62
N ARG E 276 -36.49 3.27 -16.69
CA ARG E 276 -36.15 4.23 -17.73
C ARG E 276 -37.43 4.87 -18.22
N LEU E 277 -37.28 6.02 -18.89
CA LEU E 277 -38.39 6.67 -19.57
C LEU E 277 -38.20 6.60 -21.08
N VAL E 278 -39.23 6.14 -21.79
CA VAL E 278 -39.24 6.08 -23.25
C VAL E 278 -40.33 7.01 -23.75
N ARG E 279 -40.18 7.42 -25.00
CA ARG E 279 -41.16 8.33 -25.55
C ARG E 279 -42.38 7.58 -26.09
N ARG E 280 -43.56 8.18 -25.86
CA ARG E 280 -44.85 7.66 -26.32
C ARG E 280 -45.18 8.12 -27.74
N VAL E 281 -45.66 7.19 -28.56
CA VAL E 281 -46.11 7.54 -29.90
C VAL E 281 -47.21 8.61 -29.84
N CYS E 282 -47.05 9.68 -30.62
CA CYS E 282 -48.10 10.67 -30.79
C CYS E 282 -49.33 10.01 -31.43
N GLU E 283 -50.49 10.17 -30.79
CA GLU E 283 -51.71 9.57 -31.36
C GLU E 283 -52.03 10.20 -32.72
N HIS E 284 -52.08 11.54 -32.77
CA HIS E 284 -52.63 12.23 -33.91
C HIS E 284 -51.84 12.01 -35.19
N CYS E 285 -50.60 11.50 -35.13
CA CYS E 285 -49.93 11.07 -36.36
C CYS E 285 -49.47 9.62 -36.29
N LYS E 286 -49.98 8.86 -35.32
CA LYS E 286 -49.75 7.43 -35.18
C LYS E 286 -50.22 6.67 -36.42
N VAL E 287 -49.36 5.79 -36.94
CA VAL E 287 -49.74 4.90 -38.03
C VAL E 287 -49.13 3.53 -37.80
N GLU E 288 -49.88 2.51 -38.22
CA GLU E 288 -49.34 1.16 -38.23
C GLU E 288 -48.18 1.08 -39.20
N VAL E 289 -47.28 0.14 -38.93
CA VAL E 289 -46.20 -0.19 -39.85
C VAL E 289 -46.06 -1.70 -39.82
N LYS E 290 -45.41 -2.24 -40.82
CA LYS E 290 -45.17 -3.67 -40.72
C LYS E 290 -43.73 -3.90 -40.32
N PRO E 291 -43.48 -4.74 -39.31
CA PRO E 291 -42.12 -5.05 -38.91
C PRO E 291 -41.61 -6.27 -39.66
N ASP E 292 -40.30 -6.35 -39.77
CA ASP E 292 -39.71 -7.59 -40.25
C ASP E 292 -39.97 -8.66 -39.20
N PRO E 293 -40.61 -9.79 -39.54
CA PRO E 293 -40.65 -10.89 -38.57
C PRO E 293 -39.26 -11.27 -38.04
N GLU E 294 -38.24 -11.20 -38.90
CA GLU E 294 -36.87 -11.51 -38.48
C GLU E 294 -36.37 -10.52 -37.42
N THR E 295 -36.62 -9.22 -37.62
CA THR E 295 -36.09 -8.24 -36.68
C THR E 295 -36.70 -8.42 -35.29
N LEU E 296 -37.89 -9.02 -35.22
CA LEU E 296 -38.46 -9.35 -33.92
C LEU E 296 -37.84 -10.61 -33.35
N ARG E 297 -37.47 -11.59 -34.18
CA ARG E 297 -36.76 -12.77 -33.67
C ARG E 297 -35.37 -12.40 -33.17
N ARG E 298 -34.64 -11.54 -33.89
CA ARG E 298 -33.31 -11.19 -33.40
C ARG E 298 -33.37 -10.36 -32.14
N LEU E 299 -34.52 -9.77 -31.82
CA LEU E 299 -34.66 -9.04 -30.56
C LEU E 299 -35.05 -9.93 -29.39
N GLY E 300 -35.49 -11.16 -29.67
CA GLY E 300 -35.68 -12.16 -28.63
C GLY E 300 -37.08 -12.73 -28.52
N LEU E 301 -38.08 -12.12 -29.15
CA LEU E 301 -39.45 -12.59 -29.02
C LEU E 301 -39.64 -13.94 -29.70
N SER E 302 -40.50 -14.77 -29.13
CA SER E 302 -40.91 -16.01 -29.76
C SER E 302 -41.90 -15.74 -30.91
N GLU E 303 -42.35 -16.83 -31.53
CA GLU E 303 -43.18 -16.73 -32.72
C GLU E 303 -44.63 -16.44 -32.38
N ALA E 304 -45.09 -16.80 -31.16
CA ALA E 304 -46.45 -16.46 -30.77
C ALA E 304 -46.59 -14.96 -30.50
N GLU E 305 -45.57 -14.34 -29.90
CA GLU E 305 -45.60 -12.90 -29.75
C GLU E 305 -45.42 -12.19 -31.09
N ILE E 306 -44.66 -12.76 -32.04
CA ILE E 306 -44.51 -12.14 -33.36
C ILE E 306 -45.79 -12.26 -34.17
N GLN E 307 -46.62 -13.25 -33.89
CA GLN E 307 -47.76 -13.53 -34.77
C GLN E 307 -48.86 -12.49 -34.62
N GLY E 308 -49.07 -11.98 -33.40
CA GLY E 308 -50.10 -10.99 -33.19
C GLY E 308 -49.60 -9.56 -33.36
N ALA E 309 -48.28 -9.40 -33.26
CA ALA E 309 -47.67 -8.09 -33.05
C ALA E 309 -47.92 -7.14 -34.21
N ARG E 310 -48.43 -5.96 -33.89
CA ARG E 310 -48.45 -4.82 -34.80
C ARG E 310 -47.66 -3.69 -34.17
N LEU E 311 -46.87 -3.00 -34.98
CA LEU E 311 -46.02 -1.91 -34.52
C LEU E 311 -46.63 -0.58 -34.91
N TYR E 312 -46.10 0.48 -34.31
CA TYR E 312 -46.52 1.83 -34.63
C TYR E 312 -45.34 2.77 -34.53
N LYS E 313 -45.48 3.92 -35.16
CA LYS E 313 -44.51 5.01 -35.08
C LYS E 313 -45.23 6.26 -35.54
N GLY E 314 -44.90 7.39 -34.92
CA GLY E 314 -45.53 8.65 -35.30
C GLY E 314 -44.88 9.25 -36.54
N MET E 315 -45.71 9.83 -37.41
CA MET E 315 -45.18 10.43 -38.63
C MET E 315 -44.60 11.81 -38.37
N GLY E 316 -45.22 12.57 -37.47
CA GLY E 316 -44.82 13.94 -37.21
C GLY E 316 -45.90 14.95 -37.52
N CYS E 317 -46.47 15.56 -36.49
CA CYS E 317 -47.51 16.57 -36.65
C CYS E 317 -47.25 17.73 -35.70
N GLU E 318 -48.10 18.77 -35.79
CA GLU E 318 -47.94 19.94 -34.94
C GLU E 318 -48.11 19.59 -33.47
N ARG E 319 -48.95 18.61 -33.17
CA ARG E 319 -49.16 18.23 -31.77
C ARG E 319 -47.86 17.78 -31.13
N CYS E 320 -46.95 17.19 -31.92
CA CYS E 320 -45.71 16.59 -31.44
C CYS E 320 -44.46 17.27 -32.01
N GLY E 321 -44.59 18.44 -32.62
CA GLY E 321 -43.42 19.11 -33.15
C GLY E 321 -42.63 18.30 -34.15
N GLY E 322 -43.29 17.43 -34.89
CA GLY E 322 -42.60 16.64 -35.89
C GLY E 322 -41.80 15.47 -35.36
N THR E 323 -41.76 15.25 -34.06
CA THR E 323 -40.93 14.16 -33.56
C THR E 323 -41.55 12.78 -33.81
N GLY E 324 -42.88 12.70 -33.88
CA GLY E 324 -43.58 11.44 -33.82
C GLY E 324 -43.96 11.01 -32.42
N TYR E 325 -43.66 11.82 -31.40
CA TYR E 325 -43.84 11.42 -30.01
C TYR E 325 -44.44 12.55 -29.18
N LYS E 326 -45.33 12.18 -28.25
CA LYS E 326 -45.83 13.11 -27.24
C LYS E 326 -45.90 12.40 -25.89
N GLY E 327 -45.25 12.98 -24.87
CA GLY E 327 -45.22 12.41 -23.54
C GLY E 327 -44.36 11.16 -23.42
N ARG E 328 -44.18 10.66 -22.19
CA ARG E 328 -43.31 9.52 -21.97
C ARG E 328 -44.01 8.45 -21.15
N TYR E 329 -43.34 7.30 -21.07
CA TYR E 329 -43.90 6.09 -20.48
C TYR E 329 -42.75 5.32 -19.85
N ALA E 330 -42.97 4.79 -18.63
CA ALA E 330 -41.87 4.09 -17.96
C ALA E 330 -41.78 2.64 -18.41
N ILE E 331 -40.55 2.11 -18.40
CA ILE E 331 -40.28 0.68 -18.57
C ILE E 331 -39.45 0.22 -17.39
N HIS E 332 -39.64 -1.04 -17.00
CA HIS E 332 -39.17 -1.48 -15.70
C HIS E 332 -38.42 -2.82 -15.77
N GLU E 333 -37.57 -3.01 -14.77
CA GLU E 333 -36.90 -4.28 -14.50
C GLU E 333 -36.99 -4.46 -13.00
N LEU E 334 -37.80 -5.43 -12.55
CA LEU E 334 -38.07 -5.59 -11.11
C LEU E 334 -37.40 -6.86 -10.60
N LEU E 335 -36.38 -6.69 -9.75
CA LEU E 335 -35.70 -7.80 -9.08
C LEU E 335 -36.29 -7.98 -7.68
N VAL E 336 -36.96 -9.11 -7.44
CA VAL E 336 -37.49 -9.47 -6.13
C VAL E 336 -36.59 -10.54 -5.54
N VAL E 337 -36.08 -10.28 -4.33
CA VAL E 337 -35.11 -11.16 -3.68
C VAL E 337 -35.82 -12.39 -3.12
N ASP E 338 -35.36 -13.57 -3.52
CA ASP E 338 -35.82 -14.81 -2.91
C ASP E 338 -34.62 -15.58 -2.36
N ASP E 339 -34.87 -16.79 -1.85
CA ASP E 339 -33.81 -17.57 -1.23
C ASP E 339 -32.62 -17.73 -2.17
N GLU E 340 -32.88 -18.00 -3.44
CA GLU E 340 -31.78 -18.35 -4.34
C GLU E 340 -30.90 -17.13 -4.62
N ILE E 341 -31.51 -15.96 -4.75
CA ILE E 341 -30.75 -14.73 -4.89
C ILE E 341 -30.00 -14.41 -3.59
N ARG E 342 -30.60 -14.71 -2.44
CA ARG E 342 -29.90 -14.56 -1.16
C ARG E 342 -28.63 -15.42 -1.10
N HIS E 343 -28.73 -16.69 -1.48
CA HIS E 343 -27.55 -17.55 -1.49
C HIS E 343 -26.51 -17.06 -2.49
N ALA E 344 -26.96 -16.52 -3.63
CA ALA E 344 -25.98 -16.02 -4.59
C ALA E 344 -25.25 -14.80 -4.04
N ILE E 345 -25.96 -13.95 -3.30
CA ILE E 345 -25.34 -12.77 -2.71
C ILE E 345 -24.27 -13.19 -1.72
N VAL E 346 -24.63 -14.10 -0.81
CA VAL E 346 -23.71 -14.61 0.19
C VAL E 346 -22.53 -15.31 -0.46
N ALA E 347 -22.76 -15.98 -1.59
CA ALA E 347 -21.71 -16.70 -2.31
C ALA E 347 -20.85 -15.78 -3.17
N GLY E 348 -21.17 -14.50 -3.27
CA GLY E 348 -20.33 -13.60 -4.03
C GLY E 348 -20.47 -13.68 -5.53
N LYS E 349 -21.55 -14.29 -6.02
CA LYS E 349 -21.81 -14.38 -7.45
C LYS E 349 -21.86 -13.00 -8.09
N SER E 350 -21.51 -12.94 -9.37
CA SER E 350 -21.42 -11.66 -10.06
C SER E 350 -22.81 -11.10 -10.36
N ALA E 351 -22.82 -9.82 -10.73
CA ALA E 351 -24.04 -9.22 -11.27
C ALA E 351 -24.62 -10.07 -12.40
N THR E 352 -23.79 -10.47 -13.36
CA THR E 352 -24.29 -11.24 -14.50
C THR E 352 -25.00 -12.52 -14.04
N GLU E 353 -24.39 -13.28 -13.12
CA GLU E 353 -25.01 -14.52 -12.65
C GLU E 353 -26.28 -14.26 -11.87
N ILE E 354 -26.28 -13.20 -11.06
CA ILE E 354 -27.48 -12.85 -10.31
C ILE E 354 -28.62 -12.50 -11.27
N LYS E 355 -28.29 -11.82 -12.37
CA LYS E 355 -29.30 -11.49 -13.37
C LYS E 355 -29.92 -12.75 -13.96
N GLU E 356 -29.10 -13.76 -14.26
CA GLU E 356 -29.63 -15.00 -14.80
C GLU E 356 -30.61 -15.62 -13.82
N ILE E 357 -30.27 -15.61 -12.53
CA ILE E 357 -31.15 -16.20 -11.52
C ILE E 357 -32.46 -15.43 -11.48
N ALA E 358 -32.36 -14.09 -11.43
CA ALA E 358 -33.56 -13.29 -11.36
C ALA E 358 -34.45 -13.56 -12.56
N ARG E 359 -33.86 -13.73 -13.74
CA ARG E 359 -34.66 -13.94 -14.94
C ARG E 359 -35.34 -15.31 -14.90
N ARG E 360 -34.56 -16.36 -14.63
CA ARG E 360 -35.13 -17.70 -14.52
C ARG E 360 -36.29 -17.74 -13.53
N LYS E 361 -36.25 -16.91 -12.50
CA LYS E 361 -37.33 -16.79 -11.53
C LYS E 361 -38.40 -15.80 -11.95
N GLY E 362 -38.34 -15.29 -13.18
CA GLY E 362 -39.42 -14.49 -13.73
C GLY E 362 -39.18 -13.01 -13.88
N MET E 363 -37.97 -12.52 -13.69
CA MET E 363 -37.73 -11.10 -13.90
C MET E 363 -37.74 -10.79 -15.38
N LYS E 364 -38.49 -9.76 -15.77
CA LYS E 364 -38.45 -9.27 -17.13
C LYS E 364 -37.36 -8.20 -17.24
N THR E 365 -36.47 -8.35 -18.22
CA THR E 365 -35.46 -7.33 -18.40
C THR E 365 -36.08 -6.01 -18.87
N LEU E 366 -35.31 -4.93 -18.76
CA LEU E 366 -35.75 -3.63 -19.26
C LEU E 366 -36.15 -3.71 -20.73
N ARG E 367 -35.32 -4.36 -21.55
CA ARG E 367 -35.64 -4.44 -22.97
C ARG E 367 -36.90 -5.25 -23.19
N GLU E 368 -37.08 -6.32 -22.41
CA GLU E 368 -38.24 -7.18 -22.62
C GLU E 368 -39.52 -6.45 -22.28
N ASP E 369 -39.52 -5.72 -21.16
CA ASP E 369 -40.62 -4.83 -20.85
C ASP E 369 -40.82 -3.81 -21.96
N GLY E 370 -39.71 -3.26 -22.48
CA GLY E 370 -39.82 -2.30 -23.56
C GLY E 370 -40.52 -2.88 -24.79
N LEU E 371 -40.06 -4.05 -25.23
CA LEU E 371 -40.65 -4.65 -26.42
C LEU E 371 -42.13 -4.95 -26.19
N TYR E 372 -42.46 -5.57 -25.05
CA TYR E 372 -43.86 -5.79 -24.73
C TYR E 372 -44.68 -4.53 -24.94
N LYS E 373 -44.21 -3.41 -24.40
CA LYS E 373 -44.94 -2.16 -24.52
C LYS E 373 -44.90 -1.62 -25.95
N ALA E 374 -43.87 -1.99 -26.71
CA ALA E 374 -43.85 -1.60 -28.12
C ALA E 374 -44.93 -2.35 -28.90
N LEU E 375 -45.12 -3.64 -28.62
CA LEU E 375 -46.14 -4.44 -29.29
C LEU E 375 -47.56 -4.01 -28.93
N GLN E 376 -47.72 -3.11 -27.97
CA GLN E 376 -48.99 -2.47 -27.69
C GLN E 376 -49.08 -1.07 -28.27
N GLY E 377 -48.17 -0.72 -29.19
CA GLY E 377 -48.18 0.60 -29.79
C GLY E 377 -48.04 1.76 -28.81
N ILE E 378 -47.44 1.51 -27.64
CA ILE E 378 -47.14 2.59 -26.70
C ILE E 378 -45.89 3.36 -27.13
N THR E 379 -44.92 2.67 -27.72
CA THR E 379 -43.63 3.23 -28.07
C THR E 379 -43.17 2.54 -29.35
N THR E 380 -41.97 2.87 -29.82
CA THR E 380 -41.40 2.27 -31.03
C THR E 380 -40.32 1.27 -30.68
N LEU E 381 -40.04 0.36 -31.63
CA LEU E 381 -38.79 -0.39 -31.60
C LEU E 381 -37.60 0.54 -31.44
N GLU E 382 -37.55 1.60 -32.26
CA GLU E 382 -36.57 2.68 -32.18
C GLU E 382 -36.19 3.01 -30.76
N GLU E 383 -37.22 3.37 -29.97
CA GLU E 383 -36.99 3.88 -28.63
C GLU E 383 -36.52 2.77 -27.70
N VAL E 384 -37.02 1.55 -27.91
CA VAL E 384 -36.64 0.46 -27.04
C VAL E 384 -35.16 0.15 -27.19
N LEU E 385 -34.66 0.17 -28.43
CA LEU E 385 -33.24 -0.09 -28.62
C LEU E 385 -32.39 1.12 -28.28
N ALA E 386 -32.96 2.33 -28.42
CA ALA E 386 -32.27 3.54 -27.97
C ALA E 386 -31.95 3.46 -26.49
N ARG E 387 -32.93 3.09 -25.66
CA ARG E 387 -32.78 3.24 -24.22
C ARG E 387 -32.46 1.93 -23.50
N THR E 388 -32.10 0.86 -24.21
CA THR E 388 -31.81 -0.43 -23.57
C THR E 388 -30.58 -1.04 -24.23
N ILE E 389 -30.25 -2.27 -23.83
CA ILE E 389 -29.10 -3.05 -24.30
C ILE E 389 -29.53 -4.52 -24.26
N GLU E 390 -28.64 -5.44 -24.67
CA GLU E 390 -28.84 -6.88 -24.46
C GLU E 390 -28.91 -7.19 -22.95
N GLU F 5 47.92 -0.25 44.82
CA GLU F 5 48.06 -0.63 46.22
C GLU F 5 46.78 -1.28 46.75
N SER F 6 45.62 -0.96 46.19
CA SER F 6 44.43 -1.66 46.62
C SER F 6 44.34 -3.04 45.94
N ALA F 7 43.62 -3.95 46.59
CA ALA F 7 43.44 -5.28 46.04
C ALA F 7 42.68 -5.23 44.70
N ALA F 8 41.66 -4.38 44.61
CA ALA F 8 40.92 -4.24 43.35
C ALA F 8 41.85 -3.78 42.23
N GLN F 9 42.70 -2.79 42.51
CA GLN F 9 43.69 -2.39 41.51
C GLN F 9 44.57 -3.57 41.12
N LYS F 10 44.95 -4.40 42.09
CA LYS F 10 45.80 -5.55 41.81
C LYS F 10 45.06 -6.63 41.02
N PHE F 11 43.79 -6.89 41.37
CA PHE F 11 43.02 -7.86 40.62
C PHE F 11 42.86 -7.47 39.16
N VAL F 12 42.47 -6.21 38.90
CA VAL F 12 42.24 -5.80 37.52
C VAL F 12 43.53 -5.90 36.71
N LYS F 13 44.64 -5.45 37.30
CA LYS F 13 45.93 -5.48 36.61
C LYS F 13 46.34 -6.92 36.30
N GLN F 14 46.02 -7.85 37.20
CA GLN F 14 46.39 -9.23 36.99
C GLN F 14 45.53 -9.88 35.91
N VAL F 15 44.24 -9.52 35.82
CA VAL F 15 43.34 -10.12 34.82
C VAL F 15 43.67 -9.63 33.42
N ILE F 16 44.02 -8.34 33.27
CA ILE F 16 44.42 -7.88 31.94
C ILE F 16 45.75 -8.52 31.55
N ARG F 17 46.66 -8.68 32.51
CA ARG F 17 47.93 -9.35 32.22
C ARG F 17 47.69 -10.80 31.77
N GLU F 18 46.78 -11.50 32.44
CA GLU F 18 46.52 -12.87 32.07
C GLU F 18 45.82 -12.94 30.71
N ALA F 19 44.91 -12.00 30.45
CA ALA F 19 44.21 -11.99 29.18
C ALA F 19 45.19 -11.75 28.05
N PHE F 20 46.16 -10.86 28.28
CA PHE F 20 47.19 -10.59 27.29
C PHE F 20 48.04 -11.83 27.05
N LEU F 21 48.54 -12.47 28.11
CA LEU F 21 49.43 -13.62 27.90
C LEU F 21 48.70 -14.77 27.22
N GLN F 22 47.42 -14.98 27.56
CA GLN F 22 46.69 -16.10 26.99
C GLN F 22 45.93 -15.76 25.72
N ASP F 23 46.19 -14.59 25.14
CA ASP F 23 45.45 -14.07 23.98
C ASP F 23 43.94 -14.15 24.19
N ALA F 24 43.50 -13.72 25.36
CA ALA F 24 42.08 -13.57 25.53
C ALA F 24 41.61 -12.30 24.84
N SER F 25 40.38 -12.34 24.32
CA SER F 25 39.82 -11.20 23.62
C SER F 25 38.91 -10.37 24.50
N ASP F 26 38.27 -10.96 25.50
CA ASP F 26 37.32 -10.20 26.31
C ASP F 26 37.38 -10.68 27.75
N ILE F 27 37.31 -9.73 28.68
CA ILE F 27 37.19 -10.00 30.10
C ILE F 27 35.78 -9.65 30.53
N HIS F 28 35.11 -10.57 31.23
CA HIS F 28 33.74 -10.38 31.70
C HIS F 28 33.72 -10.43 33.23
N ILE F 29 33.32 -9.34 33.86
CA ILE F 29 33.24 -9.25 35.32
C ILE F 29 31.76 -9.18 35.67
N GLU F 30 31.20 -10.31 36.12
CA GLU F 30 29.74 -10.50 36.17
C GLU F 30 29.23 -10.70 37.59
N PRO F 31 28.50 -9.73 38.16
CA PRO F 31 27.88 -9.95 39.48
C PRO F 31 26.87 -11.09 39.45
N ARG F 32 26.83 -11.85 40.53
CA ARG F 32 25.79 -12.86 40.69
C ARG F 32 25.10 -12.67 42.05
N GLN F 33 24.27 -13.62 42.47
CA GLN F 33 23.49 -13.38 43.69
C GLN F 33 24.39 -13.33 44.92
N ASN F 34 25.43 -14.17 44.96
CA ASN F 34 26.23 -14.32 46.17
C ASN F 34 27.73 -14.26 45.92
N ASP F 35 28.15 -13.80 44.77
CA ASP F 35 29.57 -13.67 44.45
C ASP F 35 29.66 -12.93 43.13
N VAL F 36 30.87 -12.81 42.61
CA VAL F 36 31.11 -12.20 41.31
C VAL F 36 31.89 -13.21 40.47
N GLN F 37 31.40 -13.47 39.26
CA GLN F 37 32.01 -14.39 38.31
C GLN F 37 32.85 -13.59 37.30
N VAL F 38 34.11 -13.97 37.12
CA VAL F 38 34.97 -13.40 36.09
C VAL F 38 35.29 -14.49 35.07
N ARG F 39 35.00 -14.22 33.79
CA ARG F 39 35.26 -15.14 32.71
C ARG F 39 36.17 -14.47 31.69
N LEU F 40 36.88 -15.30 30.92
CA LEU F 40 37.70 -14.85 29.80
C LEU F 40 37.26 -15.57 28.54
N ARG F 41 37.15 -14.80 27.45
CA ARG F 41 36.87 -15.38 26.15
C ARG F 41 38.19 -15.69 25.45
N ILE F 42 38.43 -16.99 25.22
CA ILE F 42 39.65 -17.44 24.58
C ILE F 42 39.27 -18.31 23.40
N ASP F 43 39.79 -17.98 22.23
CA ASP F 43 39.45 -18.67 20.98
C ASP F 43 37.93 -18.76 20.81
N GLY F 44 37.24 -17.68 21.16
CA GLY F 44 35.82 -17.55 20.94
C GLY F 44 34.93 -17.96 22.10
N ALA F 45 35.38 -18.89 22.95
CA ALA F 45 34.60 -19.45 24.05
C ALA F 45 35.00 -18.82 25.38
N LEU F 46 34.00 -18.54 26.21
CA LEU F 46 34.29 -18.11 27.57
C LEU F 46 34.68 -19.32 28.41
N ARG F 47 35.59 -19.10 29.35
CA ARG F 47 36.04 -20.10 30.31
C ARG F 47 36.18 -19.40 31.64
N PRO F 48 36.10 -20.16 32.75
CA PRO F 48 36.19 -19.52 34.07
C PRO F 48 37.60 -19.02 34.34
N TYR F 49 37.69 -17.86 34.96
CA TYR F 49 38.97 -17.32 35.39
C TYR F 49 39.09 -17.15 36.88
N SER F 50 38.07 -16.62 37.55
CA SER F 50 38.15 -16.33 38.98
C SER F 50 36.74 -16.07 39.49
N THR F 51 36.62 -16.02 40.82
CA THR F 51 35.43 -15.49 41.49
C THR F 51 35.84 -14.52 42.58
N LEU F 52 34.95 -13.58 42.89
CA LEU F 52 35.20 -12.57 43.89
C LEU F 52 33.99 -12.49 44.80
N PRO F 53 34.17 -12.10 46.06
CA PRO F 53 33.01 -11.82 46.93
C PRO F 53 32.32 -10.54 46.48
N LYS F 54 30.97 -10.53 46.51
CA LYS F 54 30.42 -9.31 45.94
C LYS F 54 30.65 -8.08 46.80
N GLY F 55 31.32 -8.21 47.95
CA GLY F 55 31.87 -7.04 48.60
C GLY F 55 32.95 -6.37 47.79
N ALA F 56 33.52 -7.08 46.82
CA ALA F 56 34.59 -6.56 45.99
C ALA F 56 34.10 -5.95 44.67
N LEU F 57 32.81 -6.03 44.35
CA LEU F 57 32.33 -5.64 43.02
C LEU F 57 32.51 -4.14 42.77
N ASN F 58 32.09 -3.28 43.71
CA ASN F 58 32.11 -1.86 43.42
C ASN F 58 33.52 -1.33 43.36
N ALA F 59 34.43 -1.95 44.11
CA ALA F 59 35.84 -1.57 44.01
C ALA F 59 36.38 -1.84 42.62
N VAL F 60 36.24 -3.09 42.17
CA VAL F 60 36.69 -3.45 40.82
C VAL F 60 36.02 -2.56 39.76
N ILE F 61 34.70 -2.36 39.87
CA ILE F 61 33.99 -1.56 38.86
C ILE F 61 34.55 -0.16 38.83
N SER F 62 34.90 0.37 40.00
CA SER F 62 35.50 1.69 40.08
C SER F 62 36.85 1.74 39.36
N VAL F 63 37.74 0.77 39.64
CA VAL F 63 39.02 0.70 38.92
C VAL F 63 38.81 0.76 37.41
N VAL F 64 37.88 -0.06 36.91
CA VAL F 64 37.58 -0.09 35.47
C VAL F 64 37.06 1.25 34.98
N LYS F 65 36.10 1.84 35.71
CA LYS F 65 35.52 3.10 35.25
C LYS F 65 36.57 4.20 35.20
N ILE F 66 37.41 4.31 36.23
CA ILE F 66 38.42 5.36 36.30
C ILE F 66 39.40 5.24 35.13
N MET F 67 39.83 4.01 34.81
CA MET F 67 40.65 3.78 33.63
C MET F 67 40.05 4.37 32.37
N GLY F 68 38.73 4.32 32.23
CA GLY F 68 38.08 4.73 31.01
C GLY F 68 37.39 6.09 31.05
N GLY F 69 37.62 6.90 32.08
CA GLY F 69 36.91 8.15 32.16
C GLY F 69 35.46 8.03 32.61
N LEU F 70 34.95 6.82 32.85
CA LEU F 70 33.54 6.69 33.14
C LEU F 70 33.20 7.34 34.49
N ASN F 71 31.90 7.41 34.78
CA ASN F 71 31.38 8.11 35.94
C ASN F 71 31.05 7.09 37.04
N ILE F 72 31.70 7.21 38.19
CA ILE F 72 31.50 6.24 39.24
C ILE F 72 30.13 6.39 39.88
N ALA F 73 29.61 7.62 39.93
CA ALA F 73 28.28 7.85 40.51
C ALA F 73 27.21 7.13 39.70
N GLU F 74 27.19 7.32 38.38
CA GLU F 74 26.16 6.71 37.54
C GLU F 74 26.25 5.19 37.58
N LYS F 75 25.26 4.53 38.17
CA LYS F 75 25.14 3.08 38.14
C LYS F 75 23.84 2.59 37.55
N ARG F 76 22.97 3.47 37.07
CA ARG F 76 21.67 3.06 36.59
C ARG F 76 21.60 2.98 35.07
N LEU F 77 22.57 3.54 34.37
CA LEU F 77 22.65 3.53 32.93
C LEU F 77 23.93 2.82 32.51
N PRO F 78 23.98 2.29 31.28
CA PRO F 78 25.26 1.74 30.79
C PRO F 78 26.24 2.86 30.46
N GLN F 79 27.53 2.49 30.40
CA GLN F 79 28.57 3.42 30.01
C GLN F 79 29.58 2.68 29.15
N ASP F 80 30.35 3.42 28.36
CA ASP F 80 31.48 2.80 27.70
C ASP F 80 32.52 3.84 27.33
N GLY F 81 33.73 3.35 27.10
CA GLY F 81 34.90 4.18 26.88
C GLY F 81 36.04 3.34 26.37
N ARG F 82 37.24 3.93 26.39
CA ARG F 82 38.43 3.24 25.90
C ARG F 82 39.60 3.67 26.76
N VAL F 83 40.60 2.79 26.85
CA VAL F 83 41.81 3.09 27.60
C VAL F 83 43.00 2.47 26.88
N ARG F 84 44.09 3.24 26.76
CA ARG F 84 45.38 2.67 26.40
C ARG F 84 45.98 2.12 27.69
N TYR F 85 45.92 0.80 27.86
CA TYR F 85 46.45 0.18 29.07
C TYR F 85 47.94 -0.07 28.88
N ARG F 86 48.74 0.52 29.78
CA ARG F 86 50.19 0.35 29.79
C ARG F 86 50.63 -0.08 31.19
N GLU F 87 51.09 -1.32 31.31
CA GLU F 87 51.61 -1.82 32.57
C GLU F 87 52.67 -2.87 32.25
N GLY F 88 53.74 -2.91 33.04
CA GLY F 88 54.84 -3.83 32.75
C GLY F 88 55.36 -3.56 31.35
N ALA F 89 55.44 -4.62 30.53
CA ALA F 89 55.75 -4.50 29.12
C ALA F 89 54.52 -4.50 28.23
N ILE F 90 53.33 -4.62 28.81
CA ILE F 90 52.07 -4.66 28.08
C ILE F 90 51.70 -3.25 27.64
N ASP F 91 51.33 -3.09 26.37
CA ASP F 91 50.75 -1.87 25.81
C ASP F 91 49.58 -2.28 24.90
N VAL F 92 48.36 -2.17 25.42
CA VAL F 92 47.17 -2.66 24.75
C VAL F 92 46.04 -1.64 24.92
N ASP F 93 45.24 -1.45 23.86
CA ASP F 93 44.02 -0.66 23.95
C ASP F 93 42.82 -1.53 24.35
N LEU F 94 42.00 -1.03 25.26
CA LEU F 94 40.84 -1.77 25.76
C LEU F 94 39.55 -1.00 25.52
N ARG F 95 38.52 -1.70 25.06
CA ARG F 95 37.16 -1.17 25.05
C ARG F 95 36.48 -1.54 26.37
N LEU F 96 36.08 -0.52 27.14
CA LEU F 96 35.46 -0.75 28.44
C LEU F 96 33.97 -0.47 28.38
N SER F 97 33.16 -1.43 28.78
CA SER F 97 31.71 -1.26 28.83
C SER F 97 31.18 -1.69 30.19
N THR F 98 30.39 -0.81 30.83
CA THR F 98 29.67 -1.10 32.06
C THR F 98 28.16 -1.14 31.81
N LEU F 99 27.48 -2.09 32.45
CA LEU F 99 26.05 -2.35 32.20
C LEU F 99 25.35 -2.71 33.51
N PRO F 100 24.25 -2.04 33.85
CA PRO F 100 23.50 -2.44 35.06
C PRO F 100 22.86 -3.81 34.84
N THR F 101 22.99 -4.67 35.83
CA THR F 101 22.25 -5.92 35.91
C THR F 101 21.56 -5.99 37.27
N VAL F 102 20.75 -7.03 37.48
CA VAL F 102 19.99 -7.06 38.72
C VAL F 102 20.88 -7.20 39.95
N TYR F 103 22.10 -7.73 39.84
CA TYR F 103 22.96 -7.90 41.00
C TYR F 103 24.12 -6.91 41.03
N GLY F 104 24.05 -5.86 40.21
CA GLY F 104 25.09 -4.86 40.11
C GLY F 104 25.54 -4.68 38.67
N GLU F 105 26.61 -3.92 38.48
CA GLU F 105 27.11 -3.65 37.14
C GLU F 105 28.03 -4.76 36.66
N LYS F 106 27.79 -5.23 35.45
CA LYS F 106 28.73 -6.05 34.73
C LYS F 106 29.71 -5.17 33.94
N ALA F 107 30.98 -5.56 33.91
CA ALA F 107 32.00 -4.90 33.12
C ALA F 107 32.53 -5.84 32.04
N VAL F 108 32.73 -5.31 30.84
CA VAL F 108 33.35 -6.08 29.77
C VAL F 108 34.50 -5.25 29.20
N MET F 109 35.70 -5.79 29.26
CA MET F 109 36.84 -5.14 28.60
C MET F 109 37.30 -5.99 27.44
N ARG F 110 37.38 -5.39 26.25
CA ARG F 110 37.88 -6.10 25.09
C ARG F 110 39.31 -5.66 24.80
N LEU F 111 40.16 -6.62 24.45
CA LEU F 111 41.55 -6.36 24.10
C LEU F 111 41.62 -6.17 22.60
N LEU F 112 42.04 -4.99 22.16
CA LEU F 112 41.97 -4.65 20.75
C LEU F 112 43.26 -5.04 20.04
N LYS F 113 43.13 -5.56 18.83
CA LYS F 113 44.32 -5.91 18.08
C LYS F 113 44.96 -4.67 17.44
N LYS F 114 46.19 -4.83 16.99
CA LYS F 114 46.96 -3.75 16.39
C LYS F 114 47.34 -4.11 14.95
N ALA F 115 47.80 -3.10 14.22
CA ALA F 115 48.26 -3.30 12.85
C ALA F 115 49.30 -4.40 12.76
N SER F 116 50.21 -4.48 13.74
CA SER F 116 51.27 -5.48 13.70
C SER F 116 50.76 -6.91 13.89
N ASP F 117 49.49 -7.10 14.25
CA ASP F 117 48.88 -8.42 14.35
C ASP F 117 48.29 -8.93 13.03
N ILE F 118 48.15 -8.07 12.03
CA ILE F 118 47.53 -8.48 10.76
C ILE F 118 48.49 -9.36 9.97
N PRO F 119 48.13 -10.60 9.66
CA PRO F 119 49.04 -11.46 8.90
C PRO F 119 49.14 -11.05 7.43
N GLU F 120 50.23 -11.47 6.81
CA GLU F 120 50.31 -11.47 5.36
C GLU F 120 49.35 -12.52 4.79
N ILE F 121 48.95 -12.34 3.52
CA ILE F 121 47.89 -13.18 2.97
C ILE F 121 48.29 -14.65 2.92
N GLU F 122 49.58 -14.95 2.74
CA GLU F 122 50.04 -16.34 2.76
C GLU F 122 49.77 -17.05 4.08
N ASP F 123 49.47 -16.31 5.14
CA ASP F 123 49.22 -16.85 6.47
C ASP F 123 47.76 -16.69 6.87
N LEU F 124 46.86 -16.63 5.91
CA LEU F 124 45.46 -16.49 6.28
C LEU F 124 44.79 -17.83 6.49
N GLY F 125 45.44 -18.91 6.06
CA GLY F 125 44.92 -20.25 6.25
C GLY F 125 44.31 -20.86 5.02
N PHE F 126 44.52 -20.27 3.85
CA PHE F 126 43.88 -20.77 2.64
C PHE F 126 44.48 -22.11 2.22
N ALA F 127 43.60 -23.05 1.87
CA ALA F 127 44.05 -24.28 1.24
C ALA F 127 44.75 -23.93 -0.08
N PRO F 128 45.61 -24.81 -0.59
CA PRO F 128 46.47 -24.41 -1.72
C PRO F 128 45.70 -23.95 -2.96
N GLY F 129 44.70 -24.70 -3.40
CA GLY F 129 44.03 -24.33 -4.65
C GLY F 129 43.19 -23.06 -4.52
N VAL F 130 42.50 -22.91 -3.39
CA VAL F 130 41.71 -21.71 -3.15
C VAL F 130 42.61 -20.49 -3.07
N PHE F 131 43.80 -20.66 -2.47
CA PHE F 131 44.68 -19.51 -2.29
C PHE F 131 45.12 -18.93 -3.62
N GLU F 132 45.38 -19.79 -4.61
CA GLU F 132 45.68 -19.28 -5.94
C GLU F 132 44.48 -18.54 -6.52
N ARG F 133 43.26 -19.08 -6.32
CA ARG F 133 42.09 -18.36 -6.82
C ARG F 133 41.87 -17.04 -6.06
N PHE F 134 42.17 -17.04 -4.75
CA PHE F 134 42.15 -15.81 -3.94
C PHE F 134 43.06 -14.74 -4.52
N LYS F 135 44.36 -15.06 -4.71
CA LYS F 135 45.32 -14.08 -5.23
C LYS F 135 44.85 -13.46 -6.55
N GLU F 136 44.37 -14.28 -7.49
CA GLU F 136 43.90 -13.75 -8.77
C GLU F 136 42.73 -12.78 -8.60
N VAL F 137 41.83 -13.05 -7.65
CA VAL F 137 40.68 -12.18 -7.46
C VAL F 137 41.11 -10.83 -6.88
N ILE F 138 42.00 -10.82 -5.90
CA ILE F 138 42.38 -9.55 -5.28
C ILE F 138 43.36 -8.75 -6.14
N SER F 139 43.89 -9.34 -7.21
CA SER F 139 44.82 -8.67 -8.11
C SER F 139 44.10 -7.95 -9.24
N LYS F 140 42.79 -7.96 -9.25
CA LYS F 140 42.14 -7.29 -10.37
C LYS F 140 42.15 -5.78 -10.15
N PRO F 141 42.07 -5.01 -11.21
CA PRO F 141 42.29 -3.56 -11.06
C PRO F 141 41.06 -2.80 -10.59
N TYR F 142 39.87 -3.36 -10.79
CA TYR F 142 38.63 -2.74 -10.32
C TYR F 142 37.58 -3.83 -10.20
N GLY F 143 36.45 -3.48 -9.61
CA GLY F 143 35.46 -4.44 -9.17
C GLY F 143 35.22 -4.34 -7.68
N ILE F 144 34.18 -5.05 -7.24
CA ILE F 144 33.85 -5.08 -5.82
C ILE F 144 34.05 -6.51 -5.33
N PHE F 145 34.79 -6.65 -4.23
CA PHE F 145 35.10 -7.92 -3.57
C PHE F 145 34.45 -7.89 -2.19
N LEU F 146 33.55 -8.85 -1.94
CA LEU F 146 32.81 -8.91 -0.67
C LEU F 146 33.36 -9.99 0.26
N ILE F 147 33.53 -9.64 1.53
CA ILE F 147 33.98 -10.55 2.59
C ILE F 147 32.86 -10.66 3.63
N THR F 148 32.36 -11.89 3.85
CA THR F 148 31.12 -12.08 4.60
C THR F 148 31.25 -13.09 5.75
N GLY F 149 30.48 -12.84 6.79
CA GLY F 149 30.47 -13.73 7.93
C GLY F 149 29.97 -13.05 9.18
N PRO F 150 29.60 -13.88 10.16
CA PRO F 150 29.11 -13.35 11.43
C PRO F 150 30.22 -12.57 12.13
N THR F 151 29.84 -11.85 13.18
CA THR F 151 30.85 -11.10 13.90
C THR F 151 31.94 -12.04 14.41
N GLY F 152 33.16 -11.52 14.46
CA GLY F 152 34.29 -12.29 14.95
C GLY F 152 34.70 -13.51 14.14
N SER F 153 34.38 -13.56 12.85
CA SER F 153 34.87 -14.62 11.99
C SER F 153 36.15 -14.24 11.22
N GLY F 154 36.76 -13.09 11.55
CA GLY F 154 38.03 -12.71 10.97
C GLY F 154 37.98 -11.87 9.70
N LYS F 155 36.84 -11.24 9.40
CA LYS F 155 36.72 -10.47 8.17
C LYS F 155 37.70 -9.29 8.14
N SER F 156 37.82 -8.56 9.26
CA SER F 156 38.72 -7.42 9.28
C SER F 156 40.19 -7.85 9.09
N PHE F 157 40.59 -8.97 9.67
CA PHE F 157 41.95 -9.45 9.46
C PHE F 157 42.19 -9.72 7.99
N THR F 158 41.25 -10.41 7.36
CA THR F 158 41.38 -10.69 5.93
C THR F 158 41.43 -9.40 5.11
N THR F 159 40.50 -8.48 5.37
CA THR F 159 40.48 -7.23 4.64
C THR F 159 41.84 -6.56 4.67
N PHE F 160 42.40 -6.37 5.87
CA PHE F 160 43.62 -5.61 5.97
C PHE F 160 44.83 -6.44 5.56
N SER F 161 44.76 -7.76 5.70
CA SER F 161 45.73 -8.62 5.05
C SER F 161 45.80 -8.31 3.56
N ILE F 162 44.64 -8.24 2.89
CA ILE F 162 44.61 -7.96 1.46
C ILE F 162 45.27 -6.61 1.19
N LEU F 163 44.93 -5.58 1.99
CA LEU F 163 45.47 -4.26 1.70
C LEU F 163 46.96 -4.18 2.00
N LYS F 164 47.42 -4.90 3.03
CA LYS F 164 48.85 -5.05 3.25
C LYS F 164 49.56 -5.39 1.94
N ARG F 165 49.00 -6.31 1.16
CA ARG F 165 49.63 -6.72 -0.09
C ARG F 165 49.37 -5.75 -1.25
N ILE F 166 48.13 -5.25 -1.45
CA ILE F 166 47.79 -4.54 -2.70
C ILE F 166 47.81 -3.01 -2.62
N ALA F 167 47.86 -2.42 -1.42
CA ALA F 167 47.86 -0.96 -1.33
C ALA F 167 49.29 -0.43 -1.44
N THR F 168 49.74 -0.26 -2.66
CA THR F 168 51.10 0.19 -2.90
C THR F 168 51.14 1.70 -3.17
N PRO F 169 52.31 2.34 -3.08
CA PRO F 169 52.34 3.83 -3.02
C PRO F 169 52.02 4.53 -4.32
N ASP F 170 51.91 3.80 -5.42
CA ASP F 170 51.40 4.37 -6.67
C ASP F 170 49.88 4.54 -6.65
N LYS F 171 49.22 4.06 -5.60
CA LYS F 171 47.77 4.02 -5.54
C LYS F 171 47.28 4.80 -4.33
N ASN F 172 46.08 5.35 -4.46
CA ASN F 172 45.40 5.97 -3.34
C ASN F 172 44.47 4.94 -2.71
N THR F 173 44.71 4.62 -1.45
CA THR F 173 43.90 3.66 -0.71
C THR F 173 43.15 4.39 0.41
N GLN F 174 41.82 4.28 0.38
CA GLN F 174 40.93 5.04 1.23
C GLN F 174 39.91 4.11 1.88
N THR F 175 39.70 4.28 3.19
CA THR F 175 38.81 3.43 3.95
C THR F 175 37.72 4.26 4.61
N ILE F 176 36.57 3.64 4.84
CA ILE F 176 35.53 4.17 5.71
C ILE F 176 35.19 3.08 6.71
N GLU F 177 35.46 3.34 7.99
CA GLU F 177 35.37 2.35 9.05
C GLU F 177 34.57 2.90 10.23
N ASP F 178 34.08 1.97 11.06
CA ASP F 178 33.14 2.29 12.14
C ASP F 178 33.37 1.31 13.28
N PRO F 179 34.40 1.54 14.10
CA PRO F 179 35.36 2.63 13.95
C PRO F 179 36.62 2.14 13.24
N VAL F 180 37.60 3.03 13.10
CA VAL F 180 38.90 2.66 12.57
C VAL F 180 39.65 1.89 13.66
N GLU F 181 40.08 0.66 13.34
CA GLU F 181 40.64 -0.28 14.31
C GLU F 181 42.17 -0.38 14.27
N TYR F 182 42.78 -0.33 13.09
CA TYR F 182 44.22 -0.48 12.96
C TYR F 182 44.80 0.77 12.30
N GLU F 183 45.95 1.20 12.77
CA GLU F 183 46.70 2.25 12.08
C GLU F 183 47.55 1.54 11.05
N ILE F 184 47.09 1.53 9.80
CA ILE F 184 47.87 0.97 8.70
C ILE F 184 48.63 2.10 8.03
N PRO F 185 49.96 2.05 7.98
CA PRO F 185 50.72 3.13 7.32
C PRO F 185 50.56 3.04 5.81
N GLY F 186 50.49 4.21 5.18
CA GLY F 186 50.39 4.24 3.73
C GLY F 186 49.00 4.10 3.17
N ILE F 187 47.96 3.98 4.00
CA ILE F 187 46.60 4.08 3.51
C ILE F 187 45.93 5.21 4.28
N ASN F 188 44.94 5.82 3.66
CA ASN F 188 44.18 6.87 4.31
C ASN F 188 42.94 6.25 4.94
N GLN F 189 42.61 6.70 6.14
CA GLN F 189 41.54 6.07 6.90
C GLN F 189 40.60 7.11 7.49
N THR F 190 39.30 6.83 7.41
CA THR F 190 38.30 7.79 7.83
C THR F 190 37.26 7.07 8.66
N GLN F 191 36.88 7.68 9.77
CA GLN F 191 35.97 7.04 10.71
C GLN F 191 34.54 7.56 10.55
N VAL F 192 33.57 6.65 10.61
CA VAL F 192 32.17 7.06 10.62
C VAL F 192 31.92 7.95 11.84
N ASN F 193 31.23 9.07 11.62
CA ASN F 193 30.97 10.04 12.69
C ASN F 193 29.49 10.42 12.73
N PRO F 194 28.68 9.69 13.51
CA PRO F 194 27.22 9.96 13.51
C PRO F 194 26.83 11.35 14.01
N GLN F 195 27.43 11.81 15.10
CA GLN F 195 27.11 13.15 15.61
C GLN F 195 27.29 14.23 14.54
N ALA F 196 28.36 14.11 13.74
CA ALA F 196 28.62 15.08 12.68
C ALA F 196 27.87 14.78 11.39
N GLY F 197 27.21 13.63 11.30
CA GLY F 197 26.51 13.30 10.08
C GLY F 197 27.36 12.65 9.02
N LEU F 198 28.58 12.22 9.37
CA LEU F 198 29.45 11.49 8.45
C LEU F 198 29.09 10.01 8.52
N THR F 199 28.06 9.65 7.76
CA THR F 199 27.66 8.27 7.58
C THR F 199 28.56 7.54 6.59
N PHE F 200 28.38 6.23 6.51
CA PHE F 200 28.99 5.45 5.44
C PHE F 200 28.73 6.07 4.07
N ALA F 201 27.46 6.28 3.74
CA ALA F 201 27.13 6.75 2.39
C ALA F 201 27.68 8.15 2.15
N ARG F 202 27.59 9.03 3.14
CA ARG F 202 28.07 10.40 2.94
C ARG F 202 29.58 10.41 2.68
N ALA F 203 30.34 9.60 3.41
CA ALA F 203 31.80 9.55 3.22
C ALA F 203 32.15 8.90 1.89
N LEU F 204 31.52 7.75 1.59
CA LEU F 204 31.71 7.08 0.32
C LEU F 204 31.44 8.03 -0.84
N ARG F 205 30.39 8.85 -0.72
CA ARG F 205 30.10 9.87 -1.73
C ARG F 205 31.29 10.82 -1.90
N ALA F 206 31.84 11.30 -0.79
CA ALA F 206 33.00 12.19 -0.89
C ALA F 206 34.20 11.50 -1.53
N PHE F 207 34.39 10.21 -1.22
CA PHE F 207 35.52 9.46 -1.78
C PHE F 207 35.60 9.57 -3.30
N LEU F 208 34.45 9.70 -3.98
CA LEU F 208 34.48 9.76 -5.44
C LEU F 208 35.14 11.02 -5.97
N ARG F 209 35.37 12.02 -5.12
CA ARG F 209 36.10 13.22 -5.52
C ARG F 209 37.46 13.30 -4.83
N GLN F 210 37.99 12.16 -4.40
CA GLN F 210 39.29 12.06 -3.74
C GLN F 210 40.29 11.25 -4.54
N ASP F 211 40.00 11.00 -5.82
CA ASP F 211 40.90 10.29 -6.72
C ASP F 211 41.40 8.97 -6.14
N PRO F 212 40.50 8.06 -5.78
CA PRO F 212 40.93 6.81 -5.16
C PRO F 212 41.27 5.74 -6.19
N ASP F 213 42.06 4.77 -5.75
CA ASP F 213 42.24 3.55 -6.50
C ASP F 213 41.63 2.32 -5.83
N ILE F 214 41.78 2.21 -4.51
CA ILE F 214 41.19 1.14 -3.73
C ILE F 214 40.34 1.78 -2.64
N ILE F 215 39.07 1.37 -2.56
CA ILE F 215 38.16 1.87 -1.54
C ILE F 215 37.77 0.71 -0.66
N MET F 216 37.86 0.89 0.67
CA MET F 216 37.45 -0.12 1.64
C MET F 216 36.24 0.37 2.43
N VAL F 217 35.14 -0.35 2.31
CA VAL F 217 33.91 -0.04 3.02
C VAL F 217 33.77 -1.05 4.15
N GLY F 218 33.89 -0.56 5.39
CA GLY F 218 33.90 -1.46 6.53
C GLY F 218 32.61 -2.21 6.76
N GLU F 219 31.46 -1.61 6.37
CA GLU F 219 30.14 -2.19 6.59
C GLU F 219 29.19 -1.70 5.51
N ILE F 220 28.51 -2.64 4.85
CA ILE F 220 27.39 -2.36 3.96
C ILE F 220 26.14 -2.65 4.78
N ARG F 221 25.54 -1.62 5.38
CA ARG F 221 24.37 -1.86 6.23
C ARG F 221 23.09 -1.20 5.75
N ASP F 222 23.11 -0.44 4.66
CA ASP F 222 21.90 0.18 4.17
C ASP F 222 21.90 0.13 2.64
N SER F 223 20.78 0.55 2.04
CA SER F 223 20.68 0.51 0.59
C SER F 223 21.59 1.55 -0.05
N GLU F 224 21.60 2.77 0.46
CA GLU F 224 22.43 3.79 -0.16
C GLU F 224 23.87 3.33 -0.28
N THR F 225 24.42 2.80 0.83
CA THR F 225 25.83 2.39 0.84
C THR F 225 26.06 1.22 -0.12
N ALA F 226 25.10 0.30 -0.20
CA ALA F 226 25.21 -0.81 -1.14
C ALA F 226 25.29 -0.31 -2.58
N LYS F 227 24.38 0.60 -2.95
CA LYS F 227 24.35 1.09 -4.33
C LYS F 227 25.58 1.93 -4.67
N ILE F 228 25.99 2.82 -3.76
CA ILE F 228 27.15 3.66 -4.05
C ILE F 228 28.42 2.81 -4.17
N ALA F 229 28.58 1.81 -3.28
CA ALA F 229 29.79 0.99 -3.33
C ALA F 229 29.82 0.14 -4.60
N THR F 230 28.67 -0.36 -5.03
CA THR F 230 28.63 -1.03 -6.33
C THR F 230 28.92 -0.03 -7.46
N GLU F 231 28.40 1.19 -7.36
CA GLU F 231 28.65 2.17 -8.40
C GLU F 231 30.14 2.47 -8.51
N ALA F 232 30.83 2.60 -7.36
CA ALA F 232 32.26 2.91 -7.36
C ALA F 232 33.07 1.80 -8.02
N ALA F 233 32.69 0.54 -7.77
CA ALA F 233 33.32 -0.56 -8.47
C ALA F 233 33.04 -0.50 -9.97
N LEU F 234 31.82 -0.11 -10.35
CA LEU F 234 31.48 -0.09 -11.76
C LEU F 234 32.31 0.96 -12.52
N THR F 235 32.51 2.13 -11.92
CA THR F 235 33.15 3.20 -12.66
C THR F 235 34.63 2.94 -12.86
N GLY F 236 35.19 1.98 -12.12
CA GLY F 236 36.58 1.59 -12.33
C GLY F 236 37.48 1.63 -11.12
N HIS F 237 36.92 1.55 -9.92
CA HIS F 237 37.70 1.41 -8.71
C HIS F 237 37.64 -0.02 -8.20
N LEU F 238 38.66 -0.40 -7.43
CA LEU F 238 38.63 -1.64 -6.67
C LEU F 238 38.03 -1.37 -5.29
N VAL F 239 37.00 -2.14 -4.94
CA VAL F 239 36.20 -1.90 -3.73
C VAL F 239 36.21 -3.18 -2.90
N ILE F 240 36.73 -3.10 -1.68
CA ILE F 240 36.68 -4.21 -0.73
C ILE F 240 35.73 -3.82 0.39
N ALA F 241 34.70 -4.65 0.60
CA ALA F 241 33.59 -4.29 1.48
C ALA F 241 33.09 -5.51 2.25
N THR F 242 32.53 -5.26 3.42
CA THR F 242 32.13 -6.29 4.36
C THR F 242 30.62 -6.35 4.46
N LEU F 243 30.10 -7.58 4.58
CA LEU F 243 28.68 -7.87 4.51
C LEU F 243 28.39 -9.09 5.38
N HIS F 244 27.18 -9.18 5.93
CA HIS F 244 26.82 -10.31 6.79
C HIS F 244 25.90 -11.25 6.01
N THR F 245 26.42 -12.41 5.62
CA THR F 245 25.62 -13.47 5.02
C THR F 245 26.18 -14.81 5.47
N ASN F 246 25.32 -15.84 5.44
CA ASN F 246 25.72 -17.17 5.92
C ASN F 246 26.63 -17.91 4.95
N ASP F 247 26.59 -17.59 3.67
CA ASP F 247 27.48 -18.23 2.71
C ASP F 247 27.75 -17.23 1.59
N ALA F 248 28.60 -17.65 0.64
CA ALA F 248 29.05 -16.79 -0.45
C ALA F 248 27.89 -16.32 -1.31
N ALA F 249 27.11 -17.26 -1.87
CA ALA F 249 26.11 -16.89 -2.87
C ALA F 249 25.05 -15.97 -2.28
N GLN F 250 24.78 -16.07 -0.99
CA GLN F 250 23.78 -15.19 -0.38
C GLN F 250 24.21 -13.73 -0.41
N ALA F 251 25.50 -13.44 -0.61
CA ALA F 251 25.90 -12.05 -0.73
C ALA F 251 25.39 -11.44 -2.04
N ILE F 252 25.36 -12.24 -3.11
CA ILE F 252 24.75 -11.82 -4.36
C ILE F 252 23.28 -11.46 -4.15
N THR F 253 22.51 -12.39 -3.61
CA THR F 253 21.09 -12.10 -3.48
C THR F 253 20.83 -11.01 -2.43
N ARG F 254 21.68 -10.91 -1.41
CA ARG F 254 21.49 -9.85 -0.41
CA ARG F 254 21.49 -9.85 -0.42
C ARG F 254 21.67 -8.47 -1.04
N LEU F 255 22.65 -8.32 -1.95
CA LEU F 255 22.85 -7.03 -2.59
C LEU F 255 21.60 -6.62 -3.36
N ASP F 256 20.96 -7.61 -4.01
CA ASP F 256 19.74 -7.39 -4.77
C ASP F 256 18.59 -6.95 -3.86
N GLU F 257 18.34 -7.72 -2.80
CA GLU F 257 17.31 -7.37 -1.85
C GLU F 257 17.55 -5.99 -1.25
N MET F 258 18.81 -5.60 -1.06
CA MET F 258 19.08 -4.22 -0.64
C MET F 258 18.82 -3.18 -1.73
N GLY F 259 18.46 -3.61 -2.94
CA GLY F 259 18.10 -2.69 -4.00
C GLY F 259 19.22 -2.27 -4.92
N VAL F 260 20.21 -3.14 -5.13
CA VAL F 260 21.20 -2.94 -6.17
C VAL F 260 20.66 -3.66 -7.39
N GLU F 261 20.62 -2.95 -8.52
CA GLU F 261 20.16 -3.58 -9.75
C GLU F 261 21.02 -4.81 -10.04
N PRO F 262 20.41 -5.93 -10.43
CA PRO F 262 21.22 -7.11 -10.79
C PRO F 262 22.21 -6.85 -11.91
N PHE F 263 21.87 -6.02 -12.90
CA PHE F 263 22.83 -5.78 -13.97
C PHE F 263 24.07 -5.08 -13.41
N ASN F 264 23.90 -4.22 -12.41
CA ASN F 264 25.05 -3.60 -11.75
C ASN F 264 25.85 -4.63 -10.95
N ILE F 265 25.18 -5.50 -10.18
CA ILE F 265 25.89 -6.54 -9.44
C ILE F 265 26.72 -7.39 -10.41
N SER F 266 26.08 -7.86 -11.49
CA SER F 266 26.74 -8.71 -12.47
C SER F 266 27.98 -8.05 -13.05
N ALA F 267 27.95 -6.72 -13.22
CA ALA F 267 28.99 -6.00 -13.91
C ALA F 267 30.16 -5.62 -12.99
N ALA F 268 29.95 -5.56 -11.67
CA ALA F 268 30.96 -5.11 -10.73
C ALA F 268 31.51 -6.20 -9.83
N LEU F 269 30.70 -7.19 -9.46
CA LEU F 269 31.08 -8.17 -8.45
C LEU F 269 32.18 -9.09 -8.98
N ILE F 270 33.37 -9.01 -8.41
CA ILE F 270 34.42 -9.93 -8.84
C ILE F 270 34.48 -11.17 -7.95
N GLY F 271 34.05 -11.09 -6.70
CA GLY F 271 34.02 -12.29 -5.90
C GLY F 271 33.41 -12.07 -4.54
N VAL F 272 33.14 -13.18 -3.88
CA VAL F 272 32.65 -13.21 -2.51
C VAL F 272 33.49 -14.23 -1.76
N LEU F 273 34.13 -13.80 -0.66
CA LEU F 273 34.75 -14.70 0.30
C LEU F 273 33.86 -14.84 1.53
N SER F 274 33.54 -16.08 1.88
CA SER F 274 32.80 -16.41 3.09
C SER F 274 33.74 -17.12 4.06
N GLN F 275 33.69 -16.73 5.34
CA GLN F 275 34.67 -17.31 6.24
C GLN F 275 34.12 -17.47 7.66
N ARG F 276 34.70 -18.45 8.36
CA ARG F 276 34.51 -18.68 9.79
C ARG F 276 35.87 -18.93 10.42
N LEU F 277 35.92 -18.86 11.74
CA LEU F 277 37.04 -19.35 12.54
C LEU F 277 36.65 -20.64 13.24
N VAL F 278 37.54 -21.62 13.22
CA VAL F 278 37.38 -22.84 14.00
C VAL F 278 38.52 -22.86 14.99
N ARG F 279 38.36 -23.66 16.04
CA ARG F 279 39.43 -23.77 17.02
C ARG F 279 40.46 -24.81 16.59
N ARG F 280 41.74 -24.52 16.84
CA ARG F 280 42.84 -25.44 16.56
C ARG F 280 43.00 -26.45 17.68
N VAL F 281 43.42 -27.67 17.35
CA VAL F 281 43.67 -28.66 18.39
C VAL F 281 44.95 -28.29 19.12
N CYS F 282 44.90 -28.33 20.46
CA CYS F 282 46.09 -28.18 21.29
C CYS F 282 47.11 -29.26 20.92
N GLU F 283 48.34 -28.86 20.62
CA GLU F 283 49.34 -29.85 20.23
C GLU F 283 49.67 -30.80 21.37
N HIS F 284 49.60 -30.32 22.61
CA HIS F 284 50.13 -31.07 23.74
C HIS F 284 49.19 -32.14 24.24
N CYS F 285 47.90 -32.05 23.96
CA CYS F 285 47.01 -33.14 24.33
C CYS F 285 46.38 -33.77 23.11
N LYS F 286 47.02 -33.59 21.94
CA LYS F 286 46.50 -34.12 20.68
C LYS F 286 46.75 -35.62 20.57
N VAL F 287 45.68 -36.38 20.35
CA VAL F 287 45.75 -37.81 20.14
C VAL F 287 44.94 -38.17 18.90
N GLU F 288 45.47 -39.10 18.11
CA GLU F 288 44.71 -39.61 16.98
C GLU F 288 43.48 -40.32 17.50
N VAL F 289 42.39 -40.25 16.73
CA VAL F 289 41.16 -40.90 17.10
C VAL F 289 40.70 -41.74 15.92
N LYS F 290 39.96 -42.79 16.22
CA LYS F 290 39.38 -43.58 15.15
C LYS F 290 38.17 -42.83 14.62
N PRO F 291 38.11 -42.52 13.33
CA PRO F 291 36.90 -41.93 12.78
C PRO F 291 35.81 -42.98 12.56
N ASP F 292 34.59 -42.59 12.88
CA ASP F 292 33.38 -43.35 12.59
C ASP F 292 33.16 -43.38 11.08
N PRO F 293 33.31 -44.53 10.40
CA PRO F 293 33.28 -44.52 8.92
C PRO F 293 31.93 -44.14 8.33
N GLU F 294 30.84 -44.22 9.09
CA GLU F 294 29.53 -43.88 8.55
C GLU F 294 29.10 -42.45 8.85
N THR F 295 29.82 -41.75 9.73
CA THR F 295 29.70 -40.30 9.65
C THR F 295 30.57 -39.76 8.52
N LEU F 296 31.75 -40.36 8.29
CA LEU F 296 32.56 -40.00 7.13
C LEU F 296 31.84 -40.34 5.84
N ARG F 297 31.30 -41.57 5.74
CA ARG F 297 30.48 -41.91 4.59
C ARG F 297 29.30 -40.94 4.45
N ARG F 298 28.59 -40.69 5.55
CA ARG F 298 27.41 -39.83 5.50
C ARG F 298 27.76 -38.39 5.13
N LEU F 299 28.98 -37.94 5.45
CA LEU F 299 29.44 -36.62 5.02
C LEU F 299 29.91 -36.61 3.57
N GLY F 300 29.58 -37.66 2.81
CA GLY F 300 29.89 -37.71 1.39
C GLY F 300 31.37 -37.90 1.14
N LEU F 301 31.93 -38.94 1.76
CA LEU F 301 33.34 -39.26 1.58
C LEU F 301 33.49 -40.56 0.80
N SER F 302 34.42 -40.55 -0.14
CA SER F 302 34.74 -41.74 -0.92
C SER F 302 35.13 -42.89 -0.01
N GLU F 303 34.69 -44.10 -0.36
CA GLU F 303 35.10 -45.29 0.38
C GLU F 303 36.60 -45.52 0.29
N ALA F 304 37.27 -44.92 -0.69
CA ALA F 304 38.73 -44.89 -0.71
C ALA F 304 39.28 -43.78 0.16
N GLU F 305 38.50 -42.72 0.40
CA GLU F 305 38.95 -41.65 1.28
C GLU F 305 38.91 -42.10 2.74
N ILE F 306 37.85 -42.80 3.13
CA ILE F 306 37.70 -43.21 4.52
C ILE F 306 38.89 -44.05 4.99
N GLN F 307 39.47 -44.89 4.12
CA GLN F 307 40.55 -45.77 4.54
C GLN F 307 41.84 -44.99 4.79
N GLY F 308 41.99 -43.81 4.19
CA GLY F 308 43.09 -42.91 4.46
C GLY F 308 42.80 -41.86 5.51
N ALA F 309 41.57 -41.81 6.03
CA ALA F 309 41.12 -40.71 6.86
C ALA F 309 41.62 -40.87 8.29
N ARG F 310 42.46 -39.96 8.72
CA ARG F 310 42.86 -39.85 10.11
C ARG F 310 42.24 -38.58 10.72
N LEU F 311 41.76 -38.70 11.96
CA LEU F 311 41.15 -37.59 12.67
C LEU F 311 41.89 -37.39 13.99
N TYR F 312 41.64 -36.25 14.64
CA TYR F 312 42.41 -35.88 15.82
C TYR F 312 41.52 -35.09 16.78
N LYS F 313 41.98 -34.97 18.02
CA LYS F 313 41.25 -34.22 19.04
C LYS F 313 42.13 -34.08 20.27
N GLY F 314 42.01 -32.94 20.96
CA GLY F 314 42.79 -32.67 22.16
C GLY F 314 42.10 -33.22 23.37
N MET F 315 42.82 -34.02 24.17
CA MET F 315 42.16 -34.75 25.25
C MET F 315 41.88 -33.84 26.43
N GLY F 316 42.66 -32.76 26.57
CA GLY F 316 42.46 -31.83 27.66
C GLY F 316 43.70 -31.74 28.53
N CYS F 317 44.46 -30.67 28.36
CA CYS F 317 45.66 -30.43 29.14
C CYS F 317 45.64 -28.98 29.60
N GLU F 318 46.42 -28.65 30.62
CA GLU F 318 46.24 -27.37 31.27
C GLU F 318 47.05 -26.24 30.64
N ARG F 319 47.57 -26.44 29.43
CA ARG F 319 47.97 -25.30 28.59
C ARG F 319 46.90 -24.90 27.61
N CYS F 320 45.79 -25.65 27.58
CA CYS F 320 44.59 -25.30 26.81
C CYS F 320 43.39 -25.20 27.72
N GLY F 321 43.62 -25.00 29.02
CA GLY F 321 42.55 -24.80 29.98
C GLY F 321 41.55 -25.93 29.97
N GLY F 322 41.99 -27.13 29.63
CA GLY F 322 41.11 -28.28 29.57
C GLY F 322 40.19 -28.35 28.36
N THR F 323 40.38 -27.47 27.37
CA THR F 323 39.52 -27.47 26.20
C THR F 323 39.95 -28.46 25.14
N GLY F 324 41.25 -28.73 25.03
CA GLY F 324 41.74 -29.42 23.86
C GLY F 324 42.05 -28.53 22.68
N TYR F 325 41.76 -27.22 22.78
CA TYR F 325 42.02 -26.29 21.69
C TYR F 325 42.91 -25.14 22.12
N LYS F 326 43.73 -24.66 21.19
CA LYS F 326 44.54 -23.45 21.42
C LYS F 326 44.70 -22.71 20.10
N GLY F 327 44.21 -21.47 20.06
CA GLY F 327 44.27 -20.67 18.85
C GLY F 327 43.17 -21.04 17.88
N ARG F 328 43.04 -20.23 16.83
CA ARG F 328 42.00 -20.45 15.85
C ARG F 328 42.57 -20.56 14.44
N TYR F 329 41.71 -20.98 13.52
CA TYR F 329 42.12 -21.22 12.16
C TYR F 329 40.93 -20.87 11.29
N ALA F 330 41.19 -20.22 10.15
CA ALA F 330 40.11 -19.86 9.26
C ALA F 330 39.74 -21.00 8.33
N ILE F 331 38.45 -21.09 7.99
CA ILE F 331 37.96 -21.92 6.91
C ILE F 331 37.27 -21.00 5.92
N HIS F 332 37.30 -21.37 4.64
CA HIS F 332 36.97 -20.44 3.58
C HIS F 332 36.04 -21.03 2.56
N GLU F 333 35.28 -20.15 1.93
CA GLU F 333 34.43 -20.45 0.79
C GLU F 333 34.54 -19.24 -0.14
N LEU F 334 35.22 -19.42 -1.26
CA LEU F 334 35.53 -18.33 -2.18
C LEU F 334 34.76 -18.50 -3.48
N LEU F 335 33.86 -17.58 -3.76
CA LEU F 335 33.14 -17.58 -5.03
C LEU F 335 33.79 -16.59 -5.99
N VAL F 336 34.33 -17.10 -7.10
CA VAL F 336 34.92 -16.25 -8.13
C VAL F 336 33.86 -16.07 -9.21
N VAL F 337 33.53 -14.81 -9.52
CA VAL F 337 32.46 -14.52 -10.48
C VAL F 337 32.98 -14.73 -11.89
N ASP F 338 32.35 -15.64 -12.63
CA ASP F 338 32.68 -15.75 -14.05
C ASP F 338 31.45 -15.49 -14.93
N ASP F 339 31.50 -15.91 -16.19
CA ASP F 339 30.40 -15.61 -17.10
C ASP F 339 29.14 -16.35 -16.71
N GLU F 340 29.27 -17.63 -16.32
CA GLU F 340 28.08 -18.39 -15.98
C GLU F 340 27.38 -17.78 -14.76
N ILE F 341 28.15 -17.46 -13.73
CA ILE F 341 27.56 -16.83 -12.55
C ILE F 341 26.95 -15.49 -12.93
N ARG F 342 27.62 -14.73 -13.81
CA ARG F 342 27.08 -13.44 -14.26
C ARG F 342 25.73 -13.63 -14.96
N HIS F 343 25.64 -14.61 -15.87
CA HIS F 343 24.37 -14.91 -16.50
C HIS F 343 23.30 -15.22 -15.44
N ALA F 344 23.68 -15.96 -14.40
CA ALA F 344 22.71 -16.36 -13.37
C ALA F 344 22.21 -15.17 -12.57
N ILE F 345 23.09 -14.22 -12.25
CA ILE F 345 22.66 -13.01 -11.56
C ILE F 345 21.63 -12.27 -12.40
N VAL F 346 21.94 -12.07 -13.69
CA VAL F 346 21.06 -11.33 -14.59
C VAL F 346 19.73 -12.07 -14.75
N ALA F 347 19.77 -13.40 -14.80
CA ALA F 347 18.54 -14.19 -14.83
C ALA F 347 17.79 -14.19 -13.50
N GLY F 348 18.41 -13.73 -12.42
CA GLY F 348 17.74 -13.77 -11.14
C GLY F 348 17.63 -15.14 -10.50
N LYS F 349 18.46 -16.10 -10.91
CA LYS F 349 18.57 -17.37 -10.22
C LYS F 349 18.88 -17.15 -8.75
N SER F 350 18.40 -18.06 -7.90
CA SER F 350 18.54 -17.94 -6.45
C SER F 350 19.96 -18.24 -6.00
N ALA F 351 20.23 -17.92 -4.73
CA ALA F 351 21.52 -18.27 -4.12
C ALA F 351 21.80 -19.76 -4.24
N THR F 352 20.80 -20.60 -3.95
CA THR F 352 20.99 -22.04 -4.04
C THR F 352 21.41 -22.45 -5.45
N GLU F 353 20.74 -21.92 -6.47
CA GLU F 353 21.16 -22.17 -7.85
C GLU F 353 22.55 -21.63 -8.12
N ILE F 354 22.81 -20.40 -7.66
CA ILE F 354 24.12 -19.79 -7.85
C ILE F 354 25.20 -20.60 -7.15
N LYS F 355 24.91 -21.06 -5.93
CA LYS F 355 25.87 -21.90 -5.20
C LYS F 355 26.16 -23.17 -5.97
N GLU F 356 25.13 -23.78 -6.55
CA GLU F 356 25.32 -25.02 -7.29
C GLU F 356 26.22 -24.78 -8.49
N ILE F 357 26.08 -23.63 -9.12
CA ILE F 357 26.90 -23.32 -10.29
C ILE F 357 28.34 -23.10 -9.88
N ALA F 358 28.56 -22.28 -8.85
CA ALA F 358 29.91 -22.07 -8.36
C ALA F 358 30.57 -23.38 -7.99
N ARG F 359 29.81 -24.32 -7.44
CA ARG F 359 30.42 -25.56 -6.93
C ARG F 359 30.96 -26.41 -8.07
N ARG F 360 30.19 -26.60 -9.13
CA ARG F 360 30.74 -27.39 -10.21
C ARG F 360 31.78 -26.61 -11.01
N LYS F 361 31.88 -25.30 -10.79
CA LYS F 361 33.04 -24.55 -11.26
C LYS F 361 34.25 -24.73 -10.36
N GLY F 362 34.10 -25.46 -9.25
CA GLY F 362 35.24 -25.80 -8.39
C GLY F 362 35.31 -25.08 -7.06
N MET F 363 34.30 -24.33 -6.68
CA MET F 363 34.27 -23.72 -5.36
C MET F 363 34.06 -24.79 -4.29
N LYS F 364 34.88 -24.77 -3.23
CA LYS F 364 34.62 -25.64 -2.10
C LYS F 364 33.75 -24.91 -1.08
N THR F 365 32.80 -25.63 -0.49
CA THR F 365 31.98 -25.05 0.57
C THR F 365 32.79 -24.89 1.86
N LEU F 366 32.26 -24.09 2.78
CA LEU F 366 32.84 -24.00 4.12
C LEU F 366 33.07 -25.39 4.70
N ARG F 367 32.04 -26.23 4.62
CA ARG F 367 32.15 -27.54 5.23
C ARG F 367 33.23 -28.38 4.55
N GLU F 368 33.36 -28.25 3.23
CA GLU F 368 34.43 -29.00 2.56
C GLU F 368 35.80 -28.51 3.01
N ASP F 369 35.99 -27.19 3.03
CA ASP F 369 37.28 -26.64 3.46
C ASP F 369 37.57 -27.06 4.89
N GLY F 370 36.57 -26.94 5.76
CA GLY F 370 36.75 -27.31 7.16
C GLY F 370 37.05 -28.78 7.33
N LEU F 371 36.34 -29.63 6.58
CA LEU F 371 36.62 -31.06 6.62
C LEU F 371 38.07 -31.35 6.24
N TYR F 372 38.52 -30.81 5.11
CA TYR F 372 39.88 -31.09 4.66
C TYR F 372 40.90 -30.66 5.70
N LYS F 373 40.61 -29.58 6.42
CA LYS F 373 41.54 -29.15 7.45
C LYS F 373 41.46 -30.04 8.70
N ALA F 374 40.30 -30.61 8.99
CA ALA F 374 40.22 -31.60 10.06
C ALA F 374 40.94 -32.88 9.68
N LEU F 375 41.06 -33.17 8.39
CA LEU F 375 41.75 -34.40 7.98
C LEU F 375 43.25 -34.26 8.08
N GLN F 376 43.78 -33.05 8.24
CA GLN F 376 45.16 -32.81 8.62
C GLN F 376 45.30 -32.48 10.09
N GLY F 377 44.29 -32.78 10.90
CA GLY F 377 44.36 -32.54 12.33
C GLY F 377 44.65 -31.11 12.74
N ILE F 378 44.27 -30.13 11.91
CA ILE F 378 44.29 -28.73 12.34
C ILE F 378 43.18 -28.47 13.33
N THR F 379 41.99 -29.02 13.09
CA THR F 379 40.84 -28.84 13.95
C THR F 379 40.16 -30.19 14.11
N THR F 380 39.07 -30.23 14.84
CA THR F 380 38.33 -31.46 15.02
C THR F 380 37.16 -31.49 14.06
N LEU F 381 36.62 -32.68 13.86
CA LEU F 381 35.43 -32.75 13.03
C LEU F 381 34.25 -32.14 13.78
N GLU F 382 34.28 -32.20 15.11
CA GLU F 382 33.24 -31.59 15.93
C GLU F 382 33.17 -30.08 15.70
N GLU F 383 34.32 -29.41 15.68
CA GLU F 383 34.35 -27.98 15.41
C GLU F 383 33.81 -27.68 14.03
N VAL F 384 34.15 -28.52 13.04
CA VAL F 384 33.69 -28.28 11.68
C VAL F 384 32.17 -28.35 11.63
N LEU F 385 31.59 -29.34 12.31
CA LEU F 385 30.15 -29.49 12.24
C LEU F 385 29.43 -28.42 13.04
N ALA F 386 30.07 -27.90 14.10
CA ALA F 386 29.47 -26.82 14.89
C ALA F 386 29.41 -25.52 14.11
N ARG F 387 30.40 -25.27 13.26
CA ARG F 387 30.48 -24.01 12.55
C ARG F 387 29.86 -24.05 11.17
N THR F 388 29.38 -25.20 10.71
CA THR F 388 28.89 -25.28 9.35
C THR F 388 27.55 -26.00 9.34
N ILE F 389 27.03 -26.17 8.13
CA ILE F 389 25.73 -26.80 7.92
C ILE F 389 25.79 -27.49 6.56
N GLU F 390 24.87 -28.42 6.34
CA GLU F 390 24.75 -29.08 5.05
C GLU F 390 23.28 -29.05 4.61
#